data_2W0U
#
_entry.id   2W0U
#
_cell.length_a   138.690
_cell.length_b   138.690
_cell.length_c   186.840
_cell.angle_alpha   90.00
_cell.angle_beta   90.00
_cell.angle_gamma   90.00
#
_symmetry.space_group_name_H-M   'P 4 21 2'
#
loop_
_entity.id
_entity.type
_entity.pdbx_description
1 polymer 'HYDROXYACID OXIDASE 1'
2 non-polymer 5-[(4-chlorophenyl)sulfanyl]-1,2,3-thiadiazole-4-carboxylate
3 non-polymer 'FLAVIN MONONUCLEOTIDE'
4 water water
#
_entity_poly.entity_id   1
_entity_poly.type   'polypeptide(L)'
_entity_poly.pdbx_seq_one_letter_code
;MLPRLICINDYEQHAKSVLPKSIYDYYRSGANDEETLADNIAAFSRWKLYPRMLRNVAETDLSTSVLGQRVSMPICVGAT
AMQRMAHVDGELATVRACQSLGTGMMLSSWATSSIEEVAEAGPEALRWLQLYIYKDREVTKKLVRQAEKMGYKAIFVTVD
TPYLGNRLDDVRNRFKLPPQLRMKNFETSTLSFSPEENFGDDSGLAAYVAKAIDPSISWEDIKWLRRLTSLPIVAKGILR
GDDAREAVKHGLNGILVSNHGARQLDGVPATIDVLPEIVEAVEGKVEVFLDGGVRKGTDVLKALALGAKAVFVGRPIVWG
LAFQGEKGVQDVLEILKEEFRLAMALSGCQNVKVIDKTLVRKNPLAVSKI
;
_entity_poly.pdbx_strand_id   A,B,C,D
#
loop_
_chem_comp.id
_chem_comp.type
_chem_comp.name
_chem_comp.formula
C7C non-polymer 5-[(4-chlorophenyl)sulfanyl]-1,2,3-thiadiazole-4-carboxylate 'C9 H4 Cl N2 O2 S2 -1'
FMN non-polymer 'FLAVIN MONONUCLEOTIDE' 'C17 H21 N4 O9 P'
#
# COMPACT_ATOMS: atom_id res chain seq x y z
N LEU A 5 -27.89 34.63 -42.78
CA LEU A 5 -29.22 34.69 -42.09
C LEU A 5 -30.28 35.37 -42.96
N ILE A 6 -31.51 34.88 -42.87
CA ILE A 6 -32.56 35.29 -43.82
C ILE A 6 -33.40 36.52 -43.41
N CYS A 7 -33.89 36.54 -42.18
CA CYS A 7 -34.70 37.66 -41.69
C CYS A 7 -34.23 38.18 -40.34
N ILE A 8 -34.76 39.34 -39.93
CA ILE A 8 -34.38 39.97 -38.66
C ILE A 8 -34.59 39.09 -37.41
N ASN A 9 -35.69 38.33 -37.38
CA ASN A 9 -35.97 37.47 -36.24
C ASN A 9 -34.94 36.36 -35.99
N ASP A 10 -34.23 35.96 -37.06
CA ASP A 10 -33.12 35.00 -36.92
C ASP A 10 -31.93 35.63 -36.19
N TYR A 11 -31.72 36.92 -36.40
CA TYR A 11 -30.65 37.66 -35.72
C TYR A 11 -30.83 37.75 -34.21
N GLU A 12 -32.08 37.91 -33.75
CA GLU A 12 -32.34 37.99 -32.33
C GLU A 12 -32.00 36.67 -31.64
N GLN A 13 -32.41 35.56 -32.25
CA GLN A 13 -32.11 34.25 -31.69
C GLN A 13 -30.62 33.93 -31.68
N HIS A 14 -29.89 34.38 -32.71
CA HIS A 14 -28.43 34.29 -32.70
C HIS A 14 -27.77 35.18 -31.64
N ALA A 15 -28.32 36.37 -31.41
CA ALA A 15 -27.80 37.25 -30.37
C ALA A 15 -28.04 36.68 -28.97
N LYS A 16 -29.16 35.95 -28.82
CA LYS A 16 -29.52 35.29 -27.57
C LYS A 16 -28.43 34.30 -27.15
N SER A 17 -27.88 33.59 -28.15
CA SER A 17 -26.80 32.62 -27.96
C SER A 17 -25.52 33.29 -27.54
N VAL A 18 -25.04 34.21 -28.38
CA VAL A 18 -23.75 34.88 -28.21
C VAL A 18 -23.68 35.81 -26.98
N LEU A 19 -24.81 36.33 -26.52
CA LEU A 19 -24.82 37.24 -25.38
C LEU A 19 -25.23 36.59 -24.06
N PRO A 20 -24.55 36.97 -22.96
CA PRO A 20 -24.98 36.67 -21.59
C PRO A 20 -26.42 37.13 -21.33
N LYS A 21 -27.21 36.25 -20.70
CA LYS A 21 -28.62 36.51 -20.39
C LYS A 21 -28.82 37.93 -19.86
N SER A 22 -27.95 38.33 -18.95
CA SER A 22 -27.98 39.65 -18.34
C SER A 22 -28.03 40.77 -19.37
N ILE A 23 -27.25 40.63 -20.44
CA ILE A 23 -27.10 41.66 -21.45
C ILE A 23 -28.14 41.57 -22.55
N TYR A 24 -28.47 40.35 -22.97
CA TYR A 24 -29.56 40.14 -23.91
C TYR A 24 -30.90 40.65 -23.34
N ASP A 25 -31.15 40.34 -22.07
CA ASP A 25 -32.36 40.78 -21.38
C ASP A 25 -32.46 42.29 -21.31
N TYR A 26 -31.33 42.96 -21.10
CA TYR A 26 -31.33 44.43 -21.10
C TYR A 26 -31.78 45.00 -22.46
N TYR A 27 -31.26 44.44 -23.56
CA TYR A 27 -31.59 44.91 -24.92
C TYR A 27 -33.01 44.54 -25.35
N ARG A 28 -33.50 43.40 -24.87
CA ARG A 28 -34.79 42.85 -25.30
C ARG A 28 -35.97 43.48 -24.55
N SER A 29 -35.79 43.73 -23.26
CA SER A 29 -36.89 44.08 -22.36
C SER A 29 -37.80 45.23 -22.75
N GLY A 30 -39.05 45.11 -22.34
CA GLY A 30 -39.97 46.24 -22.27
C GLY A 30 -40.22 46.58 -20.81
N ALA A 31 -41.20 47.42 -20.55
CA ALA A 31 -41.51 47.85 -19.20
C ALA A 31 -42.57 46.94 -18.58
N ASN A 32 -42.50 46.77 -17.25
CA ASN A 32 -43.46 45.96 -16.50
C ASN A 32 -43.85 44.66 -17.23
N ASP A 33 -45.13 44.50 -17.57
CA ASP A 33 -45.62 43.24 -18.16
C ASP A 33 -45.35 43.05 -19.65
N GLU A 34 -44.76 44.06 -20.28
CA GLU A 34 -44.38 44.01 -21.69
C GLU A 34 -45.57 43.90 -22.65
N GLU A 35 -46.67 44.53 -22.26
CA GLU A 35 -47.88 44.57 -23.08
C GLU A 35 -47.63 45.35 -24.37
N THR A 36 -46.97 46.50 -24.25
CA THR A 36 -46.68 47.35 -25.38
C THR A 36 -45.57 46.76 -26.27
N LEU A 37 -44.61 46.05 -25.66
CA LEU A 37 -43.55 45.41 -26.41
C LEU A 37 -44.12 44.46 -27.45
N ALA A 38 -45.12 43.68 -27.02
CA ALA A 38 -45.79 42.73 -27.88
C ALA A 38 -46.63 43.46 -28.94
N ASP A 39 -47.28 44.54 -28.52
CA ASP A 39 -48.20 45.27 -29.39
C ASP A 39 -47.48 46.07 -30.50
N ASN A 40 -46.25 46.50 -30.24
CA ASN A 40 -45.47 47.16 -31.28
C ASN A 40 -45.36 46.28 -32.51
N ILE A 41 -45.16 44.98 -32.30
CA ILE A 41 -45.06 44.01 -33.39
C ILE A 41 -46.45 43.71 -33.92
N ALA A 42 -47.34 43.28 -33.03
CA ALA A 42 -48.67 42.81 -33.40
C ALA A 42 -49.49 43.82 -34.21
N ALA A 43 -49.39 45.10 -33.86
CA ALA A 43 -50.18 46.13 -34.51
C ALA A 43 -49.92 46.21 -36.00
N PHE A 44 -48.69 45.94 -36.42
CA PHE A 44 -48.37 45.98 -37.83
C PHE A 44 -49.17 44.93 -38.60
N SER A 45 -49.42 43.79 -37.96
CA SER A 45 -50.18 42.71 -38.55
C SER A 45 -51.62 43.11 -38.77
N ARG A 46 -52.13 44.01 -37.92
CA ARG A 46 -53.51 44.44 -38.03
C ARG A 46 -53.71 45.46 -39.14
N TRP A 47 -52.63 46.01 -39.67
CA TRP A 47 -52.74 46.91 -40.81
C TRP A 47 -52.54 46.12 -42.09
N LYS A 48 -53.61 46.00 -42.87
CA LYS A 48 -53.56 45.20 -44.10
C LYS A 48 -53.18 46.07 -45.30
N LEU A 49 -52.56 45.45 -46.32
CA LEU A 49 -52.08 46.13 -47.52
C LEU A 49 -52.97 45.89 -48.74
N TYR A 50 -53.24 46.96 -49.48
CA TYR A 50 -54.11 46.89 -50.66
C TYR A 50 -53.35 47.33 -51.91
N PRO A 51 -52.53 46.42 -52.46
CA PRO A 51 -51.60 46.78 -53.52
C PRO A 51 -52.26 47.09 -54.85
N ARG A 52 -51.69 48.05 -55.57
CA ARG A 52 -52.11 48.40 -56.94
C ARG A 52 -51.34 47.53 -57.92
N MET A 53 -52.02 47.10 -58.97
CA MET A 53 -51.42 46.24 -60.00
C MET A 53 -51.13 47.05 -61.24
N LEU A 54 -50.16 46.56 -62.03
CA LEU A 54 -49.85 47.11 -63.37
C LEU A 54 -49.42 48.58 -63.37
N ARG A 55 -48.48 48.88 -62.49
CA ARG A 55 -47.79 50.15 -62.47
C ARG A 55 -46.35 49.80 -62.81
N ASN A 56 -45.68 50.64 -63.60
CA ASN A 56 -44.29 50.37 -63.93
C ASN A 56 -43.45 50.34 -62.64
N VAL A 57 -42.92 49.17 -62.30
CA VAL A 57 -42.05 49.06 -61.14
C VAL A 57 -40.66 48.49 -61.49
N ALA A 58 -40.15 48.88 -62.65
CA ALA A 58 -38.89 48.34 -63.15
C ALA A 58 -37.67 48.85 -62.39
N GLU A 59 -37.66 50.17 -62.11
CA GLU A 59 -36.49 50.79 -61.49
C GLU A 59 -36.86 51.36 -60.13
N THR A 60 -37.19 50.48 -59.19
CA THR A 60 -37.72 50.88 -57.90
C THR A 60 -36.68 51.70 -57.14
N ASP A 61 -37.03 52.96 -56.87
CA ASP A 61 -36.13 53.89 -56.19
C ASP A 61 -36.56 54.11 -54.74
N LEU A 62 -35.66 53.82 -53.81
CA LEU A 62 -35.97 53.86 -52.38
C LEU A 62 -35.49 55.10 -51.70
N SER A 63 -34.82 55.97 -52.43
CA SER A 63 -34.23 57.16 -51.82
C SER A 63 -35.31 58.16 -51.43
N THR A 64 -35.08 58.82 -50.30
CA THR A 64 -35.91 59.91 -49.83
C THR A 64 -35.01 60.87 -49.04
N SER A 65 -35.61 61.73 -48.23
CA SER A 65 -34.83 62.67 -47.43
C SER A 65 -35.37 62.81 -46.01
N VAL A 66 -34.46 62.99 -45.06
CA VAL A 66 -34.83 63.22 -43.66
C VAL A 66 -34.33 64.60 -43.26
N LEU A 67 -35.27 65.50 -42.99
CA LEU A 67 -34.95 66.86 -42.54
C LEU A 67 -33.99 67.58 -43.50
N GLY A 68 -34.31 67.51 -44.79
CA GLY A 68 -33.51 68.15 -45.83
C GLY A 68 -32.34 67.35 -46.36
N GLN A 69 -31.95 66.29 -45.66
CA GLN A 69 -30.78 65.50 -46.07
C GLN A 69 -31.15 64.22 -46.79
N ARG A 70 -30.58 64.00 -47.97
CA ARG A 70 -30.82 62.79 -48.75
C ARG A 70 -30.38 61.51 -48.01
N VAL A 71 -31.16 60.44 -48.15
CA VAL A 71 -30.84 59.12 -47.61
C VAL A 71 -31.20 58.09 -48.67
N SER A 72 -30.60 56.91 -48.57
CA SER A 72 -30.79 55.86 -49.57
C SER A 72 -32.08 55.08 -49.41
N MET A 73 -32.70 55.19 -48.23
CA MET A 73 -33.94 54.48 -47.91
C MET A 73 -34.58 55.12 -46.68
N PRO A 74 -35.90 54.99 -46.51
CA PRO A 74 -36.56 55.55 -45.33
C PRO A 74 -36.38 54.68 -44.08
N ILE A 75 -35.22 54.05 -43.97
CA ILE A 75 -34.88 53.18 -42.84
C ILE A 75 -33.55 53.66 -42.26
N CYS A 76 -33.60 54.19 -41.05
CA CYS A 76 -32.46 54.77 -40.39
C CYS A 76 -32.25 54.12 -39.03
N VAL A 77 -31.04 54.25 -38.48
CA VAL A 77 -30.70 53.63 -37.20
C VAL A 77 -31.09 54.51 -36.01
N GLY A 78 -31.89 53.96 -35.11
CA GLY A 78 -32.34 54.66 -33.91
C GLY A 78 -31.31 54.63 -32.81
N ALA A 79 -31.50 55.49 -31.81
CA ALA A 79 -30.60 55.59 -30.67
C ALA A 79 -30.80 54.43 -29.71
N THR A 80 -29.75 53.63 -29.51
CA THR A 80 -29.71 52.64 -28.43
C THR A 80 -28.41 52.79 -27.65
N ALA A 81 -28.53 52.86 -26.32
CA ALA A 81 -27.38 53.08 -25.44
C ALA A 81 -26.47 51.86 -25.37
N MET A 82 -25.19 52.11 -25.06
CA MET A 82 -24.22 51.09 -24.70
C MET A 82 -24.08 49.96 -25.72
N GLN A 83 -23.71 50.31 -26.94
CA GLN A 83 -23.58 49.33 -28.03
C GLN A 83 -22.33 48.44 -27.92
N ARG A 84 -21.35 48.85 -27.11
CA ARG A 84 -20.13 48.06 -26.95
C ARG A 84 -20.33 46.80 -26.12
N MET A 85 -21.49 46.69 -25.47
CA MET A 85 -21.84 45.49 -24.73
C MET A 85 -22.20 44.37 -25.70
N ALA A 86 -22.51 44.75 -26.94
CA ALA A 86 -22.96 43.79 -27.94
C ALA A 86 -21.81 43.35 -28.81
N HIS A 87 -20.83 44.24 -28.96
CA HIS A 87 -19.67 44.01 -29.83
C HIS A 87 -18.60 45.04 -29.54
N VAL A 88 -17.35 44.60 -29.58
CA VAL A 88 -16.20 45.43 -29.18
C VAL A 88 -16.15 46.80 -29.90
N ASP A 89 -16.67 46.83 -31.13
CA ASP A 89 -16.62 48.03 -31.98
C ASP A 89 -17.78 48.99 -31.74
N GLY A 90 -18.89 48.47 -31.24
CA GLY A 90 -20.07 49.26 -30.87
C GLY A 90 -20.54 50.27 -31.90
N GLU A 91 -20.63 51.52 -31.46
CA GLU A 91 -21.11 52.63 -32.29
C GLU A 91 -20.29 52.84 -33.56
N LEU A 92 -19.02 52.47 -33.54
CA LEU A 92 -18.16 52.68 -34.67
C LEU A 92 -18.55 51.75 -35.82
N ALA A 93 -18.97 50.54 -35.47
CA ALA A 93 -19.43 49.57 -36.46
C ALA A 93 -20.74 50.04 -37.07
N THR A 94 -21.66 50.45 -36.19
CA THR A 94 -22.96 50.96 -36.57
C THR A 94 -22.85 52.08 -37.60
N VAL A 95 -22.06 53.11 -37.28
CA VAL A 95 -21.93 54.29 -38.14
C VAL A 95 -21.25 54.00 -39.48
N ARG A 96 -20.35 53.01 -39.47
CA ARG A 96 -19.62 52.65 -40.68
C ARG A 96 -20.55 51.89 -41.63
N ALA A 97 -21.44 51.09 -41.05
CA ALA A 97 -22.46 50.38 -41.81
C ALA A 97 -23.48 51.34 -42.42
N CYS A 98 -23.90 52.34 -41.64
CA CYS A 98 -24.80 53.39 -42.16
C CYS A 98 -24.17 54.16 -43.30
N GLN A 99 -22.86 54.39 -43.21
CA GLN A 99 -22.10 55.04 -44.28
C GLN A 99 -22.11 54.22 -45.55
N SER A 100 -21.89 52.91 -45.42
CA SER A 100 -21.90 52.00 -46.57
C SER A 100 -23.23 52.07 -47.29
N LEU A 101 -24.30 52.16 -46.50
CA LEU A 101 -25.66 52.01 -46.99
C LEU A 101 -26.29 53.31 -47.45
N GLY A 102 -25.74 54.44 -47.02
CA GLY A 102 -26.28 55.74 -47.39
C GLY A 102 -27.48 56.16 -46.55
N THR A 103 -27.53 55.66 -45.32
CA THR A 103 -28.56 56.05 -44.39
C THR A 103 -27.98 56.74 -43.15
N GLY A 104 -28.85 57.29 -42.32
CA GLY A 104 -28.44 58.04 -41.15
C GLY A 104 -28.43 57.23 -39.86
N MET A 105 -27.67 57.70 -38.89
CA MET A 105 -27.60 57.10 -37.57
C MET A 105 -27.87 58.15 -36.52
N MET A 106 -28.74 57.83 -35.57
CA MET A 106 -28.97 58.66 -34.41
C MET A 106 -28.03 58.13 -33.33
N LEU A 107 -27.06 58.95 -32.94
CA LEU A 107 -26.18 58.59 -31.85
C LEU A 107 -26.92 58.76 -30.54
N SER A 108 -26.86 57.72 -29.70
CA SER A 108 -27.60 57.70 -28.47
C SER A 108 -26.87 58.44 -27.36
N SER A 109 -27.64 58.86 -26.37
CA SER A 109 -27.07 59.29 -25.11
C SER A 109 -26.57 58.03 -24.41
N TRP A 110 -25.59 58.20 -23.51
CA TRP A 110 -24.91 57.07 -22.88
C TRP A 110 -24.32 56.11 -23.90
N ALA A 111 -23.83 56.66 -25.01
CA ALA A 111 -23.15 55.88 -26.01
C ALA A 111 -21.83 55.42 -25.41
N THR A 112 -21.36 54.25 -25.83
CA THR A 112 -20.04 53.76 -25.42
C THR A 112 -18.92 54.27 -26.34
N SER A 113 -19.20 55.36 -27.05
CA SER A 113 -18.21 56.05 -27.86
C SER A 113 -18.52 57.53 -27.81
N SER A 114 -17.47 58.35 -27.92
CA SER A 114 -17.62 59.80 -27.90
C SER A 114 -18.22 60.30 -29.21
N ILE A 115 -18.81 61.50 -29.15
CA ILE A 115 -19.36 62.19 -30.31
C ILE A 115 -18.26 62.41 -31.35
N GLU A 116 -17.05 62.69 -30.88
CA GLU A 116 -15.89 62.92 -31.75
C GLU A 116 -15.44 61.63 -32.45
N GLU A 117 -15.46 60.52 -31.71
CA GLU A 117 -14.98 59.24 -32.24
C GLU A 117 -15.93 58.71 -33.32
N VAL A 118 -17.22 58.96 -33.12
CA VAL A 118 -18.27 58.56 -34.05
C VAL A 118 -18.14 59.35 -35.36
N ALA A 119 -18.02 60.67 -35.24
CA ALA A 119 -17.81 61.55 -36.38
C ALA A 119 -16.64 61.13 -37.27
N GLU A 120 -15.53 60.75 -36.64
CA GLU A 120 -14.33 60.33 -37.35
C GLU A 120 -14.48 58.97 -38.02
N ALA A 121 -15.18 58.05 -37.35
CA ALA A 121 -15.40 56.69 -37.86
C ALA A 121 -16.28 56.69 -39.10
N GLY A 122 -17.24 57.61 -39.14
CA GLY A 122 -18.11 57.78 -40.29
C GLY A 122 -18.25 59.24 -40.67
N PRO A 123 -17.19 59.82 -41.27
CA PRO A 123 -17.21 61.25 -41.57
C PRO A 123 -18.27 61.65 -42.58
N GLU A 124 -18.51 60.79 -43.58
CA GLU A 124 -19.46 61.11 -44.63
C GLU A 124 -20.86 60.54 -44.40
N ALA A 125 -21.00 59.75 -43.35
CA ALA A 125 -22.30 59.21 -42.95
C ALA A 125 -23.18 60.31 -42.40
N LEU A 126 -24.49 60.22 -42.66
CA LEU A 126 -25.44 61.15 -42.07
C LEU A 126 -25.61 60.84 -40.58
N ARG A 127 -25.41 61.85 -39.74
CA ARG A 127 -25.40 61.65 -38.29
C ARG A 127 -26.31 62.65 -37.57
N TRP A 128 -27.11 62.15 -36.63
CA TRP A 128 -27.89 63.00 -35.76
C TRP A 128 -27.57 62.60 -34.33
N LEU A 129 -27.83 63.51 -33.39
CA LEU A 129 -27.59 63.24 -31.96
C LEU A 129 -28.89 63.18 -31.17
N GLN A 130 -29.03 62.11 -30.40
CA GLN A 130 -30.11 62.02 -29.43
C GLN A 130 -29.58 62.52 -28.10
N LEU A 131 -30.44 63.26 -27.41
CA LEU A 131 -30.04 64.02 -26.24
C LEU A 131 -31.20 64.17 -25.24
N TYR A 132 -30.85 64.27 -23.96
CA TYR A 132 -31.81 64.64 -22.93
C TYR A 132 -31.46 66.03 -22.45
N ILE A 133 -32.46 66.74 -21.94
CA ILE A 133 -32.21 67.97 -21.23
C ILE A 133 -31.85 67.58 -19.80
N TYR A 134 -30.57 67.62 -19.49
CA TYR A 134 -30.07 67.18 -18.19
C TYR A 134 -30.26 68.27 -17.13
N LYS A 135 -30.25 67.85 -15.85
CA LYS A 135 -30.31 68.77 -14.71
C LYS A 135 -29.27 69.86 -14.85
N ASP A 136 -28.02 69.44 -15.02
CA ASP A 136 -26.93 70.34 -15.35
C ASP A 136 -27.12 70.78 -16.79
N ARG A 137 -27.70 71.96 -16.99
CA ARG A 137 -27.99 72.44 -18.33
C ARG A 137 -26.74 72.58 -19.21
N GLU A 138 -25.59 72.79 -18.58
CA GLU A 138 -24.32 72.96 -19.30
C GLU A 138 -23.93 71.71 -20.08
N VAL A 139 -24.23 70.54 -19.53
CA VAL A 139 -23.95 69.27 -20.19
C VAL A 139 -24.74 69.17 -21.51
N THR A 140 -26.02 69.52 -21.46
CA THR A 140 -26.84 69.59 -22.67
C THR A 140 -26.26 70.63 -23.64
N LYS A 141 -25.88 71.78 -23.12
CA LYS A 141 -25.32 72.86 -23.93
C LYS A 141 -24.03 72.43 -24.67
N LYS A 142 -23.13 71.75 -23.96
CA LYS A 142 -21.88 71.28 -24.57
C LYS A 142 -22.13 70.27 -25.68
N LEU A 143 -23.04 69.32 -25.42
CA LEU A 143 -23.41 68.29 -26.39
C LEU A 143 -23.92 68.92 -27.69
N VAL A 144 -24.83 69.87 -27.56
CA VAL A 144 -25.35 70.61 -28.72
C VAL A 144 -24.23 71.28 -29.49
N ARG A 145 -23.35 71.99 -28.79
CA ARG A 145 -22.18 72.67 -29.40
C ARG A 145 -21.29 71.66 -30.12
N GLN A 146 -21.01 70.55 -29.46
CA GLN A 146 -20.16 69.50 -30.03
C GLN A 146 -20.77 68.90 -31.29
N ALA A 147 -22.09 68.68 -31.27
CA ALA A 147 -22.84 68.15 -32.41
C ALA A 147 -22.77 69.09 -33.60
N GLU A 148 -22.90 70.38 -33.33
CA GLU A 148 -22.73 71.42 -34.36
C GLU A 148 -21.33 71.39 -34.95
N LYS A 149 -20.32 71.31 -34.08
CA LYS A 149 -18.93 71.32 -34.51
C LYS A 149 -18.53 70.06 -35.26
N MET A 150 -19.06 68.92 -34.83
CA MET A 150 -18.64 67.63 -35.37
C MET A 150 -19.44 67.16 -36.59
N GLY A 151 -20.32 68.02 -37.11
CA GLY A 151 -21.05 67.74 -38.35
C GLY A 151 -22.32 66.92 -38.23
N TYR A 152 -22.92 66.90 -37.04
CA TYR A 152 -24.21 66.28 -36.85
C TYR A 152 -25.33 67.20 -37.37
N LYS A 153 -26.32 66.60 -38.03
CA LYS A 153 -27.30 67.36 -38.82
C LYS A 153 -28.67 67.60 -38.15
N ALA A 154 -28.86 67.05 -36.94
CA ALA A 154 -30.08 67.26 -36.17
C ALA A 154 -29.91 66.87 -34.71
N ILE A 155 -30.78 67.43 -33.87
CA ILE A 155 -30.85 67.04 -32.46
C ILE A 155 -32.19 66.38 -32.20
N PHE A 156 -32.15 65.16 -31.71
CA PHE A 156 -33.35 64.47 -31.28
C PHE A 156 -33.44 64.60 -29.77
N VAL A 157 -34.42 65.35 -29.29
CA VAL A 157 -34.66 65.48 -27.86
C VAL A 157 -35.71 64.47 -27.37
N THR A 158 -35.27 63.54 -26.53
CA THR A 158 -36.16 62.53 -25.97
C THR A 158 -36.94 63.13 -24.80
N VAL A 159 -38.26 63.14 -24.94
CA VAL A 159 -39.15 63.84 -24.02
C VAL A 159 -40.02 62.91 -23.17
N ASP A 160 -39.81 61.60 -23.29
CA ASP A 160 -40.68 60.62 -22.66
C ASP A 160 -40.06 59.93 -21.47
N THR A 161 -38.99 60.52 -20.91
CA THR A 161 -38.23 59.86 -19.84
C THR A 161 -37.86 60.81 -18.68
N PRO A 162 -38.88 61.39 -18.00
CA PRO A 162 -38.54 62.14 -16.81
C PRO A 162 -37.93 61.23 -15.73
N TYR A 163 -38.37 59.98 -15.71
CA TYR A 163 -37.70 58.93 -14.94
C TYR A 163 -37.56 57.74 -15.85
N LEU A 164 -36.64 56.83 -15.52
CA LEU A 164 -36.47 55.61 -16.30
C LEU A 164 -37.59 54.61 -16.04
N GLY A 165 -38.02 53.90 -17.09
CA GLY A 165 -39.04 52.87 -16.99
C GLY A 165 -38.65 51.68 -16.14
N ASN A 166 -39.67 51.00 -15.59
CA ASN A 166 -39.43 49.84 -14.74
C ASN A 166 -39.40 48.53 -15.52
N ARG A 167 -38.20 48.09 -15.87
CA ARG A 167 -37.97 46.88 -16.66
C ARG A 167 -37.63 45.73 -15.73
N LEU A 168 -38.58 44.83 -15.54
CA LEU A 168 -38.48 43.76 -14.53
C LEU A 168 -37.19 42.92 -14.57
N ASP A 169 -36.75 42.53 -15.77
CA ASP A 169 -35.55 41.70 -15.93
C ASP A 169 -34.26 42.37 -15.45
N ASP A 170 -34.19 43.69 -15.60
CA ASP A 170 -33.05 44.50 -15.14
C ASP A 170 -32.86 44.48 -13.62
N VAL A 171 -33.96 44.31 -12.89
CA VAL A 171 -33.93 44.28 -11.41
C VAL A 171 -33.63 42.86 -10.88
N ARG A 172 -34.21 41.85 -11.53
CA ARG A 172 -34.02 40.44 -11.16
C ARG A 172 -32.54 40.03 -11.10
N ASN A 173 -31.76 40.48 -12.09
CA ASN A 173 -30.30 40.34 -12.07
C ASN A 173 -29.69 41.73 -12.22
N ARG A 174 -29.07 42.26 -11.15
CA ARG A 174 -28.51 43.62 -11.24
C ARG A 174 -27.50 43.76 -12.38
N PHE A 175 -27.30 45.01 -12.81
CA PHE A 175 -26.66 45.29 -14.07
C PHE A 175 -25.68 46.48 -13.93
N LYS A 176 -24.59 46.46 -14.70
CA LYS A 176 -23.65 47.60 -14.75
C LYS A 176 -22.55 47.46 -15.82
N LEU A 177 -22.03 48.60 -16.28
CA LEU A 177 -20.88 48.66 -17.18
C LEU A 177 -19.95 49.85 -16.86
N PRO A 178 -18.61 49.61 -16.86
CA PRO A 178 -17.62 50.70 -16.78
C PRO A 178 -17.58 51.53 -18.06
N GLY A 204 -28.75 50.31 -9.48
CA GLY A 204 -29.03 49.89 -10.85
C GLY A 204 -28.97 51.07 -11.81
N LEU A 205 -29.64 50.91 -12.96
CA LEU A 205 -29.63 51.95 -14.01
C LEU A 205 -30.57 53.12 -13.72
N ALA A 206 -31.63 52.87 -12.96
CA ALA A 206 -32.65 53.88 -12.65
C ALA A 206 -32.12 55.05 -11.81
N ALA A 207 -31.09 54.79 -11.01
CA ALA A 207 -30.47 55.80 -10.13
C ALA A 207 -29.62 56.81 -10.91
N TYR A 208 -28.87 56.31 -11.90
CA TYR A 208 -28.05 57.13 -12.78
C TYR A 208 -28.88 58.13 -13.59
N VAL A 209 -30.08 57.71 -13.99
CA VAL A 209 -31.01 58.54 -14.75
C VAL A 209 -31.57 59.67 -13.88
N ALA A 210 -31.91 59.33 -12.64
CA ALA A 210 -32.48 60.29 -11.67
C ALA A 210 -31.48 61.38 -11.29
N LYS A 211 -30.19 61.03 -11.20
CA LYS A 211 -29.13 61.99 -10.93
C LYS A 211 -28.95 62.97 -12.10
N ALA A 212 -29.04 62.45 -13.32
CA ALA A 212 -28.70 63.20 -14.53
C ALA A 212 -29.90 63.86 -15.22
N ILE A 213 -30.96 63.09 -15.46
CA ILE A 213 -32.10 63.58 -16.22
C ILE A 213 -33.10 64.33 -15.36
N ASP A 214 -33.43 65.55 -15.80
CA ASP A 214 -34.26 66.48 -15.05
C ASP A 214 -35.77 66.20 -15.26
N PRO A 215 -36.44 65.70 -14.21
CA PRO A 215 -37.86 65.38 -14.36
C PRO A 215 -38.77 66.60 -14.35
N SER A 216 -38.21 67.78 -14.15
CA SER A 216 -39.02 69.00 -14.00
C SER A 216 -39.32 69.70 -15.33
N ILE A 217 -38.69 69.24 -16.40
CA ILE A 217 -38.67 70.01 -17.66
C ILE A 217 -40.03 70.16 -18.31
N SER A 218 -40.26 71.34 -18.87
CA SER A 218 -41.52 71.63 -19.53
C SER A 218 -41.26 72.23 -20.90
N TRP A 219 -42.32 72.73 -21.54
CA TRP A 219 -42.20 73.33 -22.88
C TRP A 219 -41.32 74.58 -22.87
N GLU A 220 -41.16 75.17 -21.69
CA GLU A 220 -40.27 76.31 -21.50
C GLU A 220 -38.80 75.91 -21.66
N ASP A 221 -38.45 74.71 -21.19
CA ASP A 221 -37.12 74.17 -21.39
C ASP A 221 -36.88 73.77 -22.86
N ILE A 222 -37.98 73.60 -23.60
CA ILE A 222 -37.90 73.34 -25.03
C ILE A 222 -37.67 74.66 -25.78
N LYS A 223 -38.28 75.74 -25.29
CA LYS A 223 -38.04 77.07 -25.86
C LYS A 223 -36.56 77.42 -25.77
N TRP A 224 -35.96 77.05 -24.64
CA TRP A 224 -34.55 77.27 -24.38
C TRP A 224 -33.70 76.51 -25.38
N LEU A 225 -34.01 75.23 -25.58
CA LEU A 225 -33.27 74.38 -26.52
C LEU A 225 -33.40 74.91 -27.95
N ARG A 226 -34.55 75.50 -28.27
CA ARG A 226 -34.82 76.03 -29.61
C ARG A 226 -33.90 77.20 -29.92
N ARG A 227 -33.74 78.10 -28.96
CA ARG A 227 -32.88 79.28 -29.10
C ARG A 227 -31.39 78.91 -29.07
N LEU A 228 -31.11 77.73 -28.54
CA LEU A 228 -29.75 77.26 -28.33
C LEU A 228 -29.02 76.87 -29.61
N THR A 229 -29.78 76.55 -30.66
CA THR A 229 -29.22 76.04 -31.91
C THR A 229 -30.16 76.28 -33.09
N SER A 230 -29.61 76.37 -34.28
CA SER A 230 -30.44 76.49 -35.49
C SER A 230 -30.51 75.16 -36.22
N LEU A 231 -29.86 74.14 -35.67
CA LEU A 231 -30.03 72.77 -36.15
C LEU A 231 -31.50 72.37 -36.05
N PRO A 232 -31.97 71.52 -36.98
CA PRO A 232 -33.30 70.91 -36.84
C PRO A 232 -33.40 70.12 -35.54
N ILE A 233 -34.46 70.39 -34.77
CA ILE A 233 -34.73 69.64 -33.55
C ILE A 233 -35.99 68.79 -33.74
N VAL A 234 -35.89 67.52 -33.36
CA VAL A 234 -37.03 66.61 -33.43
C VAL A 234 -37.41 66.11 -32.04
N ALA A 235 -38.67 66.30 -31.66
CA ALA A 235 -39.21 65.80 -30.42
C ALA A 235 -39.42 64.28 -30.51
N LYS A 236 -38.63 63.54 -29.75
CA LYS A 236 -38.66 62.08 -29.80
C LYS A 236 -39.47 61.51 -28.63
N GLY A 237 -40.53 60.78 -28.96
CA GLY A 237 -41.32 60.11 -27.93
C GLY A 237 -42.69 60.70 -27.70
N ILE A 238 -43.19 61.48 -28.65
CA ILE A 238 -44.53 62.02 -28.54
C ILE A 238 -45.53 60.92 -28.93
N LEU A 239 -46.62 60.81 -28.19
CA LEU A 239 -47.65 59.83 -28.51
C LEU A 239 -49.04 60.46 -28.62
N ARG A 240 -49.13 61.77 -28.39
CA ARG A 240 -50.41 62.49 -28.38
C ARG A 240 -50.51 63.54 -29.48
N GLY A 241 -51.70 63.70 -30.03
CA GLY A 241 -51.98 64.74 -31.02
C GLY A 241 -51.73 66.14 -30.50
N ASP A 242 -52.23 66.44 -29.30
CA ASP A 242 -52.07 67.78 -28.74
C ASP A 242 -50.60 68.14 -28.50
N ASP A 243 -49.84 67.20 -27.93
CA ASP A 243 -48.41 67.37 -27.73
C ASP A 243 -47.66 67.61 -29.03
N ALA A 244 -48.12 66.99 -30.12
CA ALA A 244 -47.51 67.17 -31.42
C ALA A 244 -47.74 68.59 -31.92
N ARG A 245 -48.97 69.09 -31.80
CA ARG A 245 -49.31 70.47 -32.16
C ARG A 245 -48.48 71.44 -31.34
N GLU A 246 -48.24 71.07 -30.09
CA GLU A 246 -47.48 71.89 -29.16
C GLU A 246 -46.01 71.95 -29.58
N ALA A 247 -45.48 70.82 -30.01
CA ALA A 247 -44.13 70.74 -30.58
C ALA A 247 -43.99 71.65 -31.81
N VAL A 248 -44.98 71.60 -32.71
CA VAL A 248 -45.00 72.43 -33.90
C VAL A 248 -45.01 73.91 -33.48
N LYS A 249 -45.88 74.25 -32.53
CA LYS A 249 -46.02 75.62 -32.07
C LYS A 249 -44.71 76.18 -31.52
N HIS A 250 -43.92 75.32 -30.88
CA HIS A 250 -42.68 75.78 -30.26
C HIS A 250 -41.49 75.75 -31.22
N GLY A 251 -41.79 75.63 -32.52
CA GLY A 251 -40.76 75.77 -33.55
C GLY A 251 -39.82 74.59 -33.76
N LEU A 252 -40.22 73.39 -33.31
CA LEU A 252 -39.45 72.18 -33.58
C LEU A 252 -39.70 71.69 -35.01
N ASN A 253 -38.84 70.80 -35.50
CA ASN A 253 -38.81 70.51 -36.93
C ASN A 253 -39.32 69.12 -37.35
N GLY A 254 -39.75 68.34 -36.36
CA GLY A 254 -40.25 67.00 -36.58
C GLY A 254 -40.72 66.31 -35.31
N ILE A 255 -41.52 65.27 -35.49
CA ILE A 255 -41.96 64.40 -34.42
C ILE A 255 -41.50 63.00 -34.72
N LEU A 256 -40.78 62.40 -33.77
CA LEU A 256 -40.56 60.98 -33.83
C LEU A 256 -41.58 60.30 -32.93
N VAL A 257 -42.58 59.70 -33.57
CA VAL A 257 -43.59 58.93 -32.87
C VAL A 257 -42.91 57.69 -32.32
N SER A 258 -42.77 57.65 -31.00
CA SER A 258 -41.99 56.61 -30.33
C SER A 258 -42.51 56.35 -28.92
N ASN A 259 -42.57 55.08 -28.54
CA ASN A 259 -42.86 54.71 -27.16
C ASN A 259 -41.60 54.15 -26.47
N HIS A 260 -40.46 54.58 -26.99
CA HIS A 260 -39.15 54.31 -26.41
C HIS A 260 -38.87 52.80 -26.43
N GLY A 261 -39.26 52.13 -27.51
CA GLY A 261 -39.12 50.68 -27.61
C GLY A 261 -39.90 49.92 -26.54
N ALA A 262 -41.02 50.51 -26.12
CA ALA A 262 -41.90 49.91 -25.10
C ALA A 262 -41.20 49.75 -23.74
N ARG A 263 -40.23 50.62 -23.47
CA ARG A 263 -39.39 50.51 -22.30
C ARG A 263 -39.78 51.49 -21.18
N GLN A 264 -40.70 52.40 -21.47
CA GLN A 264 -41.08 53.44 -20.52
C GLN A 264 -42.41 53.15 -19.80
N LEU A 265 -43.50 53.70 -20.30
CA LEU A 265 -44.81 53.45 -19.71
C LEU A 265 -45.48 52.31 -20.46
N ASP A 266 -45.65 51.19 -19.78
CA ASP A 266 -46.33 50.05 -20.40
C ASP A 266 -47.84 50.26 -20.45
N GLY A 267 -48.45 49.84 -21.55
CA GLY A 267 -49.89 50.00 -21.71
C GLY A 267 -50.21 51.16 -22.61
N VAL A 268 -49.19 51.75 -23.23
CA VAL A 268 -49.40 52.76 -24.27
C VAL A 268 -49.60 52.01 -25.58
N PRO A 269 -50.34 52.60 -26.54
CA PRO A 269 -50.54 51.95 -27.83
C PRO A 269 -49.26 51.72 -28.60
N ALA A 270 -49.33 50.81 -29.56
CA ALA A 270 -48.28 50.58 -30.55
C ALA A 270 -48.08 51.84 -31.35
N THR A 271 -46.83 52.17 -31.65
CA THR A 271 -46.57 53.43 -32.32
C THR A 271 -47.20 53.51 -33.70
N ILE A 272 -47.39 52.37 -34.36
CA ILE A 272 -48.06 52.35 -35.67
C ILE A 272 -49.55 52.72 -35.56
N ASP A 273 -50.14 52.47 -34.38
CA ASP A 273 -51.54 52.85 -34.11
C ASP A 273 -51.73 54.35 -33.86
N VAL A 274 -50.77 54.98 -33.18
CA VAL A 274 -50.88 56.42 -32.86
C VAL A 274 -50.46 57.31 -34.02
N LEU A 275 -49.68 56.75 -34.96
CA LEU A 275 -49.10 57.51 -36.06
C LEU A 275 -50.12 58.30 -36.87
N PRO A 276 -51.25 57.67 -37.28
CA PRO A 276 -52.30 58.44 -37.95
C PRO A 276 -52.74 59.72 -37.21
N GLU A 277 -53.08 59.60 -35.93
CA GLU A 277 -53.54 60.76 -35.14
C GLU A 277 -52.49 61.87 -35.11
N ILE A 278 -51.22 61.48 -35.04
CA ILE A 278 -50.13 62.43 -35.00
C ILE A 278 -49.87 63.04 -36.38
N VAL A 279 -49.87 62.22 -37.41
CA VAL A 279 -49.74 62.71 -38.78
C VAL A 279 -50.83 63.74 -39.10
N GLU A 280 -52.06 63.46 -38.67
CA GLU A 280 -53.15 64.40 -38.93
C GLU A 280 -53.08 65.67 -38.11
N ALA A 281 -52.65 65.55 -36.85
CA ALA A 281 -52.54 66.68 -35.95
C ALA A 281 -51.50 67.71 -36.37
N VAL A 282 -50.47 67.25 -37.09
CA VAL A 282 -49.34 68.07 -37.52
C VAL A 282 -49.64 68.77 -38.84
N GLU A 283 -50.66 68.28 -39.55
CA GLU A 283 -51.17 68.94 -40.75
C GLU A 283 -50.11 69.29 -41.81
N GLY A 284 -49.13 68.41 -41.95
CA GLY A 284 -48.07 68.57 -42.94
C GLY A 284 -47.08 69.68 -42.65
N LYS A 285 -47.08 70.22 -41.43
CA LYS A 285 -46.18 71.34 -41.10
C LYS A 285 -44.75 70.90 -40.78
N VAL A 286 -44.61 69.69 -40.23
CA VAL A 286 -43.30 69.10 -39.98
C VAL A 286 -43.28 67.63 -40.34
N GLU A 287 -42.09 67.09 -40.58
CA GLU A 287 -41.95 65.69 -40.90
C GLU A 287 -42.22 64.85 -39.66
N VAL A 288 -42.82 63.68 -39.88
CA VAL A 288 -43.17 62.78 -38.79
C VAL A 288 -42.49 61.44 -39.06
N PHE A 289 -41.86 60.89 -38.03
CA PHE A 289 -41.15 59.62 -38.14
C PHE A 289 -41.71 58.64 -37.13
N LEU A 290 -41.32 57.37 -37.26
CA LEU A 290 -41.81 56.31 -36.39
C LEU A 290 -40.69 55.33 -36.05
N ASP A 291 -40.67 54.85 -34.82
CA ASP A 291 -39.89 53.67 -34.47
C ASP A 291 -40.72 52.79 -33.56
N GLY A 292 -40.19 51.61 -33.23
CA GLY A 292 -40.90 50.68 -32.37
C GLY A 292 -41.61 49.60 -33.17
N GLY A 293 -41.03 48.41 -33.20
CA GLY A 293 -41.66 47.26 -33.87
C GLY A 293 -41.27 46.96 -35.31
N VAL A 294 -40.49 47.83 -35.93
CA VAL A 294 -40.11 47.64 -37.33
C VAL A 294 -39.12 46.50 -37.46
N ARG A 295 -39.54 45.44 -38.14
CA ARG A 295 -38.73 44.23 -38.30
C ARG A 295 -38.74 43.72 -39.73
N LYS A 296 -39.68 44.22 -40.54
CA LYS A 296 -39.87 43.75 -41.91
C LYS A 296 -40.05 44.90 -42.89
N GLY A 297 -39.71 44.65 -44.15
CA GLY A 297 -39.95 45.61 -45.22
C GLY A 297 -41.39 46.11 -45.24
N THR A 298 -42.36 45.21 -45.04
CA THR A 298 -43.76 45.62 -45.07
C THR A 298 -44.13 46.57 -43.91
N ASP A 299 -43.39 46.49 -42.80
CA ASP A 299 -43.57 47.44 -41.71
C ASP A 299 -43.28 48.84 -42.19
N VAL A 300 -42.15 48.99 -42.88
CA VAL A 300 -41.67 50.27 -43.37
C VAL A 300 -42.75 50.87 -44.28
N LEU A 301 -43.30 50.04 -45.16
CA LEU A 301 -44.27 50.46 -46.16
C LEU A 301 -45.54 50.97 -45.51
N LYS A 302 -46.00 50.25 -44.48
CA LYS A 302 -47.22 50.64 -43.79
C LYS A 302 -47.04 51.97 -43.06
N ALA A 303 -45.89 52.15 -42.41
CA ALA A 303 -45.59 53.41 -41.70
C ALA A 303 -45.59 54.61 -42.65
N LEU A 304 -44.92 54.45 -43.80
CA LEU A 304 -44.89 55.49 -44.83
C LEU A 304 -46.27 55.74 -45.46
N ALA A 305 -47.04 54.67 -45.65
CA ALA A 305 -48.43 54.80 -46.12
C ALA A 305 -49.29 55.64 -45.16
N LEU A 306 -49.10 55.41 -43.86
CA LEU A 306 -49.82 56.16 -42.84
C LEU A 306 -49.28 57.58 -42.63
N GLY A 307 -48.16 57.89 -43.28
CA GLY A 307 -47.70 59.28 -43.40
C GLY A 307 -46.34 59.62 -42.84
N ALA A 308 -45.67 58.63 -42.26
CA ALA A 308 -44.32 58.82 -41.78
C ALA A 308 -43.38 59.03 -42.96
N LYS A 309 -42.37 59.85 -42.76
CA LYS A 309 -41.39 60.13 -43.78
C LYS A 309 -40.30 59.05 -43.77
N ALA A 310 -39.91 58.60 -42.59
CA ALA A 310 -38.92 57.53 -42.44
C ALA A 310 -39.19 56.81 -41.15
N VAL A 311 -38.58 55.63 -40.99
CA VAL A 311 -38.66 54.86 -39.74
C VAL A 311 -37.28 54.62 -39.14
N PHE A 312 -37.22 54.40 -37.83
CA PHE A 312 -35.96 54.05 -37.17
C PHE A 312 -36.06 52.66 -36.59
N VAL A 313 -34.98 51.90 -36.67
CA VAL A 313 -34.91 50.59 -36.03
C VAL A 313 -33.96 50.64 -34.83
N GLY A 314 -34.37 50.03 -33.72
CA GLY A 314 -33.55 49.95 -32.51
C GLY A 314 -32.92 48.59 -32.35
N ARG A 315 -33.63 47.69 -31.68
CA ARG A 315 -33.13 46.34 -31.41
C ARG A 315 -32.47 45.57 -32.58
N PRO A 316 -33.08 45.57 -33.78
CA PRO A 316 -32.43 44.89 -34.89
C PRO A 316 -30.96 45.25 -35.15
N ILE A 317 -30.58 46.50 -34.88
CA ILE A 317 -29.19 46.92 -35.09
C ILE A 317 -28.27 46.26 -34.06
N VAL A 318 -28.75 46.22 -32.83
CA VAL A 318 -28.06 45.57 -31.73
C VAL A 318 -27.88 44.07 -32.00
N TRP A 319 -28.91 43.41 -32.53
CA TRP A 319 -28.80 42.00 -32.85
C TRP A 319 -27.80 41.77 -33.99
N GLY A 320 -27.81 42.67 -34.97
CA GLY A 320 -26.82 42.64 -36.05
C GLY A 320 -25.42 42.76 -35.49
N LEU A 321 -25.23 43.75 -34.60
CA LEU A 321 -23.96 44.03 -33.95
C LEU A 321 -23.43 42.81 -33.19
N ALA A 322 -24.30 42.14 -32.43
CA ALA A 322 -23.91 40.97 -31.66
C ALA A 322 -23.50 39.79 -32.53
N PHE A 323 -23.99 39.74 -33.75
CA PHE A 323 -23.70 38.61 -34.63
C PHE A 323 -22.37 38.77 -35.37
N GLN A 324 -22.16 39.91 -36.01
CA GLN A 324 -20.97 40.13 -36.84
C GLN A 324 -20.51 41.57 -36.84
N GLY A 325 -20.69 42.28 -35.73
CA GLY A 325 -20.34 43.69 -35.65
C GLY A 325 -20.79 44.45 -36.87
N GLU A 326 -19.85 45.16 -37.51
CA GLU A 326 -20.15 45.99 -38.67
C GLU A 326 -20.85 45.28 -39.83
N LYS A 327 -20.40 44.08 -40.18
CA LYS A 327 -21.06 43.33 -41.25
C LYS A 327 -22.46 42.89 -40.83
N GLY A 328 -22.62 42.63 -39.53
CA GLY A 328 -23.91 42.30 -38.98
C GLY A 328 -24.94 43.41 -39.12
N VAL A 329 -24.54 44.63 -38.80
CA VAL A 329 -25.41 45.79 -38.95
C VAL A 329 -25.73 46.04 -40.42
N GLN A 330 -24.71 45.93 -41.28
CA GLN A 330 -24.89 46.13 -42.70
C GLN A 330 -25.83 45.10 -43.32
N ASP A 331 -25.71 43.85 -42.88
CA ASP A 331 -26.63 42.79 -43.30
C ASP A 331 -28.07 43.07 -42.88
N VAL A 332 -28.29 43.36 -41.60
CA VAL A 332 -29.60 43.73 -41.07
C VAL A 332 -30.25 44.83 -41.91
N LEU A 333 -29.52 45.91 -42.16
CA LEU A 333 -30.06 47.03 -42.95
C LEU A 333 -30.31 46.69 -44.42
N GLU A 334 -29.54 45.75 -44.97
CA GLU A 334 -29.73 45.35 -46.35
C GLU A 334 -30.91 44.40 -46.52
N ILE A 335 -31.10 43.53 -45.53
CA ILE A 335 -32.28 42.67 -45.50
C ILE A 335 -33.55 43.53 -45.48
N LEU A 336 -33.58 44.52 -44.58
CA LEU A 336 -34.69 45.46 -44.50
C LEU A 336 -34.85 46.24 -45.80
N LYS A 337 -33.73 46.63 -46.40
CA LYS A 337 -33.74 47.42 -47.63
C LYS A 337 -34.37 46.64 -48.77
N GLU A 338 -33.96 45.38 -48.92
CA GLU A 338 -34.44 44.57 -50.02
C GLU A 338 -35.90 44.18 -49.83
N GLU A 339 -36.26 43.87 -48.58
CA GLU A 339 -37.63 43.56 -48.22
C GLU A 339 -38.56 44.72 -48.48
N PHE A 340 -38.09 45.94 -48.19
CA PHE A 340 -38.84 47.15 -48.48
C PHE A 340 -38.96 47.40 -49.98
N ARG A 341 -37.87 47.15 -50.72
CA ARG A 341 -37.88 47.26 -52.19
C ARG A 341 -38.94 46.33 -52.81
N LEU A 342 -38.93 45.07 -52.41
CA LEU A 342 -39.91 44.09 -52.89
C LEU A 342 -41.34 44.49 -52.53
N ALA A 343 -41.55 44.92 -51.28
CA ALA A 343 -42.86 45.29 -50.78
C ALA A 343 -43.40 46.49 -51.53
N MET A 344 -42.52 47.45 -51.79
CA MET A 344 -42.84 48.59 -52.62
C MET A 344 -43.24 48.16 -54.04
N ALA A 345 -42.44 47.30 -54.64
CA ALA A 345 -42.69 46.82 -55.99
C ALA A 345 -44.04 46.12 -56.09
N LEU A 346 -44.33 45.22 -55.16
CA LEU A 346 -45.58 44.45 -55.19
C LEU A 346 -46.80 45.31 -54.86
N SER A 347 -46.59 46.49 -54.28
CA SER A 347 -47.69 47.42 -54.04
C SER A 347 -47.92 48.36 -55.22
N GLY A 348 -47.03 48.31 -56.20
CA GLY A 348 -47.12 49.21 -57.34
C GLY A 348 -46.51 50.58 -57.11
N CYS A 349 -45.48 50.64 -56.26
CA CYS A 349 -44.81 51.90 -55.94
C CYS A 349 -43.38 51.92 -56.45
N GLN A 350 -43.14 52.65 -57.53
CA GLN A 350 -41.82 52.78 -58.14
C GLN A 350 -40.87 53.63 -57.30
N ASN A 351 -41.44 54.59 -56.56
CA ASN A 351 -40.68 55.44 -55.64
C ASN A 351 -41.54 55.79 -54.41
N VAL A 352 -40.92 56.40 -53.40
CA VAL A 352 -41.60 56.68 -52.13
C VAL A 352 -42.69 57.74 -52.22
N LYS A 353 -42.66 58.57 -53.27
CA LYS A 353 -43.62 59.66 -53.45
C LYS A 353 -44.99 59.14 -53.87
N VAL A 354 -45.02 57.87 -54.30
CA VAL A 354 -46.21 57.22 -54.85
C VAL A 354 -47.02 56.53 -53.75
N ILE A 355 -46.36 56.18 -52.65
CA ILE A 355 -47.02 55.60 -51.49
C ILE A 355 -48.10 56.56 -50.98
N ASP A 356 -49.30 56.04 -50.69
CA ASP A 356 -50.43 56.87 -50.21
C ASP A 356 -51.29 56.14 -49.19
N LYS A 357 -52.13 56.88 -48.45
CA LYS A 357 -52.98 56.32 -47.41
C LYS A 357 -53.85 55.14 -47.83
N THR A 358 -54.18 55.05 -49.12
CA THR A 358 -55.10 54.01 -49.60
C THR A 358 -54.46 52.63 -49.66
N LEU A 359 -53.14 52.57 -49.48
CA LEU A 359 -52.40 51.31 -49.49
C LEU A 359 -52.67 50.46 -48.25
N VAL A 360 -53.19 51.10 -47.20
CA VAL A 360 -53.45 50.43 -45.95
C VAL A 360 -54.86 50.69 -45.42
N ARG A 361 -55.39 49.70 -44.72
CA ARG A 361 -56.63 49.81 -43.98
C ARG A 361 -56.50 48.93 -42.75
N LYS A 362 -56.98 49.42 -41.61
CA LYS A 362 -56.87 48.63 -40.39
C LYS A 362 -58.07 47.70 -40.23
N ASN A 363 -57.74 46.43 -39.92
CA ASN A 363 -58.73 45.52 -39.32
C ASN A 363 -59.01 45.79 -37.79
N LEU B 5 -25.07 30.29 -3.30
CA LEU B 5 -25.39 29.03 -4.05
C LEU B 5 -25.02 27.78 -3.25
N ILE B 6 -25.87 26.76 -3.33
CA ILE B 6 -25.82 25.61 -2.41
C ILE B 6 -24.86 24.48 -2.80
N CYS B 7 -24.99 23.98 -4.02
CA CYS B 7 -24.13 22.90 -4.49
C CYS B 7 -23.46 23.24 -5.83
N ILE B 8 -22.56 22.37 -6.28
CA ILE B 8 -21.81 22.59 -7.52
C ILE B 8 -22.69 22.67 -8.78
N ASN B 9 -23.73 21.82 -8.84
CA ASN B 9 -24.69 21.85 -9.96
C ASN B 9 -25.31 23.22 -10.22
N ASP B 10 -25.61 23.94 -9.14
CA ASP B 10 -26.15 25.29 -9.22
C ASP B 10 -25.18 26.24 -9.92
N TYR B 11 -23.89 26.09 -9.62
CA TYR B 11 -22.83 26.89 -10.24
C TYR B 11 -22.72 26.70 -11.76
N GLU B 12 -23.03 25.49 -12.24
CA GLU B 12 -22.99 25.23 -13.68
C GLU B 12 -24.11 25.92 -14.43
N GLN B 13 -25.32 25.87 -13.87
CA GLN B 13 -26.45 26.52 -14.51
C GLN B 13 -26.30 28.03 -14.56
N HIS B 14 -25.63 28.60 -13.56
CA HIS B 14 -25.32 30.03 -13.58
C HIS B 14 -24.31 30.40 -14.66
N ALA B 15 -23.26 29.60 -14.76
CA ALA B 15 -22.26 29.80 -15.81
C ALA B 15 -22.92 29.71 -17.18
N LYS B 16 -23.92 28.85 -17.30
CA LYS B 16 -24.70 28.69 -18.54
C LYS B 16 -25.36 30.00 -18.97
N SER B 17 -25.79 30.81 -17.99
CA SER B 17 -26.45 32.09 -18.23
C SER B 17 -25.46 33.20 -18.57
N VAL B 18 -24.50 33.43 -17.68
CA VAL B 18 -23.51 34.51 -17.83
C VAL B 18 -22.56 34.35 -19.04
N LEU B 19 -22.36 33.11 -19.51
CA LEU B 19 -21.44 32.87 -20.64
C LEU B 19 -22.17 32.62 -21.96
N PRO B 20 -21.66 33.22 -23.05
CA PRO B 20 -22.08 32.90 -24.42
C PRO B 20 -22.01 31.40 -24.67
N LYS B 21 -23.03 30.85 -25.32
CA LYS B 21 -23.10 29.42 -25.63
C LYS B 21 -21.75 28.88 -26.12
N SER B 22 -21.12 29.61 -27.04
CA SER B 22 -19.85 29.20 -27.65
C SER B 22 -18.80 28.83 -26.59
N ILE B 23 -18.71 29.66 -25.55
CA ILE B 23 -17.72 29.50 -24.48
C ILE B 23 -18.15 28.42 -23.47
N TYR B 24 -19.42 28.47 -23.06
CA TYR B 24 -19.97 27.44 -22.19
C TYR B 24 -19.84 26.04 -22.79
N ASP B 25 -20.13 25.91 -24.08
CA ASP B 25 -20.02 24.61 -24.75
C ASP B 25 -18.59 24.10 -24.78
N TYR B 26 -17.62 25.00 -24.93
CA TYR B 26 -16.22 24.58 -24.90
C TYR B 26 -15.84 23.93 -23.56
N TYR B 27 -16.29 24.54 -22.48
CA TYR B 27 -15.96 24.09 -21.13
C TYR B 27 -16.71 22.83 -20.75
N ARG B 28 -17.91 22.67 -21.27
CA ARG B 28 -18.81 21.59 -20.90
C ARG B 28 -18.52 20.27 -21.65
N SER B 29 -18.21 20.38 -22.95
CA SER B 29 -18.08 19.26 -23.89
C SER B 29 -17.28 18.07 -23.41
N GLY B 30 -17.77 16.89 -23.79
CA GLY B 30 -16.97 15.67 -23.82
C GLY B 30 -16.64 15.37 -25.27
N ALA B 31 -16.14 14.17 -25.55
CA ALA B 31 -15.77 13.80 -26.91
C ALA B 31 -16.90 13.04 -27.61
N ASN B 32 -17.03 13.29 -28.90
CA ASN B 32 -18.02 12.62 -29.73
C ASN B 32 -19.39 12.58 -29.05
N ASP B 33 -19.93 11.37 -28.82
CA ASP B 33 -21.28 11.22 -28.24
C ASP B 33 -21.38 11.49 -26.75
N GLU B 34 -20.25 11.83 -26.11
CA GLU B 34 -20.18 12.15 -24.68
C GLU B 34 -20.68 11.03 -23.75
N GLU B 35 -20.34 9.79 -24.09
CA GLU B 35 -20.69 8.61 -23.29
C GLU B 35 -19.95 8.61 -21.95
N THR B 36 -18.65 8.92 -22.02
CA THR B 36 -17.77 8.98 -20.86
C THR B 36 -18.06 10.23 -20.02
N LEU B 37 -18.49 11.31 -20.68
CA LEU B 37 -18.86 12.52 -19.96
C LEU B 37 -19.92 12.18 -18.92
N ALA B 38 -20.95 11.47 -19.37
CA ALA B 38 -22.04 11.05 -18.51
C ALA B 38 -21.58 10.02 -17.47
N ASP B 39 -20.74 9.07 -17.91
CA ASP B 39 -20.28 8.00 -17.04
C ASP B 39 -19.38 8.49 -15.92
N ASN B 40 -18.54 9.49 -16.19
CA ASN B 40 -17.71 10.07 -15.12
C ASN B 40 -18.53 10.44 -13.86
N ILE B 41 -19.73 10.99 -14.05
CA ILE B 41 -20.62 11.35 -12.97
C ILE B 41 -21.34 10.10 -12.46
N ALA B 42 -21.95 9.35 -13.37
CA ALA B 42 -22.81 8.22 -13.02
C ALA B 42 -22.07 7.16 -12.21
N ALA B 43 -20.82 6.89 -12.58
CA ALA B 43 -20.07 5.83 -11.93
C ALA B 43 -19.96 6.03 -10.42
N PHE B 44 -19.84 7.28 -9.99
CA PHE B 44 -19.80 7.62 -8.57
C PHE B 44 -21.04 7.12 -7.83
N SER B 45 -22.19 7.14 -8.49
CA SER B 45 -23.45 6.71 -7.89
C SER B 45 -23.47 5.21 -7.68
N ARG B 46 -22.74 4.48 -8.51
CA ARG B 46 -22.75 3.03 -8.45
C ARG B 46 -21.86 2.49 -7.34
N TRP B 47 -21.02 3.35 -6.77
CA TRP B 47 -20.16 2.97 -5.65
C TRP B 47 -20.88 3.34 -4.36
N LYS B 48 -21.24 2.34 -3.57
CA LYS B 48 -22.05 2.59 -2.38
C LYS B 48 -21.19 2.71 -1.13
N LEU B 49 -21.63 3.54 -0.19
CA LEU B 49 -20.89 3.81 1.06
C LEU B 49 -21.39 2.99 2.25
N TYR B 50 -20.44 2.42 2.99
CA TYR B 50 -20.74 1.61 4.17
C TYR B 50 -20.11 2.23 5.41
N PRO B 51 -20.78 3.26 5.99
CA PRO B 51 -20.27 4.05 7.12
C PRO B 51 -20.13 3.26 8.43
N ARG B 52 -19.06 3.54 9.17
CA ARG B 52 -18.87 3.01 10.51
C ARG B 52 -19.47 3.95 11.52
N MET B 53 -20.15 3.38 12.50
CA MET B 53 -20.83 4.17 13.51
C MET B 53 -20.00 4.21 14.78
N LEU B 54 -20.23 5.25 15.57
CA LEU B 54 -19.67 5.37 16.93
C LEU B 54 -18.14 5.40 17.00
N ARG B 55 -17.57 6.28 16.18
CA ARG B 55 -16.15 6.62 16.25
C ARG B 55 -16.12 8.10 16.57
N ASN B 56 -15.08 8.55 17.28
CA ASN B 56 -15.01 9.97 17.62
C ASN B 56 -14.72 10.79 16.37
N VAL B 57 -15.71 11.59 15.93
CA VAL B 57 -15.53 12.47 14.77
C VAL B 57 -15.65 13.95 15.15
N ALA B 58 -15.17 14.29 16.35
CA ALA B 58 -15.35 15.62 16.93
C ALA B 58 -14.50 16.70 16.27
N GLU B 59 -13.22 16.39 16.06
CA GLU B 59 -12.32 17.39 15.48
C GLU B 59 -11.88 16.88 14.12
N THR B 60 -12.81 16.81 13.19
CA THR B 60 -12.55 16.23 11.86
C THR B 60 -11.46 16.99 11.12
N ASP B 61 -10.34 16.31 10.88
CA ASP B 61 -9.17 16.88 10.23
C ASP B 61 -9.03 16.42 8.78
N LEU B 62 -9.09 17.38 7.86
CA LEU B 62 -9.12 17.10 6.43
C LEU B 62 -7.75 17.21 5.77
N SER B 63 -6.75 17.62 6.53
CA SER B 63 -5.41 17.81 5.97
C SER B 63 -4.77 16.50 5.52
N THR B 64 -4.05 16.58 4.42
CA THR B 64 -3.25 15.47 3.94
C THR B 64 -2.04 16.08 3.25
N SER B 65 -1.36 15.31 2.40
CA SER B 65 -0.27 15.86 1.61
C SER B 65 -0.22 15.28 0.21
N VAL B 66 0.24 16.10 -0.73
CA VAL B 66 0.41 15.70 -2.12
C VAL B 66 1.88 15.78 -2.47
N LEU B 67 2.48 14.61 -2.73
CA LEU B 67 3.87 14.52 -3.19
C LEU B 67 4.85 15.22 -2.25
N GLY B 68 4.63 15.05 -0.95
CA GLY B 68 5.51 15.66 0.04
C GLY B 68 5.00 16.97 0.61
N GLN B 69 4.14 17.66 -0.13
CA GLN B 69 3.69 19.01 0.24
C GLN B 69 2.36 19.00 0.95
N ARG B 70 2.30 19.67 2.10
CA ARG B 70 1.08 19.74 2.89
C ARG B 70 -0.04 20.44 2.13
N VAL B 71 -1.26 19.97 2.31
CA VAL B 71 -2.48 20.58 1.76
C VAL B 71 -3.60 20.50 2.81
N SER B 72 -4.54 21.43 2.76
CA SER B 72 -5.58 21.52 3.77
C SER B 72 -6.74 20.54 3.55
N MET B 73 -6.79 19.98 2.35
CA MET B 73 -7.81 19.01 1.95
C MET B 73 -7.33 18.21 0.73
N PRO B 74 -7.85 16.98 0.53
CA PRO B 74 -7.41 16.21 -0.62
C PRO B 74 -8.22 16.57 -1.85
N ILE B 75 -8.46 17.87 -2.01
CA ILE B 75 -9.20 18.44 -3.14
C ILE B 75 -8.39 19.60 -3.69
N CYS B 76 -7.87 19.41 -4.91
CA CYS B 76 -7.03 20.41 -5.55
C CYS B 76 -7.58 20.80 -6.92
N VAL B 77 -7.14 21.96 -7.42
CA VAL B 77 -7.62 22.50 -8.68
C VAL B 77 -6.82 21.90 -9.83
N GLY B 78 -7.55 21.29 -10.76
CA GLY B 78 -6.96 20.67 -11.93
C GLY B 78 -6.70 21.65 -13.05
N ALA B 79 -5.90 21.23 -14.03
CA ALA B 79 -5.57 22.05 -15.18
C ALA B 79 -6.72 22.19 -16.17
N THR B 80 -7.15 23.43 -16.39
CA THR B 80 -8.09 23.77 -17.44
C THR B 80 -7.55 25.00 -18.18
N ALA B 81 -7.32 24.86 -19.48
CA ALA B 81 -6.79 25.95 -20.32
C ALA B 81 -7.72 27.15 -20.42
N MET B 82 -7.13 28.32 -20.67
CA MET B 82 -7.85 29.56 -21.02
C MET B 82 -8.94 29.99 -20.03
N GLN B 83 -8.53 30.24 -18.80
CA GLN B 83 -9.50 30.56 -17.74
C GLN B 83 -10.03 31.99 -17.85
N ARG B 84 -9.37 32.82 -18.67
CA ARG B 84 -9.78 34.22 -18.82
C ARG B 84 -11.00 34.43 -19.72
N MET B 85 -11.38 33.39 -20.46
CA MET B 85 -12.66 33.37 -21.16
C MET B 85 -13.82 33.33 -20.17
N ALA B 86 -13.53 32.81 -18.96
CA ALA B 86 -14.54 32.63 -17.92
C ALA B 86 -14.69 33.85 -17.02
N HIS B 87 -13.57 34.55 -16.78
CA HIS B 87 -13.53 35.72 -15.92
C HIS B 87 -12.23 36.48 -16.18
N VAL B 88 -12.32 37.81 -16.15
CA VAL B 88 -11.18 38.71 -16.41
C VAL B 88 -9.90 38.28 -15.70
N ASP B 89 -10.03 37.87 -14.43
CA ASP B 89 -8.88 37.56 -13.60
C ASP B 89 -8.33 36.15 -13.85
N GLY B 90 -9.15 35.31 -14.48
CA GLY B 90 -8.76 33.96 -14.89
C GLY B 90 -7.93 33.20 -13.87
N GLU B 91 -6.76 32.75 -14.31
CA GLU B 91 -5.83 31.96 -13.49
C GLU B 91 -5.42 32.64 -12.18
N LEU B 92 -5.28 33.96 -12.21
CA LEU B 92 -4.86 34.72 -11.04
C LEU B 92 -5.91 34.65 -9.94
N ALA B 93 -7.18 34.66 -10.33
CA ALA B 93 -8.27 34.48 -9.37
C ALA B 93 -8.24 33.09 -8.74
N THR B 94 -7.95 32.08 -9.56
CA THR B 94 -7.91 30.69 -9.12
C THR B 94 -6.80 30.47 -8.10
N VAL B 95 -5.59 30.88 -8.44
CA VAL B 95 -4.44 30.70 -7.55
C VAL B 95 -4.63 31.39 -6.19
N ARG B 96 -5.29 32.55 -6.19
CA ARG B 96 -5.54 33.29 -4.97
C ARG B 96 -6.54 32.56 -4.07
N ALA B 97 -7.61 32.03 -4.67
CA ALA B 97 -8.57 31.21 -3.95
C ALA B 97 -7.88 30.00 -3.34
N CYS B 98 -7.01 29.37 -4.13
CA CYS B 98 -6.21 28.24 -3.67
C CYS B 98 -5.35 28.60 -2.46
N GLN B 99 -4.68 29.75 -2.53
CA GLN B 99 -3.90 30.27 -1.41
C GLN B 99 -4.74 30.50 -0.15
N SER B 100 -5.94 31.06 -0.31
CA SER B 100 -6.83 31.25 0.82
C SER B 100 -7.15 29.93 1.49
N LEU B 101 -7.35 28.88 0.68
CA LEU B 101 -7.84 27.61 1.20
C LEU B 101 -6.77 26.64 1.61
N GLY B 102 -5.54 26.86 1.16
CA GLY B 102 -4.43 25.99 1.54
C GLY B 102 -4.42 24.71 0.73
N THR B 103 -4.93 24.78 -0.49
CA THR B 103 -4.84 23.67 -1.44
C THR B 103 -3.97 24.08 -2.62
N GLY B 104 -3.56 23.09 -3.40
CA GLY B 104 -2.69 23.32 -4.54
C GLY B 104 -3.41 23.58 -5.84
N MET B 105 -2.76 24.35 -6.71
CA MET B 105 -3.27 24.60 -8.05
C MET B 105 -2.35 23.98 -9.10
N MET B 106 -2.94 23.22 -10.02
CA MET B 106 -2.20 22.75 -11.19
C MET B 106 -2.39 23.77 -12.30
N LEU B 107 -1.31 24.41 -12.71
CA LEU B 107 -1.39 25.40 -13.78
C LEU B 107 -1.37 24.71 -15.12
N SER B 108 -2.33 25.09 -15.97
CA SER B 108 -2.52 24.45 -17.26
C SER B 108 -1.58 24.93 -18.36
N SER B 109 -1.40 24.07 -19.35
CA SER B 109 -0.82 24.46 -20.63
C SER B 109 -1.87 25.31 -21.34
N TRP B 110 -1.41 26.21 -22.21
CA TRP B 110 -2.29 27.22 -22.83
C TRP B 110 -3.12 27.97 -21.79
N ALA B 111 -2.48 28.32 -20.68
CA ALA B 111 -3.09 29.17 -19.68
C ALA B 111 -3.09 30.59 -20.22
N THR B 112 -4.13 31.35 -19.87
CA THR B 112 -4.24 32.75 -20.26
C THR B 112 -3.51 33.68 -19.28
N SER B 113 -2.53 33.13 -18.57
CA SER B 113 -1.64 33.88 -17.69
C SER B 113 -0.29 33.18 -17.74
N SER B 114 0.80 33.92 -17.50
CA SER B 114 2.15 33.33 -17.56
C SER B 114 2.51 32.62 -16.26
N ILE B 115 3.47 31.70 -16.33
CA ILE B 115 3.95 30.97 -15.15
C ILE B 115 4.36 31.93 -14.03
N GLU B 116 5.05 33.00 -14.42
CA GLU B 116 5.55 34.00 -13.49
C GLU B 116 4.42 34.82 -12.88
N GLU B 117 3.43 35.17 -13.70
CA GLU B 117 2.27 35.95 -13.25
C GLU B 117 1.52 35.20 -12.17
N VAL B 118 1.42 33.88 -12.33
CA VAL B 118 0.74 33.00 -11.39
C VAL B 118 1.50 32.89 -10.07
N ALA B 119 2.82 32.64 -10.18
CA ALA B 119 3.68 32.56 -9.00
C ALA B 119 3.56 33.81 -8.12
N GLU B 120 3.56 34.98 -8.76
CA GLU B 120 3.47 36.25 -8.05
C GLU B 120 2.11 36.46 -7.42
N ALA B 121 1.06 36.06 -8.12
CA ALA B 121 -0.30 36.24 -7.62
C ALA B 121 -0.60 35.35 -6.41
N GLY B 122 -0.09 34.12 -6.43
CA GLY B 122 -0.22 33.21 -5.30
C GLY B 122 1.10 32.63 -4.85
N PRO B 123 1.96 33.44 -4.20
CA PRO B 123 3.33 32.99 -3.86
C PRO B 123 3.37 31.84 -2.85
N GLU B 124 2.48 31.87 -1.86
CA GLU B 124 2.42 30.83 -0.84
C GLU B 124 1.39 29.73 -1.14
N ALA B 125 0.76 29.81 -2.30
CA ALA B 125 -0.09 28.74 -2.78
C ALA B 125 0.79 27.61 -3.31
N LEU B 126 0.40 26.37 -3.03
CA LEU B 126 1.12 25.24 -3.60
C LEU B 126 0.77 25.18 -5.08
N ARG B 127 1.80 25.10 -5.92
CA ARG B 127 1.65 25.21 -7.37
C ARG B 127 2.37 24.10 -8.09
N TRP B 128 1.69 23.48 -9.04
CA TRP B 128 2.31 22.49 -9.92
C TRP B 128 2.07 22.91 -11.37
N LEU B 129 2.95 22.50 -12.27
CA LEU B 129 2.78 22.84 -13.68
C LEU B 129 2.35 21.62 -14.49
N GLN B 130 1.25 21.76 -15.22
CA GLN B 130 0.87 20.76 -16.22
C GLN B 130 1.46 21.16 -17.56
N LEU B 131 1.97 20.17 -18.29
CA LEU B 131 2.77 20.43 -19.45
C LEU B 131 2.67 19.28 -20.44
N TYR B 132 2.94 19.57 -21.71
CA TYR B 132 3.10 18.55 -22.73
C TYR B 132 4.56 18.48 -23.15
N ILE B 133 4.96 17.35 -23.73
CA ILE B 133 6.23 17.25 -24.43
C ILE B 133 5.96 17.71 -25.87
N TYR B 134 6.32 18.96 -26.17
CA TYR B 134 5.98 19.56 -27.45
C TYR B 134 6.95 19.13 -28.56
N LYS B 135 6.58 19.42 -29.81
CA LYS B 135 7.44 19.11 -30.97
C LYS B 135 8.82 19.73 -30.82
N ASP B 136 8.83 21.03 -30.51
CA ASP B 136 10.04 21.74 -30.13
C ASP B 136 10.35 21.39 -28.68
N ARG B 137 11.38 20.57 -28.48
CA ARG B 137 11.78 20.12 -27.14
C ARG B 137 12.17 21.26 -26.21
N GLU B 138 12.64 22.37 -26.81
CA GLU B 138 13.10 23.53 -26.05
C GLU B 138 11.98 24.26 -25.34
N VAL B 139 10.76 24.21 -25.90
CA VAL B 139 9.61 24.83 -25.24
C VAL B 139 9.30 24.05 -23.98
N THR B 140 9.37 22.72 -24.06
CA THR B 140 9.15 21.86 -22.90
C THR B 140 10.25 22.07 -21.88
N LYS B 141 11.49 22.08 -22.34
CA LYS B 141 12.67 22.40 -21.53
C LYS B 141 12.48 23.71 -20.75
N LYS B 142 12.20 24.81 -21.45
CA LYS B 142 12.08 26.13 -20.83
C LYS B 142 10.94 26.26 -19.85
N LEU B 143 9.84 25.57 -20.11
CA LEU B 143 8.70 25.56 -19.19
C LEU B 143 9.07 24.86 -17.88
N VAL B 144 9.76 23.73 -17.98
CA VAL B 144 10.22 22.98 -16.80
C VAL B 144 11.17 23.83 -15.96
N ARG B 145 12.14 24.48 -16.62
CA ARG B 145 13.17 25.26 -15.94
C ARG B 145 12.58 26.48 -15.27
N GLN B 146 11.51 27.01 -15.87
CA GLN B 146 10.82 28.16 -15.33
C GLN B 146 10.03 27.76 -14.09
N ALA B 147 9.47 26.54 -14.11
CA ALA B 147 8.73 25.98 -12.98
C ALA B 147 9.62 25.78 -11.77
N GLU B 148 10.83 25.27 -12.01
CA GLU B 148 11.87 25.13 -10.99
C GLU B 148 12.18 26.46 -10.31
N LYS B 149 12.45 27.49 -11.11
CA LYS B 149 12.87 28.79 -10.59
C LYS B 149 11.73 29.57 -9.96
N MET B 150 10.50 29.28 -10.36
CA MET B 150 9.35 30.08 -9.90
C MET B 150 8.56 29.40 -8.77
N GLY B 151 9.16 28.40 -8.15
CA GLY B 151 8.60 27.77 -6.94
C GLY B 151 7.51 26.73 -7.13
N TYR B 152 7.44 26.15 -8.33
CA TYR B 152 6.50 25.07 -8.63
C TYR B 152 7.06 23.75 -8.11
N LYS B 153 6.18 22.96 -7.50
CA LYS B 153 6.59 21.80 -6.73
C LYS B 153 6.49 20.44 -7.45
N ALA B 154 5.83 20.42 -8.62
CA ALA B 154 5.77 19.22 -9.45
C ALA B 154 5.48 19.52 -10.91
N ILE B 155 5.79 18.56 -11.77
CA ILE B 155 5.45 18.62 -13.18
C ILE B 155 4.44 17.50 -13.45
N PHE B 156 3.27 17.87 -13.96
CA PHE B 156 2.26 16.93 -14.43
C PHE B 156 2.36 16.84 -15.94
N VAL B 157 2.79 15.70 -16.44
CA VAL B 157 2.91 15.53 -17.90
C VAL B 157 1.69 14.81 -18.45
N THR B 158 0.97 15.48 -19.34
CA THR B 158 -0.25 14.89 -19.89
C THR B 158 0.13 13.98 -21.06
N VAL B 159 -0.26 12.72 -20.93
CA VAL B 159 0.20 11.68 -21.85
C VAL B 159 -0.91 11.09 -22.74
N ASP B 160 -2.09 11.71 -22.70
CA ASP B 160 -3.26 11.16 -23.39
C ASP B 160 -3.74 12.04 -24.52
N THR B 161 -2.89 12.95 -24.98
CA THR B 161 -3.30 13.87 -26.05
C THR B 161 -2.27 13.91 -27.19
N PRO B 162 -2.02 12.77 -27.84
CA PRO B 162 -1.18 12.80 -29.05
C PRO B 162 -1.82 13.65 -30.14
N TYR B 163 -3.16 13.62 -30.21
CA TYR B 163 -3.96 14.55 -30.99
C TYR B 163 -5.11 15.03 -30.09
N LEU B 164 -5.70 16.15 -30.45
CA LEU B 164 -6.87 16.66 -29.73
C LEU B 164 -8.13 15.82 -30.03
N GLY B 165 -8.88 15.49 -28.99
CA GLY B 165 -10.15 14.76 -29.12
C GLY B 165 -11.13 15.51 -30.01
N ASN B 166 -12.18 14.81 -30.46
CA ASN B 166 -13.19 15.41 -31.33
C ASN B 166 -14.49 15.78 -30.62
N ARG B 167 -14.59 17.05 -30.22
CA ARG B 167 -15.71 17.53 -29.42
C ARG B 167 -16.69 18.26 -30.31
N LEU B 168 -17.77 17.56 -30.65
CA LEU B 168 -18.71 17.97 -31.70
C LEU B 168 -19.17 19.44 -31.64
N ASP B 169 -19.36 19.97 -30.43
CA ASP B 169 -19.88 21.34 -30.25
C ASP B 169 -18.89 22.44 -30.63
N ASP B 170 -17.60 22.17 -30.44
CA ASP B 170 -16.54 23.12 -30.81
C ASP B 170 -16.44 23.31 -32.34
N VAL B 171 -16.96 22.33 -33.10
CA VAL B 171 -16.92 22.36 -34.55
C VAL B 171 -18.17 23.03 -35.15
N ARG B 172 -19.36 22.64 -34.66
CA ARG B 172 -20.64 23.19 -35.13
C ARG B 172 -20.67 24.73 -35.13
N ASN B 173 -20.14 25.33 -34.06
CA ASN B 173 -19.85 26.77 -34.06
C ASN B 173 -18.35 26.98 -33.88
N ARG B 174 -17.68 27.50 -34.91
CA ARG B 174 -16.22 27.66 -34.85
C ARG B 174 -15.77 28.52 -33.65
N PHE B 175 -14.54 28.27 -33.21
CA PHE B 175 -14.08 28.69 -31.91
C PHE B 175 -12.68 29.31 -32.05
N LYS B 176 -12.35 30.28 -31.18
CA LYS B 176 -11.00 30.85 -31.11
C LYS B 176 -10.86 31.90 -30.00
N LEU B 177 -9.62 32.36 -29.78
CA LEU B 177 -9.34 33.56 -28.99
C LEU B 177 -8.38 34.51 -29.71
N GLY B 204 -10.05 25.20 -36.35
CA GLY B 204 -10.39 25.27 -34.90
C GLY B 204 -9.17 25.03 -34.01
N LEU B 205 -9.43 24.53 -32.79
CA LEU B 205 -8.37 24.22 -31.81
C LEU B 205 -7.49 23.01 -32.18
N ALA B 206 -8.04 22.08 -32.98
CA ALA B 206 -7.35 20.83 -33.36
C ALA B 206 -6.07 21.04 -34.20
N ALA B 207 -6.01 22.15 -34.92
CA ALA B 207 -4.85 22.50 -35.75
C ALA B 207 -3.65 22.97 -34.91
N TYR B 208 -3.96 23.78 -33.89
CA TYR B 208 -2.96 24.31 -32.97
C TYR B 208 -2.26 23.21 -32.17
N VAL B 209 -3.00 22.15 -31.88
CA VAL B 209 -2.48 20.98 -31.17
C VAL B 209 -1.54 20.15 -32.05
N ALA B 210 -1.93 19.95 -33.31
CA ALA B 210 -1.12 19.19 -34.25
C ALA B 210 0.20 19.89 -34.58
N LYS B 211 0.20 21.23 -34.48
CA LYS B 211 1.42 22.02 -34.69
C LYS B 211 2.35 21.91 -33.49
N ALA B 212 1.80 22.04 -32.30
CA ALA B 212 2.59 22.08 -31.07
C ALA B 212 2.89 20.70 -30.46
N ILE B 213 1.85 19.90 -30.22
CA ILE B 213 1.99 18.64 -29.50
C ILE B 213 2.43 17.52 -30.43
N ASP B 214 3.50 16.85 -30.01
CA ASP B 214 4.14 15.79 -30.77
C ASP B 214 3.48 14.43 -30.50
N PRO B 215 2.81 13.85 -31.50
CA PRO B 215 2.14 12.56 -31.37
C PRO B 215 3.10 11.36 -31.44
N SER B 216 4.38 11.64 -31.60
CA SER B 216 5.37 10.59 -31.81
C SER B 216 5.98 10.11 -30.49
N ILE B 217 5.64 10.77 -29.40
CA ILE B 217 6.33 10.54 -28.14
C ILE B 217 6.06 9.15 -27.56
N SER B 218 7.12 8.56 -27.02
CA SER B 218 7.03 7.27 -26.36
C SER B 218 7.65 7.36 -24.97
N TRP B 219 7.88 6.21 -24.36
CA TRP B 219 8.49 6.15 -23.03
C TRP B 219 9.96 6.63 -23.04
N GLU B 220 10.57 6.66 -24.23
CA GLU B 220 11.93 7.19 -24.39
C GLU B 220 11.96 8.69 -24.11
N ASP B 221 10.93 9.39 -24.56
CA ASP B 221 10.78 10.81 -24.29
C ASP B 221 10.42 11.09 -22.83
N ILE B 222 9.97 10.06 -22.12
CA ILE B 222 9.73 10.17 -20.68
C ILE B 222 11.06 10.06 -19.94
N LYS B 223 11.92 9.13 -20.35
CA LYS B 223 13.30 9.05 -19.85
C LYS B 223 13.97 10.41 -19.96
N TRP B 224 13.80 11.04 -21.12
CA TRP B 224 14.30 12.38 -21.39
C TRP B 224 13.78 13.37 -20.36
N LEU B 225 12.49 13.34 -20.08
CA LEU B 225 11.88 14.26 -19.12
C LEU B 225 12.34 13.97 -17.68
N ARG B 226 12.57 12.70 -17.36
CA ARG B 226 13.02 12.30 -16.03
C ARG B 226 14.39 12.89 -15.69
N ARG B 227 15.34 12.77 -16.64
CA ARG B 227 16.70 13.26 -16.46
C ARG B 227 16.76 14.79 -16.44
N LEU B 228 15.75 15.42 -16.99
CA LEU B 228 15.73 16.85 -17.19
C LEU B 228 15.49 17.65 -15.90
N THR B 229 14.86 17.00 -14.92
CA THR B 229 14.46 17.68 -13.68
C THR B 229 14.41 16.71 -12.51
N SER B 230 14.68 17.20 -11.31
CA SER B 230 14.51 16.36 -10.13
C SER B 230 13.22 16.66 -9.38
N LEU B 231 12.43 17.57 -9.94
CA LEU B 231 11.06 17.79 -9.46
C LEU B 231 10.28 16.51 -9.66
N PRO B 232 9.33 16.23 -8.75
CA PRO B 232 8.42 15.10 -8.94
C PRO B 232 7.63 15.22 -10.24
N ILE B 233 7.59 14.14 -11.02
CA ILE B 233 6.78 14.10 -12.23
C ILE B 233 5.61 13.14 -12.06
N VAL B 234 4.41 13.61 -12.44
CA VAL B 234 3.21 12.77 -12.39
C VAL B 234 2.68 12.54 -13.80
N ALA B 235 2.50 11.27 -14.17
CA ALA B 235 1.90 10.93 -15.44
C ALA B 235 0.38 11.16 -15.35
N LYS B 236 -0.10 12.16 -16.08
CA LYS B 236 -1.49 12.54 -16.06
C LYS B 236 -2.20 11.91 -17.27
N GLY B 237 -3.23 11.11 -17.01
CA GLY B 237 -4.04 10.55 -18.09
C GLY B 237 -3.90 9.06 -18.30
N ILE B 238 -3.28 8.35 -17.36
CA ILE B 238 -3.13 6.92 -17.48
C ILE B 238 -4.47 6.26 -17.14
N LEU B 239 -4.85 5.24 -17.89
CA LEU B 239 -6.10 4.53 -17.67
C LEU B 239 -5.90 3.02 -17.57
N ARG B 240 -4.65 2.57 -17.72
CA ARG B 240 -4.31 1.14 -17.74
C ARG B 240 -3.32 0.74 -16.63
N GLY B 241 -3.54 -0.45 -16.07
CA GLY B 241 -2.66 -1.03 -15.06
C GLY B 241 -1.21 -1.15 -15.51
N ASP B 242 -0.99 -1.66 -16.71
CA ASP B 242 0.38 -1.86 -17.21
C ASP B 242 1.09 -0.55 -17.51
N ASP B 243 0.38 0.40 -18.10
CA ASP B 243 0.90 1.76 -18.32
C ASP B 243 1.29 2.41 -17.00
N ALA B 244 0.52 2.14 -15.96
CA ALA B 244 0.82 2.62 -14.63
C ALA B 244 2.15 2.04 -14.11
N ARG B 245 2.34 0.72 -14.27
CA ARG B 245 3.56 0.05 -13.86
C ARG B 245 4.75 0.56 -14.65
N GLU B 246 4.51 0.87 -15.92
CA GLU B 246 5.54 1.38 -16.80
C GLU B 246 5.96 2.77 -16.33
N ALA B 247 5.01 3.57 -15.88
CA ALA B 247 5.34 4.88 -15.31
C ALA B 247 6.25 4.72 -14.10
N VAL B 248 5.87 3.82 -13.19
CA VAL B 248 6.68 3.51 -12.01
C VAL B 248 8.09 3.08 -12.41
N LYS B 249 8.19 2.11 -13.32
CA LYS B 249 9.49 1.60 -13.80
C LYS B 249 10.40 2.71 -14.29
N HIS B 250 9.82 3.76 -14.85
CA HIS B 250 10.57 4.86 -15.45
C HIS B 250 10.87 6.01 -14.48
N GLY B 251 10.73 5.74 -13.19
CA GLY B 251 11.15 6.69 -12.16
C GLY B 251 10.23 7.87 -11.95
N LEU B 252 9.01 7.77 -12.45
CA LEU B 252 8.02 8.81 -12.24
C LEU B 252 7.43 8.70 -10.84
N ASN B 253 6.85 9.79 -10.34
CA ASN B 253 6.50 9.92 -8.93
C ASN B 253 5.02 9.84 -8.56
N GLY B 254 4.16 9.70 -9.56
CA GLY B 254 2.73 9.54 -9.30
C GLY B 254 1.91 9.31 -10.55
N ILE B 255 0.66 8.90 -10.37
CA ILE B 255 -0.27 8.73 -11.48
C ILE B 255 -1.52 9.56 -11.22
N LEU B 256 -1.84 10.47 -12.14
CA LEU B 256 -3.16 11.07 -12.18
C LEU B 256 -4.05 10.23 -13.11
N VAL B 257 -4.93 9.45 -12.51
CA VAL B 257 -5.91 8.66 -13.23
C VAL B 257 -6.96 9.62 -13.77
N SER B 258 -7.03 9.70 -15.10
CA SER B 258 -7.73 10.78 -15.77
C SER B 258 -8.04 10.38 -17.21
N ASN B 259 -9.26 10.67 -17.65
CA ASN B 259 -9.62 10.56 -19.06
C ASN B 259 -9.80 11.94 -19.67
N HIS B 260 -9.05 12.90 -19.13
CA HIS B 260 -8.97 14.27 -19.64
C HIS B 260 -10.34 14.97 -19.61
N GLY B 261 -11.11 14.77 -18.55
CA GLY B 261 -12.48 15.31 -18.44
C GLY B 261 -13.42 14.75 -19.51
N ALA B 262 -13.14 13.52 -19.92
CA ALA B 262 -13.88 12.84 -20.99
C ALA B 262 -13.80 13.57 -22.34
N ARG B 263 -12.72 14.31 -22.56
CA ARG B 263 -12.60 15.13 -23.76
C ARG B 263 -11.71 14.55 -24.87
N GLN B 264 -11.09 13.39 -24.60
CA GLN B 264 -10.22 12.76 -25.58
C GLN B 264 -10.91 11.60 -26.29
N LEU B 265 -10.68 10.38 -25.81
CA LEU B 265 -11.25 9.17 -26.44
C LEU B 265 -12.55 8.79 -25.75
N ASP B 266 -13.68 8.98 -26.45
CA ASP B 266 -14.96 8.68 -25.85
C ASP B 266 -15.19 7.17 -25.80
N GLY B 267 -15.75 6.70 -24.69
CA GLY B 267 -16.00 5.29 -24.53
C GLY B 267 -14.99 4.60 -23.66
N VAL B 268 -14.13 5.39 -23.03
CA VAL B 268 -13.24 4.87 -21.98
C VAL B 268 -14.07 4.78 -20.67
N PRO B 269 -13.64 3.94 -19.72
CA PRO B 269 -14.42 3.91 -18.50
C PRO B 269 -14.33 5.23 -17.76
N ALA B 270 -15.21 5.39 -16.77
CA ALA B 270 -15.13 6.49 -15.82
C ALA B 270 -13.88 6.32 -14.96
N THR B 271 -13.29 7.42 -14.53
CA THR B 271 -12.00 7.36 -13.81
C THR B 271 -12.12 6.62 -12.50
N ILE B 272 -13.24 6.79 -11.80
CA ILE B 272 -13.49 6.10 -10.53
C ILE B 272 -13.57 4.59 -10.68
N ASP B 273 -13.97 4.13 -11.86
CA ASP B 273 -14.03 2.71 -12.15
C ASP B 273 -12.64 2.10 -12.42
N VAL B 274 -11.71 2.87 -12.99
CA VAL B 274 -10.37 2.35 -13.30
C VAL B 274 -9.39 2.54 -12.15
N LEU B 275 -9.71 3.47 -11.27
CA LEU B 275 -8.87 3.73 -10.10
C LEU B 275 -8.41 2.47 -9.35
N PRO B 276 -9.33 1.54 -8.98
CA PRO B 276 -8.86 0.36 -8.26
C PRO B 276 -7.77 -0.42 -8.98
N GLU B 277 -7.92 -0.64 -10.29
CA GLU B 277 -6.92 -1.42 -11.05
C GLU B 277 -5.56 -0.74 -11.02
N ILE B 278 -5.55 0.59 -11.09
CA ILE B 278 -4.33 1.35 -11.09
C ILE B 278 -3.68 1.41 -9.70
N VAL B 279 -4.51 1.58 -8.66
CA VAL B 279 -4.01 1.54 -7.28
C VAL B 279 -3.37 0.18 -6.98
N GLU B 280 -4.03 -0.90 -7.40
CA GLU B 280 -3.48 -2.24 -7.28
C GLU B 280 -2.19 -2.43 -8.08
N ALA B 281 -2.17 -1.96 -9.32
CA ALA B 281 -1.03 -2.14 -10.21
C ALA B 281 0.25 -1.49 -9.68
N VAL B 282 0.08 -0.38 -8.97
CA VAL B 282 1.18 0.46 -8.52
C VAL B 282 1.76 -0.02 -7.18
N GLU B 283 0.94 -0.74 -6.40
CA GLU B 283 1.39 -1.39 -5.17
C GLU B 283 2.03 -0.43 -4.15
N GLY B 284 1.42 0.74 -3.96
CA GLY B 284 1.89 1.71 -2.99
C GLY B 284 3.26 2.33 -3.25
N LYS B 285 3.80 2.17 -4.44
CA LYS B 285 5.13 2.66 -4.74
C LYS B 285 5.11 4.13 -5.09
N VAL B 286 4.00 4.58 -5.66
CA VAL B 286 3.79 6.00 -5.93
C VAL B 286 2.38 6.41 -5.54
N GLU B 287 2.14 7.72 -5.40
CA GLU B 287 0.82 8.21 -5.06
C GLU B 287 -0.06 8.19 -6.29
N VAL B 288 -1.35 7.93 -6.10
CA VAL B 288 -2.32 7.88 -7.18
C VAL B 288 -3.40 8.95 -6.94
N PHE B 289 -3.76 9.68 -8.00
CA PHE B 289 -4.72 10.76 -7.94
C PHE B 289 -5.82 10.49 -8.96
N LEU B 290 -6.92 11.22 -8.86
CA LEU B 290 -8.04 11.06 -9.79
C LEU B 290 -8.69 12.40 -10.12
N ASP B 291 -9.08 12.59 -11.38
CA ASP B 291 -10.02 13.66 -11.72
C ASP B 291 -11.11 13.11 -12.59
N GLY B 292 -12.07 13.94 -12.99
CA GLY B 292 -13.17 13.48 -13.82
C GLY B 292 -14.40 13.13 -13.01
N GLY B 293 -15.36 14.05 -12.96
CA GLY B 293 -16.64 13.79 -12.35
C GLY B 293 -16.80 14.15 -10.89
N VAL B 294 -15.74 14.68 -10.27
CA VAL B 294 -15.82 15.09 -8.88
C VAL B 294 -16.67 16.36 -8.72
N ARG B 295 -17.80 16.21 -8.03
CA ARG B 295 -18.79 17.27 -7.85
C ARG B 295 -19.30 17.37 -6.42
N LYS B 296 -19.12 16.29 -5.65
CA LYS B 296 -19.69 16.19 -4.30
C LYS B 296 -18.63 15.72 -3.31
N GLY B 297 -18.83 16.06 -2.04
CA GLY B 297 -17.98 15.58 -0.98
C GLY B 297 -17.86 14.06 -0.95
N THR B 298 -18.97 13.38 -1.19
CA THR B 298 -18.98 11.92 -1.20
C THR B 298 -18.14 11.34 -2.34
N ASP B 299 -17.96 12.11 -3.41
CA ASP B 299 -17.10 11.70 -4.53
C ASP B 299 -15.67 11.60 -4.02
N VAL B 300 -15.22 12.63 -3.32
CA VAL B 300 -13.87 12.67 -2.76
C VAL B 300 -13.66 11.46 -1.87
N LEU B 301 -14.64 11.20 -1.01
CA LEU B 301 -14.58 10.10 -0.05
C LEU B 301 -14.42 8.75 -0.75
N LYS B 302 -15.21 8.55 -1.80
CA LYS B 302 -15.17 7.30 -2.55
C LYS B 302 -13.80 7.09 -3.23
N ALA B 303 -13.26 8.16 -3.82
CA ALA B 303 -11.98 8.08 -4.52
C ALA B 303 -10.85 7.74 -3.55
N LEU B 304 -10.89 8.33 -2.36
CA LEU B 304 -9.86 8.09 -1.36
C LEU B 304 -9.98 6.69 -0.75
N ALA B 305 -11.23 6.26 -0.55
CA ALA B 305 -11.50 4.91 -0.05
C ALA B 305 -10.91 3.88 -0.99
N LEU B 306 -11.04 4.13 -2.29
CA LEU B 306 -10.51 3.23 -3.30
C LEU B 306 -8.98 3.32 -3.47
N GLY B 307 -8.35 4.31 -2.84
CA GLY B 307 -6.90 4.38 -2.76
C GLY B 307 -6.22 5.66 -3.25
N ALA B 308 -6.99 6.55 -3.85
CA ALA B 308 -6.49 7.86 -4.26
C ALA B 308 -5.99 8.64 -3.05
N LYS B 309 -4.94 9.42 -3.28
CA LYS B 309 -4.37 10.25 -2.25
C LYS B 309 -5.13 11.58 -2.19
N ALA B 310 -5.52 12.07 -3.37
CA ALA B 310 -6.21 13.34 -3.49
C ALA B 310 -6.91 13.35 -4.85
N VAL B 311 -7.91 14.21 -4.99
CA VAL B 311 -8.58 14.38 -6.27
C VAL B 311 -8.39 15.78 -6.86
N PHE B 312 -8.52 15.89 -8.18
CA PHE B 312 -8.48 17.18 -8.83
C PHE B 312 -9.82 17.50 -9.45
N VAL B 313 -10.26 18.74 -9.33
CA VAL B 313 -11.48 19.18 -9.97
C VAL B 313 -11.18 20.13 -11.14
N GLY B 314 -11.88 19.93 -12.26
CA GLY B 314 -11.68 20.77 -13.45
C GLY B 314 -12.79 21.79 -13.65
N ARG B 315 -13.91 21.33 -14.20
CA ARG B 315 -15.05 22.18 -14.56
C ARG B 315 -15.67 23.01 -13.41
N PRO B 316 -15.80 22.43 -12.20
CA PRO B 316 -16.37 23.25 -11.13
C PRO B 316 -15.60 24.54 -10.86
N ILE B 317 -14.30 24.54 -11.07
CA ILE B 317 -13.47 25.73 -10.84
C ILE B 317 -13.83 26.80 -11.86
N VAL B 318 -14.01 26.35 -13.10
CA VAL B 318 -14.40 27.21 -14.23
C VAL B 318 -15.78 27.82 -14.01
N TRP B 319 -16.71 27.05 -13.46
CA TRP B 319 -18.04 27.55 -13.17
C TRP B 319 -17.97 28.57 -12.05
N GLY B 320 -17.10 28.33 -11.06
CA GLY B 320 -16.94 29.24 -9.94
C GLY B 320 -16.39 30.58 -10.41
N LEU B 321 -15.40 30.50 -11.30
CA LEU B 321 -14.78 31.65 -11.92
C LEU B 321 -15.84 32.51 -12.62
N ALA B 322 -16.66 31.87 -13.44
CA ALA B 322 -17.66 32.56 -14.24
C ALA B 322 -18.75 33.22 -13.40
N PHE B 323 -19.01 32.67 -12.22
CA PHE B 323 -20.03 33.24 -11.34
C PHE B 323 -19.56 34.47 -10.56
N GLN B 324 -18.38 34.39 -9.93
CA GLN B 324 -17.87 35.48 -9.07
C GLN B 324 -16.35 35.52 -8.98
N GLY B 325 -15.67 35.18 -10.06
CA GLY B 325 -14.20 35.20 -10.10
C GLY B 325 -13.56 34.48 -8.92
N GLU B 326 -12.72 35.21 -8.19
CA GLU B 326 -11.95 34.64 -7.08
C GLU B 326 -12.84 34.11 -5.96
N LYS B 327 -13.90 34.86 -5.63
CA LYS B 327 -14.80 34.44 -4.57
C LYS B 327 -15.63 33.25 -5.05
N GLY B 328 -15.80 33.14 -6.37
CA GLY B 328 -16.52 32.01 -6.94
C GLY B 328 -15.76 30.71 -6.79
N VAL B 329 -14.47 30.74 -7.10
CA VAL B 329 -13.62 29.57 -6.92
C VAL B 329 -13.54 29.18 -5.45
N GLN B 330 -13.35 30.16 -4.58
CA GLN B 330 -13.26 29.89 -3.14
C GLN B 330 -14.52 29.24 -2.59
N ASP B 331 -15.68 29.70 -3.05
CA ASP B 331 -16.95 29.15 -2.63
C ASP B 331 -17.11 27.69 -3.04
N VAL B 332 -16.79 27.40 -4.31
CA VAL B 332 -16.81 26.05 -4.84
C VAL B 332 -15.95 25.12 -3.99
N LEU B 333 -14.71 25.54 -3.73
CA LEU B 333 -13.78 24.77 -2.91
C LEU B 333 -14.23 24.62 -1.47
N GLU B 334 -14.84 25.67 -0.91
CA GLU B 334 -15.33 25.61 0.47
C GLU B 334 -16.54 24.68 0.58
N ILE B 335 -17.40 24.69 -0.45
CA ILE B 335 -18.54 23.78 -0.49
C ILE B 335 -18.06 22.32 -0.51
N LEU B 336 -17.08 22.05 -1.37
CA LEU B 336 -16.51 20.70 -1.51
C LEU B 336 -15.84 20.27 -0.22
N LYS B 337 -15.20 21.23 0.46
CA LYS B 337 -14.56 21.00 1.74
C LYS B 337 -15.57 20.58 2.81
N GLU B 338 -16.61 21.38 2.98
CA GLU B 338 -17.64 21.10 3.98
C GLU B 338 -18.44 19.86 3.66
N GLU B 339 -18.78 19.68 2.39
CA GLU B 339 -19.39 18.42 1.94
C GLU B 339 -18.52 17.22 2.26
N PHE B 340 -17.21 17.35 2.02
CA PHE B 340 -16.30 16.27 2.29
C PHE B 340 -16.15 16.05 3.79
N ARG B 341 -15.98 17.14 4.54
CA ARG B 341 -15.88 17.11 6.00
C ARG B 341 -17.08 16.38 6.63
N LEU B 342 -18.28 16.70 6.16
CA LEU B 342 -19.50 16.06 6.66
C LEU B 342 -19.57 14.58 6.30
N ALA B 343 -19.19 14.25 5.07
CA ALA B 343 -19.24 12.88 4.56
C ALA B 343 -18.24 12.00 5.30
N MET B 344 -17.13 12.61 5.69
CA MET B 344 -16.08 11.91 6.40
C MET B 344 -16.53 11.64 7.83
N ALA B 345 -17.20 12.61 8.44
CA ALA B 345 -17.72 12.46 9.79
C ALA B 345 -18.79 11.39 9.86
N LEU B 346 -19.75 11.47 8.93
CA LEU B 346 -20.81 10.48 8.85
C LEU B 346 -20.28 9.06 8.55
N SER B 347 -19.09 8.97 7.96
CA SER B 347 -18.46 7.68 7.68
C SER B 347 -17.67 7.12 8.85
N GLY B 348 -17.44 7.93 9.88
CA GLY B 348 -16.70 7.48 11.04
C GLY B 348 -15.20 7.69 10.88
N CYS B 349 -14.84 8.69 10.09
CA CYS B 349 -13.45 9.02 9.81
C CYS B 349 -13.08 10.40 10.38
N GLN B 350 -12.30 10.40 11.45
CA GLN B 350 -11.81 11.62 12.05
C GLN B 350 -10.75 12.33 11.18
N ASN B 351 -10.02 11.55 10.39
CA ASN B 351 -8.98 12.06 9.52
C ASN B 351 -8.81 11.17 8.29
N VAL B 352 -8.07 11.65 7.29
CA VAL B 352 -7.90 10.90 6.04
C VAL B 352 -7.16 9.55 6.19
N LYS B 353 -6.34 9.43 7.23
CA LYS B 353 -5.57 8.20 7.46
C LYS B 353 -6.46 7.01 7.83
N VAL B 354 -7.70 7.29 8.19
CA VAL B 354 -8.65 6.28 8.67
C VAL B 354 -9.52 5.74 7.55
N ILE B 355 -9.66 6.50 6.47
CA ILE B 355 -10.37 6.07 5.26
C ILE B 355 -9.77 4.75 4.75
N ASP B 356 -10.62 3.80 4.39
CA ASP B 356 -10.18 2.47 3.96
C ASP B 356 -11.12 1.84 2.94
N LYS B 357 -10.65 0.79 2.27
CA LYS B 357 -11.39 0.15 1.18
C LYS B 357 -12.77 -0.38 1.57
N THR B 358 -12.97 -0.69 2.85
CA THR B 358 -14.23 -1.29 3.27
C THR B 358 -15.38 -0.28 3.35
N LEU B 359 -15.07 1.00 3.15
CA LEU B 359 -16.09 2.06 3.11
C LEU B 359 -16.88 2.05 1.81
N VAL B 360 -16.37 1.38 0.80
CA VAL B 360 -17.03 1.34 -0.51
C VAL B 360 -17.15 -0.07 -1.09
N ARG B 361 -18.23 -0.28 -1.83
CA ARG B 361 -18.48 -1.52 -2.58
C ARG B 361 -19.28 -1.15 -3.83
N LYS B 362 -18.95 -1.79 -4.96
CA LYS B 362 -19.64 -1.47 -6.21
C LYS B 362 -20.88 -2.32 -6.46
N ASN B 363 -22.02 -1.63 -6.59
CA ASN B 363 -23.22 -2.25 -7.18
C ASN B 363 -23.05 -2.59 -8.71
N ARG C 4 29.88 -28.06 3.42
CA ARG C 4 28.93 -27.24 4.20
C ARG C 4 27.46 -27.66 4.01
N LEU C 5 27.23 -28.83 3.40
CA LEU C 5 25.88 -29.34 3.04
C LEU C 5 25.14 -28.47 2.01
N ILE C 6 24.27 -29.09 1.22
CA ILE C 6 23.73 -28.45 0.01
C ILE C 6 22.47 -27.60 0.22
N CYS C 7 21.48 -28.17 0.90
CA CYS C 7 20.23 -27.45 1.17
C CYS C 7 19.86 -27.45 2.65
N ILE C 8 18.80 -26.70 2.99
CA ILE C 8 18.33 -26.62 4.38
C ILE C 8 17.80 -27.97 4.92
N ASN C 9 17.09 -28.73 4.07
CA ASN C 9 16.55 -30.03 4.49
C ASN C 9 17.62 -31.01 5.00
N ASP C 10 18.79 -30.97 4.37
CA ASP C 10 19.93 -31.79 4.80
C ASP C 10 20.34 -31.48 6.23
N TYR C 11 20.25 -30.19 6.61
CA TYR C 11 20.61 -29.75 7.96
C TYR C 11 19.70 -30.32 9.05
N GLU C 12 18.39 -30.43 8.78
CA GLU C 12 17.48 -31.05 9.74
C GLU C 12 17.84 -32.50 9.99
N GLN C 13 18.08 -33.25 8.92
CA GLN C 13 18.43 -34.67 9.02
C GLN C 13 19.68 -34.96 9.86
N HIS C 14 20.72 -34.11 9.71
CA HIS C 14 21.91 -34.22 10.58
C HIS C 14 21.61 -33.86 12.04
N ALA C 15 20.79 -32.82 12.24
CA ALA C 15 20.34 -32.43 13.58
C ALA C 15 19.60 -33.57 14.27
N LYS C 16 18.80 -34.31 13.49
CA LYS C 16 18.12 -35.50 13.97
C LYS C 16 19.10 -36.54 14.54
N SER C 17 20.28 -36.67 13.92
CA SER C 17 21.34 -37.56 14.41
C SER C 17 22.02 -37.04 15.67
N VAL C 18 22.68 -35.89 15.58
CA VAL C 18 23.43 -35.31 16.71
C VAL C 18 22.62 -34.99 17.99
N LEU C 19 21.34 -34.70 17.86
CA LEU C 19 20.54 -34.33 19.03
C LEU C 19 19.74 -35.50 19.59
N PRO C 20 19.68 -35.62 20.93
CA PRO C 20 18.83 -36.65 21.54
C PRO C 20 17.35 -36.45 21.16
N LYS C 21 16.66 -37.55 20.87
CA LYS C 21 15.24 -37.49 20.43
C LYS C 21 14.43 -36.42 21.15
N SER C 22 14.57 -36.35 22.47
CA SER C 22 13.78 -35.43 23.30
C SER C 22 13.99 -33.95 22.96
N ILE C 23 15.22 -33.57 22.62
CA ILE C 23 15.52 -32.19 22.26
C ILE C 23 15.11 -31.92 20.81
N TYR C 24 15.46 -32.84 19.90
CA TYR C 24 15.05 -32.71 18.49
C TYR C 24 13.54 -32.61 18.34
N ASP C 25 12.81 -33.48 19.03
CA ASP C 25 11.34 -33.44 19.06
C ASP C 25 10.85 -32.05 19.48
N TYR C 26 11.41 -31.50 20.55
CA TYR C 26 11.03 -30.17 21.01
C TYR C 26 11.13 -29.09 19.91
N TYR C 27 12.22 -29.14 19.12
CA TYR C 27 12.45 -28.16 18.06
C TYR C 27 11.58 -28.39 16.83
N ARG C 28 11.35 -29.66 16.48
CA ARG C 28 10.63 -30.02 15.26
C ARG C 28 9.12 -29.84 15.38
N SER C 29 8.58 -30.18 16.55
CA SER C 29 7.13 -30.34 16.78
C SER C 29 6.25 -29.19 16.35
N GLY C 30 5.08 -29.53 15.84
CA GLY C 30 3.95 -28.61 15.72
C GLY C 30 2.96 -28.95 16.80
N ALA C 31 1.72 -28.47 16.67
CA ALA C 31 0.71 -28.71 17.69
C ALA C 31 -0.20 -29.87 17.29
N ASN C 32 -0.72 -30.59 18.27
CA ASN C 32 -1.66 -31.70 18.06
C ASN C 32 -1.29 -32.62 16.87
N ASP C 33 -2.12 -32.72 15.84
CA ASP C 33 -1.80 -33.63 14.72
C ASP C 33 -0.88 -33.06 13.63
N GLU C 34 -0.36 -31.86 13.88
CA GLU C 34 0.66 -31.24 13.03
C GLU C 34 0.21 -31.00 11.60
N GLU C 35 -1.07 -30.63 11.45
CA GLU C 35 -1.63 -30.32 10.13
C GLU C 35 -1.04 -29.04 9.52
N THR C 36 -1.00 -27.99 10.34
CA THR C 36 -0.47 -26.69 9.95
C THR C 36 1.04 -26.75 9.73
N LEU C 37 1.72 -27.60 10.51
CA LEU C 37 3.14 -27.83 10.33
C LEU C 37 3.46 -28.27 8.90
N ALA C 38 2.77 -29.31 8.42
CA ALA C 38 2.93 -29.76 7.03
C ALA C 38 2.49 -28.69 6.02
N ASP C 39 1.40 -27.98 6.34
CA ASP C 39 0.84 -26.95 5.47
C ASP C 39 1.72 -25.71 5.31
N ASN C 40 2.46 -25.34 6.36
CA ASN C 40 3.41 -24.23 6.24
C ASN C 40 4.40 -24.48 5.09
N ILE C 41 4.84 -25.74 4.93
CA ILE C 41 5.69 -26.12 3.81
C ILE C 41 4.88 -26.27 2.52
N ALA C 42 3.79 -27.05 2.55
CA ALA C 42 3.04 -27.39 1.33
C ALA C 42 2.52 -26.15 0.58
N ALA C 43 2.07 -25.16 1.34
CA ALA C 43 1.40 -24.01 0.75
C ALA C 43 2.32 -23.25 -0.20
N PHE C 44 3.63 -23.26 0.08
CA PHE C 44 4.58 -22.60 -0.80
C PHE C 44 4.56 -23.25 -2.18
N SER C 45 4.44 -24.57 -2.21
CA SER C 45 4.40 -25.33 -3.46
C SER C 45 3.18 -25.01 -4.30
N ARG C 46 2.10 -24.62 -3.66
CA ARG C 46 0.89 -24.26 -4.42
C ARG C 46 0.98 -22.86 -5.03
N TRP C 47 1.98 -22.07 -4.63
CA TRP C 47 2.16 -20.74 -5.21
C TRP C 47 3.15 -20.81 -6.35
N LYS C 48 2.67 -20.62 -7.58
CA LYS C 48 3.50 -20.83 -8.77
C LYS C 48 4.13 -19.53 -9.22
N LEU C 49 5.35 -19.61 -9.77
CA LEU C 49 6.08 -18.41 -10.20
C LEU C 49 5.95 -18.12 -11.69
N TYR C 50 5.80 -16.84 -12.01
CA TYR C 50 5.67 -16.35 -13.39
C TYR C 50 6.80 -15.38 -13.69
N PRO C 51 7.98 -15.91 -14.06
CA PRO C 51 9.16 -15.09 -14.25
C PRO C 51 9.08 -14.24 -15.52
N ARG C 52 9.55 -12.99 -15.43
CA ARG C 52 9.77 -12.18 -16.62
C ARG C 52 11.17 -12.45 -17.16
N MET C 53 11.30 -12.42 -18.48
CA MET C 53 12.57 -12.66 -19.14
C MET C 53 13.18 -11.36 -19.63
N LEU C 54 14.49 -11.39 -19.87
CA LEU C 54 15.19 -10.33 -20.59
C LEU C 54 15.12 -8.99 -19.87
N ARG C 55 15.45 -9.01 -18.59
CA ARG C 55 15.63 -7.81 -17.79
C ARG C 55 17.06 -7.87 -17.28
N ASN C 56 17.74 -6.73 -17.30
CA ASN C 56 19.12 -6.68 -16.83
C ASN C 56 19.19 -7.14 -15.37
N VAL C 57 19.73 -8.33 -15.16
CA VAL C 57 19.88 -8.90 -13.82
C VAL C 57 21.34 -9.17 -13.45
N ALA C 58 22.24 -8.32 -13.94
CA ALA C 58 23.69 -8.55 -13.81
C ALA C 58 24.23 -8.28 -12.42
N GLU C 59 23.83 -7.17 -11.80
CA GLU C 59 24.31 -6.85 -10.45
C GLU C 59 23.17 -7.03 -9.43
N THR C 60 22.79 -8.28 -9.18
CA THR C 60 21.63 -8.57 -8.34
C THR C 60 21.84 -8.12 -6.90
N ASP C 61 21.00 -7.17 -6.48
CA ASP C 61 21.10 -6.53 -5.17
C ASP C 61 19.97 -6.99 -4.24
N LEU C 62 20.33 -7.62 -3.13
CA LEU C 62 19.36 -8.24 -2.21
C LEU C 62 18.98 -7.38 -1.00
N SER C 63 19.66 -6.24 -0.86
CA SER C 63 19.47 -5.36 0.28
C SER C 63 18.09 -4.72 0.29
N THR C 64 17.56 -4.53 1.49
CA THR C 64 16.33 -3.79 1.74
C THR C 64 16.41 -3.29 3.20
N SER C 65 15.28 -2.95 3.80
CA SER C 65 15.29 -2.53 5.19
C SER C 65 14.08 -3.05 5.94
N VAL C 66 14.29 -3.29 7.23
CA VAL C 66 13.23 -3.72 8.13
C VAL C 66 12.99 -2.59 9.12
N LEU C 67 11.77 -2.06 9.11
CA LEU C 67 11.35 -0.96 10.02
C LEU C 67 12.37 0.18 10.07
N GLY C 68 12.81 0.64 8.90
CA GLY C 68 13.72 1.78 8.81
C GLY C 68 15.21 1.45 8.85
N GLN C 69 15.54 0.23 9.27
CA GLN C 69 16.96 -0.21 9.40
C GLN C 69 17.44 -1.06 8.23
N ARG C 70 18.60 -0.71 7.68
CA ARG C 70 19.19 -1.44 6.54
C ARG C 70 19.47 -2.88 6.93
N VAL C 71 19.13 -3.80 6.01
CA VAL C 71 19.57 -5.20 6.09
C VAL C 71 20.10 -5.67 4.73
N SER C 72 20.93 -6.70 4.75
CA SER C 72 21.61 -7.18 3.54
C SER C 72 20.74 -8.07 2.66
N MET C 73 19.66 -8.58 3.26
CA MET C 73 18.73 -9.48 2.59
C MET C 73 17.42 -9.50 3.39
N PRO C 74 16.29 -9.77 2.72
CA PRO C 74 14.99 -9.82 3.41
C PRO C 74 14.77 -11.17 4.13
N ILE C 75 15.82 -11.68 4.74
CA ILE C 75 15.79 -12.96 5.43
C ILE C 75 16.52 -12.75 6.75
N CYS C 76 15.77 -12.82 7.85
CA CYS C 76 16.26 -12.56 9.19
C CYS C 76 15.96 -13.72 10.12
N VAL C 77 16.64 -13.74 11.26
CA VAL C 77 16.49 -14.84 12.20
C VAL C 77 15.32 -14.58 13.13
N GLY C 78 14.39 -15.52 13.18
CA GLY C 78 13.23 -15.40 14.03
C GLY C 78 13.51 -15.88 15.43
N ALA C 79 12.59 -15.58 16.34
CA ALA C 79 12.68 -15.97 17.73
C ALA C 79 12.48 -17.46 17.92
N THR C 80 13.51 -18.15 18.43
CA THR C 80 13.38 -19.54 18.89
C THR C 80 14.03 -19.67 20.25
N ALA C 81 13.24 -20.01 21.26
CA ALA C 81 13.71 -20.13 22.64
C ALA C 81 14.77 -21.22 22.85
N MET C 82 15.59 -21.03 23.88
CA MET C 82 16.48 -22.07 24.41
C MET C 82 17.45 -22.66 23.38
N GLN C 83 18.22 -21.80 22.73
CA GLN C 83 19.13 -22.23 21.67
C GLN C 83 20.38 -22.98 22.15
N ARG C 84 20.70 -22.87 23.44
CA ARG C 84 21.86 -23.57 24.01
C ARG C 84 21.67 -25.10 24.09
N MET C 85 20.46 -25.58 23.87
CA MET C 85 20.23 -27.02 23.80
C MET C 85 20.75 -27.59 22.49
N ALA C 86 20.91 -26.73 21.49
CA ALA C 86 21.38 -27.16 20.18
C ALA C 86 22.89 -27.05 20.05
N HIS C 87 23.47 -26.05 20.73
CA HIS C 87 24.90 -25.79 20.68
C HIS C 87 25.30 -24.94 21.87
N VAL C 88 26.48 -25.25 22.43
CA VAL C 88 27.01 -24.58 23.62
C VAL C 88 26.93 -23.05 23.53
N ASP C 89 27.20 -22.51 22.34
CA ASP C 89 27.23 -21.07 22.13
C ASP C 89 25.84 -20.44 21.94
N GLY C 90 24.87 -21.29 21.55
CA GLY C 90 23.47 -20.89 21.38
C GLY C 90 23.23 -19.53 20.74
N GLU C 91 22.63 -18.62 21.51
CA GLU C 91 22.23 -17.31 21.01
C GLU C 91 23.40 -16.47 20.51
N LEU C 92 24.55 -16.60 21.17
CA LEU C 92 25.73 -15.81 20.84
C LEU C 92 26.28 -16.19 19.47
N ALA C 93 26.25 -17.49 19.16
CA ALA C 93 26.65 -17.99 17.85
C ALA C 93 25.75 -17.40 16.78
N THR C 94 24.44 -17.43 17.05
CA THR C 94 23.42 -16.91 16.15
C THR C 94 23.66 -15.43 15.81
N VAL C 95 23.75 -14.58 16.83
CA VAL C 95 23.89 -13.14 16.65
C VAL C 95 25.18 -12.79 15.92
N ARG C 96 26.23 -13.57 16.15
CA ARG C 96 27.51 -13.41 15.45
C ARG C 96 27.37 -13.69 13.96
N ALA C 97 26.64 -14.77 13.64
CA ALA C 97 26.37 -15.15 12.25
C ALA C 97 25.53 -14.09 11.55
N CYS C 98 24.59 -13.50 12.28
CA CYS C 98 23.80 -12.39 11.76
C CYS C 98 24.67 -11.18 11.49
N GLN C 99 25.61 -10.92 12.41
CA GLN C 99 26.55 -9.80 12.23
C GLN C 99 27.37 -9.98 10.95
N SER C 100 27.97 -11.16 10.77
CA SER C 100 28.69 -11.46 9.53
C SER C 100 27.85 -11.16 8.30
N LEU C 101 26.61 -11.64 8.27
CA LEU C 101 25.74 -11.54 7.09
C LEU C 101 25.06 -10.20 6.81
N GLY C 102 24.99 -9.31 7.81
CA GLY C 102 24.33 -8.02 7.63
C GLY C 102 22.81 -8.12 7.71
N THR C 103 22.32 -9.14 8.42
CA THR C 103 20.90 -9.27 8.69
C THR C 103 20.62 -9.15 10.18
N GLY C 104 19.34 -9.04 10.54
CA GLY C 104 18.96 -8.86 11.94
C GLY C 104 18.53 -10.13 12.64
N MET C 105 18.55 -10.09 13.96
CA MET C 105 18.14 -11.22 14.78
C MET C 105 17.04 -10.80 15.74
N MET C 106 15.99 -11.62 15.82
CA MET C 106 14.95 -11.46 16.82
C MET C 106 15.34 -12.31 18.01
N LEU C 107 15.65 -11.67 19.13
CA LEU C 107 16.03 -12.41 20.34
C LEU C 107 14.76 -12.90 21.00
N SER C 108 14.72 -14.21 21.24
CA SER C 108 13.53 -14.88 21.76
C SER C 108 13.36 -14.63 23.25
N SER C 109 12.11 -14.72 23.69
CA SER C 109 11.81 -14.82 25.10
C SER C 109 12.24 -16.23 25.50
N TRP C 110 12.64 -16.41 26.76
CA TRP C 110 13.22 -17.66 27.25
C TRP C 110 14.49 -18.06 26.49
N ALA C 111 15.25 -17.04 26.10
CA ALA C 111 16.55 -17.24 25.50
C ALA C 111 17.48 -17.74 26.59
N THR C 112 18.36 -18.67 26.23
CA THR C 112 19.40 -19.15 27.14
C THR C 112 20.60 -18.19 27.16
N SER C 113 20.32 -16.89 27.07
CA SER C 113 21.33 -15.83 27.09
C SER C 113 20.65 -14.50 27.43
N SER C 114 21.33 -13.65 28.19
CA SER C 114 20.75 -12.38 28.60
C SER C 114 20.77 -11.39 27.44
N ILE C 115 19.88 -10.38 27.51
CA ILE C 115 19.83 -9.31 26.52
C ILE C 115 21.21 -8.65 26.38
N GLU C 116 21.85 -8.38 27.53
CA GLU C 116 23.21 -7.80 27.55
C GLU C 116 24.23 -8.69 26.84
N GLU C 117 24.23 -9.97 27.17
CA GLU C 117 25.18 -10.93 26.59
C GLU C 117 25.12 -10.95 25.06
N VAL C 118 23.91 -10.91 24.51
CA VAL C 118 23.68 -10.97 23.08
C VAL C 118 24.18 -9.68 22.41
N ALA C 119 23.85 -8.53 23.00
CA ALA C 119 24.29 -7.24 22.49
C ALA C 119 25.83 -7.14 22.42
N GLU C 120 26.50 -7.70 23.43
CA GLU C 120 27.96 -7.72 23.50
C GLU C 120 28.57 -8.61 22.40
N ALA C 121 27.96 -9.76 22.16
CA ALA C 121 28.41 -10.71 21.14
C ALA C 121 28.29 -10.16 19.73
N GLY C 122 27.22 -9.38 19.49
CA GLY C 122 26.97 -8.79 18.17
C GLY C 122 26.54 -7.33 18.22
N PRO C 123 27.47 -6.43 18.60
CA PRO C 123 27.08 -5.04 18.82
C PRO C 123 26.63 -4.32 17.54
N GLU C 124 27.22 -4.69 16.40
CA GLU C 124 26.89 -4.02 15.13
C GLU C 124 25.82 -4.79 14.35
N ALA C 125 25.42 -5.94 14.89
CA ALA C 125 24.30 -6.71 14.31
C ALA C 125 22.98 -6.01 14.63
N LEU C 126 22.07 -5.98 13.66
CA LEU C 126 20.73 -5.48 13.91
C LEU C 126 20.00 -6.44 14.85
N ARG C 127 19.45 -5.93 15.95
CA ARG C 127 18.81 -6.79 16.95
C ARG C 127 17.42 -6.30 17.35
N TRP C 128 16.46 -7.22 17.43
CA TRP C 128 15.14 -6.91 17.94
C TRP C 128 14.82 -7.84 19.12
N LEU C 129 13.96 -7.36 20.03
CA LEU C 129 13.55 -8.19 21.17
C LEU C 129 12.11 -8.65 20.99
N GLN C 130 11.90 -9.97 21.07
CA GLN C 130 10.56 -10.56 21.04
C GLN C 130 10.15 -10.82 22.47
N LEU C 131 8.87 -10.56 22.75
CA LEU C 131 8.42 -10.28 24.10
C LEU C 131 6.98 -10.71 24.31
N TYR C 132 6.68 -11.16 25.53
CA TYR C 132 5.31 -11.33 25.97
C TYR C 132 4.95 -10.26 26.97
N ILE C 133 3.68 -9.92 27.05
CA ILE C 133 3.17 -9.15 28.18
C ILE C 133 2.89 -10.19 29.27
N TYR C 134 3.77 -10.21 30.27
CA TYR C 134 3.69 -11.19 31.36
C TYR C 134 2.74 -10.72 32.45
N LYS C 135 2.30 -11.67 33.28
CA LYS C 135 1.45 -11.34 34.43
C LYS C 135 2.05 -10.19 35.26
N ASP C 136 3.32 -10.33 35.66
CA ASP C 136 4.05 -9.21 36.26
C ASP C 136 4.44 -8.22 35.17
N ARG C 137 3.69 -7.11 35.11
CA ARG C 137 3.89 -6.08 34.09
C ARG C 137 5.26 -5.43 34.19
N GLU C 138 5.86 -5.55 35.37
CA GLU C 138 7.18 -4.99 35.65
C GLU C 138 8.30 -5.74 34.91
N VAL C 139 8.16 -7.05 34.77
CA VAL C 139 9.12 -7.86 34.02
C VAL C 139 9.16 -7.39 32.56
N THR C 140 7.97 -7.29 31.94
CA THR C 140 7.81 -6.78 30.57
C THR C 140 8.38 -5.36 30.44
N LYS C 141 8.23 -4.55 31.48
CA LYS C 141 8.76 -3.17 31.47
C LYS C 141 10.29 -3.15 31.53
N LYS C 142 10.89 -3.94 32.43
CA LYS C 142 12.35 -4.06 32.52
C LYS C 142 13.00 -4.53 31.22
N LEU C 143 12.37 -5.52 30.58
CA LEU C 143 12.85 -6.07 29.31
C LEU C 143 12.85 -5.02 28.19
N VAL C 144 11.80 -4.20 28.12
CA VAL C 144 11.75 -3.10 27.15
C VAL C 144 12.82 -2.05 27.46
N ARG C 145 12.99 -1.77 28.75
CA ARG C 145 14.00 -0.82 29.23
C ARG C 145 15.39 -1.25 28.79
N GLN C 146 15.71 -2.51 29.07
CA GLN C 146 17.01 -3.07 28.76
C GLN C 146 17.25 -3.11 27.24
N ALA C 147 16.18 -3.32 26.48
CA ALA C 147 16.24 -3.32 25.03
C ALA C 147 16.50 -1.92 24.47
N GLU C 148 15.91 -0.90 25.09
CA GLU C 148 16.17 0.49 24.72
C GLU C 148 17.64 0.83 24.99
N LYS C 149 18.13 0.39 26.16
CA LYS C 149 19.49 0.64 26.60
C LYS C 149 20.56 -0.08 25.77
N MET C 150 20.25 -1.30 25.34
CA MET C 150 21.26 -2.17 24.74
C MET C 150 21.25 -2.20 23.21
N GLY C 151 20.65 -1.18 22.61
CA GLY C 151 20.74 -0.98 21.17
C GLY C 151 19.86 -1.85 20.30
N TYR C 152 18.80 -2.41 20.90
CA TYR C 152 17.79 -3.17 20.17
C TYR C 152 16.82 -2.21 19.47
N LYS C 153 16.46 -2.52 18.23
CA LYS C 153 15.79 -1.54 17.36
C LYS C 153 14.29 -1.70 17.18
N ALA C 154 13.72 -2.75 17.80
CA ALA C 154 12.28 -2.94 17.81
C ALA C 154 11.85 -3.94 18.87
N ILE C 155 10.58 -3.84 19.27
CA ILE C 155 9.96 -4.84 20.11
C ILE C 155 8.96 -5.65 19.29
N PHE C 156 9.08 -6.97 19.30
CA PHE C 156 8.10 -7.85 18.67
C PHE C 156 7.24 -8.45 19.78
N VAL C 157 5.98 -8.00 19.87
CA VAL C 157 5.05 -8.57 20.87
C VAL C 157 4.30 -9.78 20.29
N THR C 158 4.54 -10.94 20.88
CA THR C 158 3.82 -12.17 20.50
C THR C 158 2.42 -12.19 21.14
N VAL C 159 1.40 -12.27 20.28
CA VAL C 159 0.00 -12.15 20.69
C VAL C 159 -0.79 -13.47 20.56
N ASP C 160 -0.12 -14.54 20.17
CA ASP C 160 -0.84 -15.80 19.88
C ASP C 160 -0.60 -16.90 20.91
N THR C 161 -0.19 -16.51 22.12
CA THR C 161 0.11 -17.49 23.16
C THR C 161 -0.49 -17.12 24.53
N PRO C 162 -1.84 -17.09 24.63
CA PRO C 162 -2.45 -16.90 25.95
C PRO C 162 -2.15 -18.11 26.83
N TYR C 163 -2.04 -19.28 26.19
CA TYR C 163 -1.55 -20.49 26.83
C TYR C 163 -0.65 -21.19 25.82
N LEU C 164 0.13 -22.17 26.27
CA LEU C 164 1.00 -22.89 25.37
C LEU C 164 0.21 -23.91 24.55
N GLY C 165 0.61 -24.08 23.29
CA GLY C 165 0.03 -25.11 22.44
C GLY C 165 0.27 -26.50 23.01
N ASN C 166 -0.50 -27.47 22.53
CA ASN C 166 -0.38 -28.86 22.97
C ASN C 166 0.45 -29.70 21.99
N ARG C 167 1.75 -29.79 22.25
CA ARG C 167 2.69 -30.51 21.39
C ARG C 167 2.85 -31.94 21.88
N LEU C 168 2.19 -32.87 21.19
CA LEU C 168 2.08 -34.26 21.66
C LEU C 168 3.43 -34.91 22.01
N ASP C 169 4.47 -34.60 21.24
CA ASP C 169 5.81 -35.15 21.46
C ASP C 169 6.44 -34.74 22.79
N ASP C 170 6.19 -33.50 23.21
CA ASP C 170 6.73 -32.97 24.46
C ASP C 170 6.16 -33.61 25.73
N VAL C 171 4.92 -34.12 25.64
CA VAL C 171 4.32 -34.81 26.78
C VAL C 171 4.73 -36.30 26.83
N ARG C 172 4.67 -36.97 25.68
CA ARG C 172 5.10 -38.38 25.54
C ARG C 172 6.41 -38.67 26.28
N ASN C 173 7.40 -37.81 26.08
CA ASN C 173 8.66 -37.87 26.81
C ASN C 173 8.75 -36.56 27.58
N ARG C 174 8.61 -36.61 28.92
CA ARG C 174 8.64 -35.37 29.71
C ARG C 174 9.98 -34.65 29.57
N PHE C 175 9.89 -33.31 29.57
CA PHE C 175 10.96 -32.48 29.04
C PHE C 175 11.42 -31.42 30.05
N GLY C 204 5.90 -30.02 33.44
CA GLY C 204 6.10 -29.80 31.97
C GLY C 204 6.30 -28.33 31.61
N LEU C 205 6.40 -28.07 30.30
CA LEU C 205 6.66 -26.73 29.76
C LEU C 205 5.44 -25.81 29.84
N ALA C 206 4.24 -26.39 29.81
CA ALA C 206 2.98 -25.64 29.80
C ALA C 206 2.64 -24.91 31.10
N ALA C 207 3.12 -25.45 32.24
CA ALA C 207 2.85 -24.89 33.58
C ALA C 207 3.61 -23.58 33.83
N TYR C 208 4.86 -23.53 33.36
CA TYR C 208 5.72 -22.33 33.47
C TYR C 208 5.11 -21.17 32.69
N VAL C 209 4.45 -21.51 31.58
CA VAL C 209 3.80 -20.55 30.69
C VAL C 209 2.57 -19.96 31.37
N ALA C 210 1.79 -20.82 32.02
CA ALA C 210 0.58 -20.41 32.72
C ALA C 210 0.89 -19.56 33.95
N LYS C 211 2.07 -19.77 34.52
CA LYS C 211 2.55 -18.97 35.64
C LYS C 211 3.03 -17.59 35.18
N ALA C 212 3.77 -17.55 34.07
CA ALA C 212 4.37 -16.31 33.56
C ALA C 212 3.46 -15.47 32.63
N ILE C 213 2.85 -16.14 31.65
CA ILE C 213 2.15 -15.44 30.57
C ILE C 213 0.70 -15.14 30.88
N ASP C 214 0.33 -13.87 30.72
CA ASP C 214 -0.98 -13.34 31.12
C ASP C 214 -2.06 -13.57 30.05
N PRO C 215 -2.95 -14.55 30.27
CA PRO C 215 -3.93 -14.92 29.25
C PRO C 215 -5.08 -13.92 29.14
N SER C 216 -5.07 -12.87 29.94
CA SER C 216 -6.19 -11.95 29.98
C SER C 216 -5.98 -10.71 29.12
N ILE C 217 -4.77 -10.57 28.58
CA ILE C 217 -4.39 -9.35 27.87
C ILE C 217 -5.25 -9.06 26.64
N SER C 218 -5.48 -7.77 26.41
CA SER C 218 -6.37 -7.31 25.39
C SER C 218 -5.69 -6.20 24.60
N TRP C 219 -6.44 -5.49 23.77
CA TRP C 219 -5.89 -4.37 23.03
C TRP C 219 -5.57 -3.20 23.96
N GLU C 220 -6.17 -3.20 25.16
CA GLU C 220 -5.89 -2.22 26.19
C GLU C 220 -4.45 -2.36 26.74
N ASP C 221 -3.99 -3.61 26.85
CA ASP C 221 -2.59 -3.89 27.23
C ASP C 221 -1.60 -3.54 26.11
N ILE C 222 -2.08 -3.55 24.86
CA ILE C 222 -1.27 -3.06 23.75
C ILE C 222 -1.13 -1.54 23.81
N LYS C 223 -2.23 -0.84 24.13
CA LYS C 223 -2.18 0.60 24.39
C LYS C 223 -1.10 0.94 25.41
N TRP C 224 -1.09 0.18 26.51
CA TRP C 224 -0.08 0.31 27.55
C TRP C 224 1.34 0.13 27.03
N LEU C 225 1.56 -0.92 26.23
CA LEU C 225 2.87 -1.14 25.61
C LEU C 225 3.26 -0.02 24.64
N ARG C 226 2.29 0.53 23.91
CA ARG C 226 2.58 1.60 22.95
C ARG C 226 3.12 2.83 23.67
N ARG C 227 2.44 3.25 24.74
CA ARG C 227 2.85 4.39 25.57
C ARG C 227 4.18 4.18 26.28
N LEU C 228 4.57 2.91 26.40
CA LEU C 228 5.72 2.52 27.20
C LEU C 228 7.06 2.73 26.50
N THR C 229 7.05 2.87 25.17
CA THR C 229 8.29 3.02 24.38
C THR C 229 8.01 3.64 23.02
N SER C 230 8.98 4.41 22.52
CA SER C 230 8.90 4.98 21.18
C SER C 230 9.57 4.07 20.13
N LEU C 231 10.13 2.95 20.58
CA LEU C 231 10.67 1.94 19.68
C LEU C 231 9.55 1.38 18.78
N PRO C 232 9.89 1.04 17.51
CA PRO C 232 8.88 0.39 16.65
C PRO C 232 8.38 -0.91 17.29
N ILE C 233 7.07 -1.08 17.37
CA ILE C 233 6.50 -2.33 17.88
C ILE C 233 5.83 -3.13 16.76
N VAL C 234 6.06 -4.45 16.75
CA VAL C 234 5.48 -5.34 15.74
C VAL C 234 4.65 -6.45 16.39
N ALA C 235 3.39 -6.54 15.99
CA ALA C 235 2.48 -7.59 16.47
C ALA C 235 2.83 -8.91 15.78
N LYS C 236 3.32 -9.86 16.57
CA LYS C 236 3.74 -11.14 16.03
C LYS C 236 2.68 -12.22 16.28
N GLY C 237 2.17 -12.82 15.20
CA GLY C 237 1.17 -13.87 15.29
C GLY C 237 -0.25 -13.52 14.88
N ILE C 238 -0.43 -12.41 14.17
CA ILE C 238 -1.73 -12.06 13.62
C ILE C 238 -2.02 -12.97 12.43
N LEU C 239 -3.23 -13.52 12.38
CA LEU C 239 -3.66 -14.37 11.26
C LEU C 239 -4.88 -13.84 10.53
N ARG C 240 -5.46 -12.74 11.04
CA ARG C 240 -6.72 -12.20 10.55
C ARG C 240 -6.61 -10.76 10.04
N GLY C 241 -7.41 -10.42 9.02
CA GLY C 241 -7.42 -9.07 8.47
C GLY C 241 -7.88 -8.03 9.47
N ASP C 242 -8.93 -8.36 10.23
CA ASP C 242 -9.48 -7.41 11.21
C ASP C 242 -8.52 -7.12 12.36
N ASP C 243 -7.89 -8.15 12.90
CA ASP C 243 -6.85 -8.00 13.92
C ASP C 243 -5.70 -7.13 13.41
N ALA C 244 -5.37 -7.30 12.13
CA ALA C 244 -4.34 -6.52 11.49
C ALA C 244 -4.71 -5.04 11.48
N ARG C 245 -5.92 -4.71 11.04
CA ARG C 245 -6.41 -3.32 11.06
C ARG C 245 -6.37 -2.77 12.48
N GLU C 246 -6.74 -3.60 13.44
CA GLU C 246 -6.73 -3.20 14.84
C GLU C 246 -5.32 -2.86 15.31
N ALA C 247 -4.33 -3.63 14.88
CA ALA C 247 -2.94 -3.31 15.23
C ALA C 247 -2.56 -1.95 14.68
N VAL C 248 -2.97 -1.66 13.46
CA VAL C 248 -2.69 -0.37 12.83
C VAL C 248 -3.32 0.77 13.62
N LYS C 249 -4.60 0.62 13.94
CA LYS C 249 -5.35 1.61 14.73
C LYS C 249 -4.72 1.90 16.09
N HIS C 250 -4.11 0.89 16.71
CA HIS C 250 -3.47 1.09 18.01
C HIS C 250 -2.04 1.61 17.91
N GLY C 251 -1.63 2.01 16.71
CA GLY C 251 -0.32 2.67 16.52
C GLY C 251 0.91 1.78 16.46
N LEU C 252 0.71 0.49 16.19
CA LEU C 252 1.83 -0.44 16.03
C LEU C 252 2.51 -0.26 14.67
N ASN C 253 3.75 -0.71 14.55
CA ASN C 253 4.59 -0.37 13.40
C ASN C 253 4.74 -1.49 12.36
N GLY C 254 4.07 -2.61 12.61
CA GLY C 254 4.17 -3.77 11.73
C GLY C 254 3.37 -5.00 12.15
N ILE C 255 3.14 -5.89 11.20
CA ILE C 255 2.50 -7.16 11.50
C ILE C 255 3.45 -8.29 11.11
N LEU C 256 3.72 -9.19 12.04
CA LEU C 256 4.39 -10.43 11.67
C LEU C 256 3.34 -11.53 11.51
N VAL C 257 3.02 -11.82 10.24
CA VAL C 257 2.10 -12.90 9.91
C VAL C 257 2.80 -14.21 10.26
N SER C 258 2.33 -14.83 11.33
CA SER C 258 2.97 -16.02 11.90
C SER C 258 1.92 -16.91 12.56
N ASN C 259 2.11 -18.22 12.44
CA ASN C 259 1.33 -19.18 13.25
C ASN C 259 2.20 -19.87 14.31
N HIS C 260 3.25 -19.18 14.74
CA HIS C 260 4.12 -19.64 15.85
C HIS C 260 4.80 -20.97 15.50
N GLY C 261 5.19 -21.12 14.23
CA GLY C 261 5.83 -22.34 13.75
C GLY C 261 4.89 -23.53 13.74
N ALA C 262 3.59 -23.24 13.66
CA ALA C 262 2.52 -24.27 13.72
C ALA C 262 2.44 -24.92 15.09
N ARG C 263 2.80 -24.17 16.14
CA ARG C 263 3.02 -24.76 17.46
C ARG C 263 1.93 -24.41 18.48
N GLN C 264 1.00 -23.56 18.08
CA GLN C 264 -0.10 -23.13 18.94
C GLN C 264 -1.43 -23.81 18.57
N LEU C 265 -2.24 -23.13 17.75
CA LEU C 265 -3.54 -23.65 17.34
C LEU C 265 -3.37 -24.41 16.05
N ASP C 266 -3.50 -25.74 16.12
CA ASP C 266 -3.35 -26.57 14.92
C ASP C 266 -4.62 -26.50 14.07
N GLY C 267 -4.44 -26.41 12.76
CA GLY C 267 -5.57 -26.34 11.85
C GLY C 267 -5.80 -24.93 11.35
N VAL C 268 -4.89 -24.02 11.67
CA VAL C 268 -4.90 -22.69 11.09
C VAL C 268 -4.26 -22.78 9.70
N PRO C 269 -4.54 -21.81 8.81
CA PRO C 269 -3.88 -21.82 7.52
C PRO C 269 -2.37 -21.62 7.60
N ALA C 270 -1.70 -22.01 6.52
CA ALA C 270 -0.30 -21.69 6.30
C ALA C 270 -0.15 -20.19 6.18
N THR C 271 0.96 -19.66 6.70
CA THR C 271 1.16 -18.21 6.74
C THR C 271 1.18 -17.59 5.34
N ILE C 272 1.78 -18.28 4.38
CA ILE C 272 1.83 -17.80 3.00
C ILE C 272 0.42 -17.67 2.41
N ASP C 273 -0.54 -18.43 2.94
CA ASP C 273 -1.92 -18.38 2.46
C ASP C 273 -2.68 -17.19 3.03
N VAL C 274 -2.42 -16.85 4.29
CA VAL C 274 -3.08 -15.71 4.93
C VAL C 274 -2.42 -14.37 4.64
N LEU C 275 -1.15 -14.40 4.24
CA LEU C 275 -0.38 -13.18 3.91
C LEU C 275 -1.08 -12.16 2.99
N PRO C 276 -1.65 -12.60 1.85
CA PRO C 276 -2.29 -11.59 0.98
C PRO C 276 -3.42 -10.82 1.67
N GLU C 277 -4.28 -11.55 2.39
CA GLU C 277 -5.38 -10.94 3.16
C GLU C 277 -4.85 -9.92 4.17
N ILE C 278 -3.77 -10.25 4.87
CA ILE C 278 -3.17 -9.30 5.79
C ILE C 278 -2.53 -8.12 5.04
N VAL C 279 -1.75 -8.38 4.00
CA VAL C 279 -1.19 -7.29 3.19
C VAL C 279 -2.28 -6.33 2.75
N GLU C 280 -3.35 -6.88 2.17
CA GLU C 280 -4.46 -6.07 1.69
C GLU C 280 -5.14 -5.26 2.82
N ALA C 281 -5.39 -5.92 3.95
CA ALA C 281 -6.06 -5.29 5.10
C ALA C 281 -5.29 -4.10 5.68
N VAL C 282 -3.97 -4.13 5.54
CA VAL C 282 -3.09 -3.14 6.13
C VAL C 282 -2.92 -1.91 5.22
N GLU C 283 -3.31 -2.07 3.95
CA GLU C 283 -3.30 -0.99 2.93
C GLU C 283 -2.01 -0.15 2.88
N GLY C 284 -0.88 -0.80 3.11
CA GLY C 284 0.43 -0.14 3.03
C GLY C 284 0.78 0.78 4.18
N LYS C 285 -0.04 0.81 5.22
CA LYS C 285 0.19 1.71 6.34
C LYS C 285 1.30 1.27 7.28
N VAL C 286 1.54 -0.05 7.36
CA VAL C 286 2.72 -0.60 8.07
C VAL C 286 3.37 -1.73 7.28
N GLU C 287 4.62 -2.04 7.61
CA GLU C 287 5.31 -3.18 7.02
C GLU C 287 4.71 -4.49 7.51
N VAL C 288 4.60 -5.46 6.60
CA VAL C 288 4.12 -6.80 6.92
C VAL C 288 5.28 -7.76 6.73
N PHE C 289 5.48 -8.65 7.70
CA PHE C 289 6.51 -9.69 7.60
C PHE C 289 5.87 -11.08 7.66
N LEU C 290 6.65 -12.12 7.31
CA LEU C 290 6.17 -13.51 7.36
C LEU C 290 7.20 -14.45 7.96
N ASP C 291 6.75 -15.40 8.77
CA ASP C 291 7.57 -16.53 9.14
C ASP C 291 6.72 -17.79 9.02
N GLY C 292 7.33 -18.96 9.16
CA GLY C 292 6.59 -20.24 9.11
C GLY C 292 6.71 -20.92 7.76
N GLY C 293 7.57 -21.94 7.69
CA GLY C 293 7.75 -22.70 6.45
C GLY C 293 8.85 -22.28 5.49
N VAL C 294 9.54 -21.18 5.77
CA VAL C 294 10.59 -20.70 4.88
C VAL C 294 11.84 -21.60 4.95
N ARG C 295 12.18 -22.21 3.81
CA ARG C 295 13.30 -23.17 3.71
C ARG C 295 14.08 -23.04 2.40
N LYS C 296 13.49 -22.38 1.41
CA LYS C 296 14.13 -22.26 0.09
C LYS C 296 14.13 -20.81 -0.36
N GLY C 297 15.02 -20.46 -1.27
CA GLY C 297 15.07 -19.09 -1.81
C GLY C 297 13.76 -18.66 -2.44
N THR C 298 13.15 -19.55 -3.21
CA THR C 298 11.88 -19.26 -3.85
C THR C 298 10.74 -19.02 -2.84
N ASP C 299 10.87 -19.58 -1.63
CA ASP C 299 9.92 -19.26 -0.56
C ASP C 299 9.92 -17.77 -0.26
N VAL C 300 11.12 -17.21 -0.14
CA VAL C 300 11.32 -15.80 0.18
C VAL C 300 10.79 -14.93 -0.94
N LEU C 301 11.03 -15.35 -2.17
CA LEU C 301 10.57 -14.62 -3.35
C LEU C 301 9.04 -14.53 -3.41
N LYS C 302 8.34 -15.63 -3.16
CA LYS C 302 6.88 -15.66 -3.18
C LYS C 302 6.29 -14.79 -2.07
N ALA C 303 6.85 -14.91 -0.85
CA ALA C 303 6.41 -14.07 0.27
C ALA C 303 6.48 -12.59 -0.09
N LEU C 304 7.61 -12.16 -0.64
CA LEU C 304 7.80 -10.77 -1.05
C LEU C 304 6.87 -10.38 -2.20
N ALA C 305 6.69 -11.28 -3.18
CA ALA C 305 5.78 -10.98 -4.28
C ALA C 305 4.39 -10.67 -3.74
N LEU C 306 3.98 -11.43 -2.73
CA LEU C 306 2.66 -11.30 -2.12
C LEU C 306 2.56 -10.10 -1.16
N GLY C 307 3.67 -9.40 -0.96
CA GLY C 307 3.63 -8.11 -0.28
C GLY C 307 4.41 -8.00 1.00
N ALA C 308 5.01 -9.10 1.47
CA ALA C 308 5.90 -9.05 2.64
C ALA C 308 7.14 -8.24 2.36
N LYS C 309 7.60 -7.50 3.37
CA LYS C 309 8.82 -6.72 3.30
C LYS C 309 10.05 -7.62 3.52
N ALA C 310 9.91 -8.62 4.40
CA ALA C 310 10.97 -9.56 4.75
C ALA C 310 10.38 -10.82 5.36
N VAL C 311 11.18 -11.89 5.47
CA VAL C 311 10.73 -13.14 6.10
C VAL C 311 11.63 -13.52 7.28
N PHE C 312 11.09 -14.30 8.20
CA PHE C 312 11.87 -14.76 9.35
C PHE C 312 11.98 -16.27 9.33
N VAL C 313 13.14 -16.80 9.67
CA VAL C 313 13.30 -18.25 9.74
C VAL C 313 13.50 -18.69 11.16
N GLY C 314 12.77 -19.71 11.59
CA GLY C 314 12.90 -20.26 12.94
C GLY C 314 13.81 -21.49 12.96
N ARG C 315 13.21 -22.65 12.70
CA ARG C 315 13.88 -23.94 12.80
C ARG C 315 15.19 -24.11 12.03
N PRO C 316 15.30 -23.55 10.81
CA PRO C 316 16.57 -23.77 10.10
C PRO C 316 17.80 -23.21 10.82
N ILE C 317 17.61 -22.15 11.59
CA ILE C 317 18.70 -21.59 12.40
C ILE C 317 19.13 -22.59 13.46
N VAL C 318 18.15 -23.20 14.12
CA VAL C 318 18.44 -24.21 15.14
C VAL C 318 19.15 -25.42 14.51
N TRP C 319 18.75 -25.82 13.31
CA TRP C 319 19.42 -26.91 12.61
C TRP C 319 20.86 -26.53 12.25
N GLY C 320 21.05 -25.29 11.80
CA GLY C 320 22.39 -24.72 11.61
C GLY C 320 23.22 -24.79 12.89
N LEU C 321 22.63 -24.29 13.97
CA LEU C 321 23.28 -24.31 15.28
C LEU C 321 23.76 -25.72 15.67
N ALA C 322 22.89 -26.71 15.49
CA ALA C 322 23.19 -28.06 15.95
C ALA C 322 24.23 -28.77 15.09
N PHE C 323 24.40 -28.33 13.84
CA PHE C 323 25.43 -28.90 12.99
C PHE C 323 26.82 -28.35 13.31
N GLN C 324 26.97 -27.03 13.29
CA GLN C 324 28.27 -26.40 13.47
C GLN C 324 28.25 -25.04 14.17
N GLY C 325 27.35 -24.87 15.14
CA GLY C 325 27.24 -23.62 15.89
C GLY C 325 27.18 -22.40 14.99
N GLU C 326 28.08 -21.46 15.22
CA GLU C 326 28.10 -20.20 14.49
C GLU C 326 28.27 -20.41 12.98
N LYS C 327 29.24 -21.24 12.58
CA LYS C 327 29.47 -21.47 11.15
C LYS C 327 28.26 -22.13 10.52
N GLY C 328 27.61 -23.02 11.27
CA GLY C 328 26.38 -23.70 10.84
C GLY C 328 25.25 -22.72 10.52
N VAL C 329 25.09 -21.71 11.37
CA VAL C 329 24.05 -20.70 11.19
C VAL C 329 24.37 -19.79 10.01
N GLN C 330 25.63 -19.40 9.90
CA GLN C 330 26.10 -18.60 8.77
C GLN C 330 25.89 -19.37 7.45
N ASP C 331 26.17 -20.67 7.49
CA ASP C 331 25.98 -21.56 6.34
C ASP C 331 24.53 -21.59 5.89
N VAL C 332 23.61 -21.83 6.84
CA VAL C 332 22.17 -21.83 6.55
C VAL C 332 21.74 -20.52 5.91
N LEU C 333 22.18 -19.39 6.47
CA LEU C 333 21.77 -18.09 5.99
C LEU C 333 22.33 -17.80 4.61
N GLU C 334 23.52 -18.32 4.32
CA GLU C 334 24.15 -18.03 3.04
C GLU C 334 23.54 -18.86 1.93
N ILE C 335 23.13 -20.07 2.29
CA ILE C 335 22.37 -20.94 1.37
C ILE C 335 21.07 -20.23 0.99
N LEU C 336 20.34 -19.75 1.99
CA LEU C 336 19.13 -18.96 1.77
C LEU C 336 19.43 -17.73 0.94
N LYS C 337 20.55 -17.07 1.20
CA LYS C 337 20.91 -15.88 0.45
C LYS C 337 21.17 -16.17 -1.04
N GLU C 338 21.99 -17.16 -1.34
CA GLU C 338 22.30 -17.43 -2.76
C GLU C 338 21.13 -18.03 -3.54
N GLU C 339 20.38 -18.91 -2.87
CA GLU C 339 19.12 -19.43 -3.39
C GLU C 339 18.14 -18.30 -3.73
N PHE C 340 18.05 -17.32 -2.84
CA PHE C 340 17.19 -16.17 -3.07
C PHE C 340 17.73 -15.29 -4.19
N ARG C 341 19.04 -15.05 -4.19
CA ARG C 341 19.68 -14.28 -5.27
C ARG C 341 19.34 -14.87 -6.65
N LEU C 342 19.58 -16.17 -6.80
CA LEU C 342 19.30 -16.89 -8.05
C LEU C 342 17.83 -16.89 -8.45
N ALA C 343 16.94 -17.05 -7.47
CA ALA C 343 15.50 -17.01 -7.71
C ALA C 343 15.08 -15.63 -8.23
N MET C 344 15.65 -14.58 -7.66
CA MET C 344 15.35 -13.21 -8.08
C MET C 344 15.87 -12.94 -9.48
N ALA C 345 17.09 -13.41 -9.74
CA ALA C 345 17.72 -13.26 -11.04
C ALA C 345 16.88 -13.96 -12.12
N LEU C 346 16.52 -15.21 -11.87
CA LEU C 346 15.75 -16.01 -12.80
C LEU C 346 14.32 -15.49 -12.98
N SER C 347 13.84 -14.67 -12.04
CA SER C 347 12.51 -14.06 -12.13
C SER C 347 12.52 -12.76 -12.92
N GLY C 348 13.74 -12.22 -13.12
CA GLY C 348 13.90 -10.96 -13.82
C GLY C 348 13.88 -9.81 -12.85
N CYS C 349 14.30 -10.05 -11.62
CA CYS C 349 14.36 -9.01 -10.60
C CYS C 349 15.80 -8.68 -10.20
N GLN C 350 16.28 -7.50 -10.58
CA GLN C 350 17.63 -7.02 -10.22
C GLN C 350 17.74 -6.63 -8.74
N ASN C 351 16.64 -6.12 -8.19
CA ASN C 351 16.57 -5.75 -6.78
C ASN C 351 15.15 -5.99 -6.25
N VAL C 352 15.00 -5.95 -4.92
CA VAL C 352 13.73 -6.29 -4.28
C VAL C 352 12.57 -5.34 -4.60
N LYS C 353 12.87 -4.14 -5.08
CA LYS C 353 11.83 -3.14 -5.39
C LYS C 353 11.10 -3.46 -6.69
N VAL C 354 11.68 -4.34 -7.50
CA VAL C 354 11.10 -4.73 -8.80
C VAL C 354 10.13 -5.91 -8.65
N ILE C 355 10.21 -6.61 -7.52
CA ILE C 355 9.29 -7.70 -7.19
C ILE C 355 7.85 -7.16 -7.12
N ASP C 356 6.92 -7.88 -7.73
CA ASP C 356 5.49 -7.49 -7.71
C ASP C 356 4.58 -8.71 -7.73
N LYS C 357 3.29 -8.47 -7.46
CA LYS C 357 2.28 -9.53 -7.35
C LYS C 357 2.11 -10.40 -8.59
N THR C 358 2.47 -9.88 -9.77
CA THR C 358 2.33 -10.64 -11.01
C THR C 358 3.27 -11.86 -11.08
N LEU C 359 4.28 -11.89 -10.22
CA LEU C 359 5.23 -13.01 -10.14
C LEU C 359 4.62 -14.30 -9.57
N VAL C 360 3.49 -14.16 -8.88
CA VAL C 360 2.85 -15.32 -8.24
C VAL C 360 1.38 -15.47 -8.61
N ARG C 361 0.95 -16.72 -8.73
CA ARG C 361 -0.46 -17.06 -8.83
C ARG C 361 -0.70 -18.37 -8.11
N LYS C 362 -1.85 -18.50 -7.46
CA LYS C 362 -2.14 -19.71 -6.68
C LYS C 362 -2.91 -20.76 -7.48
N ASN C 363 -2.34 -21.97 -7.52
CA ASN C 363 -3.07 -23.16 -8.01
C ASN C 363 -4.18 -23.66 -6.98
N ARG D 4 8.66 -49.66 34.84
CA ARG D 4 9.81 -50.48 35.34
C ARG D 4 10.49 -51.34 34.25
N LEU D 5 9.81 -51.54 33.12
CA LEU D 5 10.31 -52.36 31.98
C LEU D 5 10.52 -53.82 32.38
N ILE D 6 10.40 -54.74 31.41
CA ILE D 6 10.33 -56.18 31.75
C ILE D 6 11.63 -56.98 31.61
N CYS D 7 12.41 -56.72 30.57
CA CYS D 7 13.72 -57.36 30.42
C CYS D 7 14.79 -56.35 30.04
N ILE D 8 16.04 -56.79 30.00
CA ILE D 8 17.16 -55.89 29.70
C ILE D 8 17.11 -55.32 28.28
N ASN D 9 16.62 -56.12 27.33
CA ASN D 9 16.48 -55.69 25.93
C ASN D 9 15.60 -54.45 25.72
N ASP D 10 14.61 -54.29 26.60
CA ASP D 10 13.76 -53.11 26.66
C ASP D 10 14.57 -51.86 27.03
N TYR D 11 15.50 -52.01 27.99
CA TYR D 11 16.31 -50.88 28.47
C TYR D 11 17.22 -50.29 27.40
N GLU D 12 17.78 -51.14 26.54
CA GLU D 12 18.61 -50.68 25.44
C GLU D 12 17.78 -49.90 24.41
N GLN D 13 16.58 -50.40 24.14
CA GLN D 13 15.63 -49.74 23.23
C GLN D 13 15.31 -48.34 23.72
N HIS D 14 15.07 -48.21 25.03
CA HIS D 14 14.79 -46.90 25.63
C HIS D 14 16.02 -45.98 25.65
N ALA D 15 17.19 -46.54 25.89
CA ALA D 15 18.42 -45.76 25.90
C ALA D 15 18.72 -45.21 24.52
N LYS D 16 18.39 -46.01 23.50
CA LYS D 16 18.53 -45.62 22.11
C LYS D 16 17.75 -44.33 21.80
N SER D 17 16.53 -44.22 22.36
CA SER D 17 15.72 -42.98 22.28
C SER D 17 16.34 -41.80 23.02
N VAL D 18 16.44 -41.93 24.34
CA VAL D 18 16.87 -40.84 25.21
C VAL D 18 18.28 -40.31 24.90
N LEU D 19 19.16 -41.20 24.43
CA LEU D 19 20.55 -40.81 24.18
C LEU D 19 20.77 -40.30 22.75
N PRO D 20 21.65 -39.30 22.59
CA PRO D 20 22.01 -38.85 21.24
C PRO D 20 22.79 -39.95 20.50
N LYS D 21 22.49 -40.15 19.22
CA LYS D 21 23.15 -41.16 18.39
C LYS D 21 24.61 -41.36 18.77
N SER D 22 25.36 -40.26 18.76
CA SER D 22 26.79 -40.22 19.04
C SER D 22 27.18 -40.99 20.32
N ILE D 23 26.42 -40.78 21.39
CA ILE D 23 26.71 -41.38 22.70
C ILE D 23 26.21 -42.84 22.78
N TYR D 24 25.00 -43.07 22.27
CA TYR D 24 24.47 -44.43 22.20
C TYR D 24 25.43 -45.34 21.43
N ASP D 25 25.93 -44.86 20.29
CA ASP D 25 26.83 -45.65 19.45
C ASP D 25 28.11 -45.99 20.20
N TYR D 26 28.66 -45.02 20.93
CA TYR D 26 29.84 -45.32 21.72
C TYR D 26 29.61 -46.53 22.66
N TYR D 27 28.50 -46.51 23.39
CA TYR D 27 28.21 -47.56 24.37
C TYR D 27 27.89 -48.90 23.72
N ARG D 28 27.28 -48.87 22.55
CA ARG D 28 26.76 -50.06 21.91
C ARG D 28 27.83 -50.79 21.06
N SER D 29 28.72 -50.01 20.45
CA SER D 29 29.61 -50.52 19.40
C SER D 29 30.48 -51.71 19.81
N GLY D 30 30.75 -52.57 18.83
CA GLY D 30 31.83 -53.55 18.92
C GLY D 30 32.98 -53.06 18.05
N ALA D 31 33.93 -53.93 17.72
CA ALA D 31 35.02 -53.56 16.83
C ALA D 31 34.72 -53.94 15.38
N ASN D 32 35.24 -53.15 14.45
CA ASN D 32 35.07 -53.39 13.01
C ASN D 32 33.67 -53.88 12.61
N ASP D 33 33.54 -55.08 12.04
CA ASP D 33 32.25 -55.55 11.52
C ASP D 33 31.35 -56.15 12.61
N GLU D 34 31.85 -56.14 13.84
CA GLU D 34 31.05 -56.52 15.02
C GLU D 34 30.60 -58.00 15.02
N GLU D 35 31.45 -58.87 14.46
CA GLU D 35 31.25 -60.31 14.49
C GLU D 35 31.16 -60.86 15.93
N THR D 36 32.14 -60.52 16.76
CA THR D 36 32.17 -60.96 18.15
C THR D 36 31.04 -60.36 19.00
N LEU D 37 30.62 -59.12 18.67
CA LEU D 37 29.50 -58.48 19.33
C LEU D 37 28.24 -59.35 19.23
N ALA D 38 27.94 -59.81 18.02
CA ALA D 38 26.76 -60.67 17.83
C ALA D 38 26.99 -62.05 18.45
N ASP D 39 28.23 -62.53 18.38
CA ASP D 39 28.58 -63.86 18.87
C ASP D 39 28.49 -63.98 20.41
N ASN D 40 28.83 -62.90 21.13
CA ASN D 40 28.67 -62.85 22.57
C ASN D 40 27.26 -63.21 23.03
N ILE D 41 26.25 -62.69 22.34
CA ILE D 41 24.85 -63.02 22.62
C ILE D 41 24.56 -64.43 22.07
N ALA D 42 24.79 -64.63 20.77
CA ALA D 42 24.44 -65.88 20.08
C ALA D 42 24.96 -67.16 20.78
N ALA D 43 26.21 -67.15 21.21
CA ALA D 43 26.83 -68.34 21.77
C ALA D 43 26.08 -68.89 22.97
N PHE D 44 25.43 -68.00 23.71
CA PHE D 44 24.64 -68.40 24.87
C PHE D 44 23.48 -69.28 24.44
N SER D 45 22.90 -68.98 23.27
CA SER D 45 21.79 -69.75 22.74
C SER D 45 22.20 -71.15 22.31
N ARG D 46 23.46 -71.31 21.90
CA ARG D 46 23.96 -72.62 21.49
C ARG D 46 24.26 -73.56 22.67
N TRP D 47 24.35 -73.01 23.89
CA TRP D 47 24.52 -73.82 25.10
C TRP D 47 23.15 -74.20 25.70
N LYS D 48 22.80 -75.48 25.60
CA LYS D 48 21.49 -75.95 26.04
C LYS D 48 21.47 -76.38 27.52
N LEU D 49 20.32 -76.20 28.19
CA LEU D 49 20.16 -76.53 29.63
C LEU D 49 19.46 -77.87 29.88
N TYR D 50 19.98 -78.63 30.84
CA TYR D 50 19.46 -79.96 31.16
C TYR D 50 19.05 -80.02 32.62
N PRO D 51 17.87 -79.43 32.94
CA PRO D 51 17.42 -79.27 34.33
C PRO D 51 17.16 -80.61 35.03
N ARG D 52 17.49 -80.64 36.32
CA ARG D 52 17.16 -81.76 37.17
C ARG D 52 15.80 -81.50 37.80
N MET D 53 14.99 -82.54 37.87
CA MET D 53 13.65 -82.45 38.44
C MET D 53 13.63 -82.94 39.88
N LEU D 54 12.67 -82.43 40.65
CA LEU D 54 12.31 -82.98 41.97
C LEU D 54 13.45 -82.89 42.99
N ARG D 55 14.03 -81.70 43.07
CA ARG D 55 15.00 -81.37 44.10
C ARG D 55 14.35 -80.25 44.91
N ASN D 56 14.57 -80.24 46.22
CA ASN D 56 14.00 -79.17 47.05
C ASN D 56 14.58 -77.82 46.63
N VAL D 57 13.74 -77.00 45.99
CA VAL D 57 14.13 -75.65 45.57
C VAL D 57 13.29 -74.52 46.23
N ALA D 58 12.93 -74.74 47.49
CA ALA D 58 12.02 -73.84 48.21
C ALA D 58 12.72 -72.59 48.69
N GLU D 59 13.94 -72.74 49.21
CA GLU D 59 14.66 -71.61 49.78
C GLU D 59 15.81 -71.26 48.86
N THR D 60 15.53 -70.78 47.65
CA THR D 60 16.57 -70.55 46.67
C THR D 60 17.54 -69.44 47.11
N ASP D 61 18.78 -69.84 47.39
CA ASP D 61 19.84 -68.93 47.85
C ASP D 61 20.87 -68.61 46.75
N LEU D 62 20.99 -67.32 46.44
CA LEU D 62 21.83 -66.83 45.35
C LEU D 62 23.18 -66.32 45.82
N SER D 63 23.36 -66.20 47.13
CA SER D 63 24.60 -65.65 47.67
C SER D 63 25.80 -66.54 47.36
N THR D 64 26.91 -65.89 47.03
CA THR D 64 28.18 -66.58 46.82
C THR D 64 29.29 -65.62 47.28
N SER D 65 30.52 -65.88 46.86
CA SER D 65 31.58 -64.94 47.17
C SER D 65 32.49 -64.72 45.98
N VAL D 66 33.00 -63.51 45.88
CA VAL D 66 34.01 -63.17 44.88
C VAL D 66 35.31 -62.78 45.57
N LEU D 67 36.34 -63.62 45.37
CA LEU D 67 37.70 -63.42 45.93
C LEU D 67 37.66 -63.19 47.45
N GLY D 68 36.98 -64.09 48.16
CA GLY D 68 36.87 -64.01 49.62
C GLY D 68 35.75 -63.14 50.18
N GLN D 69 35.32 -62.14 49.40
CA GLN D 69 34.22 -61.24 49.82
C GLN D 69 32.83 -61.76 49.43
N ARG D 70 31.91 -61.76 50.40
CA ARG D 70 30.53 -62.19 50.19
C ARG D 70 29.80 -61.26 49.22
N VAL D 71 28.94 -61.85 48.38
CA VAL D 71 28.01 -61.10 47.52
C VAL D 71 26.62 -61.75 47.56
N SER D 72 25.60 -60.97 47.22
CA SER D 72 24.23 -61.45 47.30
C SER D 72 23.85 -62.28 46.08
N MET D 73 24.63 -62.16 45.01
CA MET D 73 24.43 -62.91 43.76
C MET D 73 25.74 -62.95 42.97
N PRO D 74 25.93 -63.97 42.11
CA PRO D 74 27.12 -64.02 41.25
C PRO D 74 26.96 -63.14 39.99
N ILE D 75 26.41 -61.95 40.20
CA ILE D 75 26.17 -60.99 39.13
C ILE D 75 26.69 -59.64 39.63
N CYS D 76 27.76 -59.15 39.02
CA CYS D 76 28.40 -57.91 39.44
C CYS D 76 28.50 -56.92 38.31
N VAL D 77 28.71 -55.66 38.67
CA VAL D 77 28.80 -54.59 37.69
C VAL D 77 30.23 -54.49 37.19
N GLY D 78 30.40 -54.65 35.87
CA GLY D 78 31.70 -54.54 35.24
C GLY D 78 32.13 -53.10 35.02
N ALA D 79 33.39 -52.95 34.61
CA ALA D 79 33.96 -51.64 34.27
C ALA D 79 33.45 -51.11 32.92
N THR D 80 32.72 -49.99 32.95
CA THR D 80 32.44 -49.21 31.75
C THR D 80 32.81 -47.75 31.98
N ALA D 81 33.66 -47.23 31.11
CA ALA D 81 34.12 -45.84 31.20
C ALA D 81 32.99 -44.82 31.02
N MET D 82 33.17 -43.66 31.66
CA MET D 82 32.39 -42.43 31.36
C MET D 82 30.88 -42.60 31.52
N GLN D 83 30.47 -43.06 32.70
CA GLN D 83 29.07 -43.29 32.99
C GLN D 83 28.24 -41.99 33.10
N ARG D 84 28.92 -40.86 33.23
CA ARG D 84 28.22 -39.58 33.37
C ARG D 84 27.59 -39.07 32.07
N MET D 85 27.92 -39.70 30.94
CA MET D 85 27.29 -39.37 29.66
C MET D 85 25.91 -39.99 29.56
N ALA D 86 25.67 -41.02 30.37
CA ALA D 86 24.39 -41.73 30.38
C ALA D 86 23.44 -41.09 31.38
N HIS D 87 23.99 -40.55 32.47
CA HIS D 87 23.21 -39.95 33.55
C HIS D 87 24.08 -39.05 34.40
N VAL D 88 23.51 -37.92 34.83
CA VAL D 88 24.23 -36.92 35.61
C VAL D 88 25.01 -37.51 36.81
N ASP D 89 24.43 -38.55 37.43
CA ASP D 89 25.02 -39.16 38.62
C ASP D 89 26.02 -40.28 38.32
N GLY D 90 26.08 -40.72 37.06
CA GLY D 90 27.04 -41.72 36.61
C GLY D 90 27.44 -42.79 37.62
N GLU D 91 28.74 -42.86 37.91
CA GLU D 91 29.28 -43.93 38.77
C GLU D 91 28.65 -43.99 40.16
N LEU D 92 28.24 -42.83 40.65
CA LEU D 92 27.73 -42.72 42.02
C LEU D 92 26.36 -43.39 42.15
N ALA D 93 25.55 -43.25 41.11
CA ALA D 93 24.29 -43.97 41.02
C ALA D 93 24.58 -45.47 41.05
N THR D 94 25.56 -45.88 40.24
CA THR D 94 25.93 -47.30 40.07
C THR D 94 26.31 -47.96 41.38
N VAL D 95 27.28 -47.38 42.08
CA VAL D 95 27.74 -47.89 43.37
C VAL D 95 26.61 -47.95 44.42
N ARG D 96 25.73 -46.95 44.42
CA ARG D 96 24.58 -46.90 45.33
C ARG D 96 23.63 -48.05 45.03
N ALA D 97 23.36 -48.27 43.75
CA ALA D 97 22.56 -49.40 43.29
C ALA D 97 23.20 -50.71 43.74
N CYS D 98 24.51 -50.83 43.56
CA CYS D 98 25.23 -52.05 43.98
C CYS D 98 25.10 -52.28 45.48
N GLN D 99 25.21 -51.19 46.25
CA GLN D 99 25.12 -51.26 47.71
C GLN D 99 23.76 -51.75 48.16
N SER D 100 22.71 -51.21 47.56
CA SER D 100 21.35 -51.64 47.87
C SER D 100 21.18 -53.14 47.58
N LEU D 101 21.76 -53.61 46.47
CA LEU D 101 21.61 -55.00 46.05
C LEU D 101 22.50 -56.01 46.77
N GLY D 102 23.67 -55.55 47.24
CA GLY D 102 24.63 -56.42 47.91
C GLY D 102 25.56 -57.16 46.95
N THR D 103 25.83 -56.56 45.79
CA THR D 103 26.87 -57.05 44.88
C THR D 103 27.98 -56.01 44.73
N GLY D 104 29.07 -56.40 44.09
CA GLY D 104 30.21 -55.51 43.94
C GLY D 104 30.21 -54.70 42.67
N MET D 105 31.06 -53.68 42.64
CA MET D 105 31.22 -52.85 41.46
C MET D 105 32.69 -52.78 41.10
N MET D 106 32.98 -52.96 39.81
CA MET D 106 34.32 -52.76 39.31
C MET D 106 34.40 -51.33 38.78
N LEU D 107 35.12 -50.48 39.49
CA LEU D 107 35.30 -49.10 39.05
C LEU D 107 36.22 -49.06 37.83
N SER D 108 35.78 -48.33 36.79
CA SER D 108 36.50 -48.31 35.51
C SER D 108 37.62 -47.28 35.48
N SER D 109 38.59 -47.54 34.61
CA SER D 109 39.56 -46.54 34.22
C SER D 109 38.79 -45.51 33.40
N TRP D 110 39.24 -44.27 33.42
CA TRP D 110 38.55 -43.16 32.78
C TRP D 110 37.11 -43.02 33.28
N ALA D 111 36.91 -43.30 34.57
CA ALA D 111 35.61 -43.08 35.20
C ALA D 111 35.38 -41.59 35.31
N THR D 112 34.15 -41.15 35.08
CA THR D 112 33.76 -39.74 35.28
C THR D 112 33.44 -39.45 36.75
N SER D 113 34.13 -40.16 37.64
CA SER D 113 34.05 -39.99 39.08
C SER D 113 35.39 -40.42 39.66
N SER D 114 35.83 -39.76 40.73
CA SER D 114 37.11 -40.10 41.35
C SER D 114 36.95 -41.32 42.24
N ILE D 115 38.06 -42.02 42.48
CA ILE D 115 38.06 -43.20 43.34
C ILE D 115 37.49 -42.86 44.71
N GLU D 116 37.86 -41.69 45.23
CA GLU D 116 37.36 -41.23 46.53
C GLU D 116 35.85 -40.99 46.52
N GLU D 117 35.39 -40.21 45.53
CA GLU D 117 33.96 -39.93 45.33
C GLU D 117 33.10 -41.20 45.41
N VAL D 118 33.57 -42.27 44.75
CA VAL D 118 32.81 -43.52 44.65
C VAL D 118 32.76 -44.27 45.99
N ALA D 119 33.89 -44.35 46.69
CA ALA D 119 33.92 -44.99 48.01
C ALA D 119 33.06 -44.24 49.05
N GLU D 120 32.98 -42.91 48.94
CA GLU D 120 32.10 -42.10 49.79
C GLU D 120 30.61 -42.35 49.52
N ALA D 121 30.25 -42.46 48.24
CA ALA D 121 28.86 -42.70 47.84
C ALA D 121 28.37 -44.10 48.22
N GLY D 122 29.27 -45.08 48.17
CA GLY D 122 28.92 -46.45 48.56
C GLY D 122 29.98 -47.06 49.46
N PRO D 123 30.02 -46.65 50.74
CA PRO D 123 31.06 -47.11 51.68
C PRO D 123 31.00 -48.61 51.98
N GLU D 124 29.80 -49.19 52.00
CA GLU D 124 29.67 -50.59 52.34
C GLU D 124 29.39 -51.48 51.12
N ALA D 125 29.35 -50.88 49.94
CA ALA D 125 29.29 -51.65 48.71
C ALA D 125 30.64 -52.30 48.49
N LEU D 126 30.62 -53.54 48.03
CA LEU D 126 31.85 -54.21 47.63
C LEU D 126 32.39 -53.53 46.36
N ARG D 127 33.65 -53.09 46.44
CA ARG D 127 34.26 -52.31 45.36
C ARG D 127 35.60 -52.89 44.90
N TRP D 128 35.82 -52.89 43.59
CA TRP D 128 37.09 -53.29 43.01
C TRP D 128 37.53 -52.22 42.04
N LEU D 129 38.83 -52.09 41.80
CA LEU D 129 39.32 -51.09 40.83
C LEU D 129 39.89 -51.75 39.58
N GLN D 130 39.47 -51.24 38.43
CA GLN D 130 40.00 -51.71 37.15
C GLN D 130 41.03 -50.70 36.69
N LEU D 131 42.12 -51.23 36.15
CA LEU D 131 43.35 -50.48 36.03
C LEU D 131 44.10 -50.93 34.79
N TYR D 132 44.77 -49.97 34.16
CA TYR D 132 45.75 -50.26 33.13
C TYR D 132 47.14 -50.02 33.71
N ILE D 133 48.14 -50.72 33.19
CA ILE D 133 49.53 -50.37 33.47
C ILE D 133 49.87 -49.28 32.46
N TYR D 134 49.95 -48.04 32.93
CA TYR D 134 50.16 -46.89 32.06
C TYR D 134 51.64 -46.66 31.76
N LYS D 135 51.92 -45.88 30.72
CA LYS D 135 53.28 -45.46 30.37
C LYS D 135 53.99 -44.86 31.59
N ASP D 136 53.35 -43.85 32.17
CA ASP D 136 53.78 -43.32 33.45
C ASP D 136 53.38 -44.33 34.53
N ARG D 137 54.35 -45.12 34.98
CA ARG D 137 54.05 -46.14 36.00
C ARG D 137 53.68 -45.54 37.36
N GLU D 138 53.96 -44.26 37.57
CA GLU D 138 53.56 -43.57 38.81
C GLU D 138 52.04 -43.46 38.92
N VAL D 139 51.38 -43.12 37.81
CA VAL D 139 49.92 -43.04 37.77
C VAL D 139 49.30 -44.36 38.24
N THR D 140 49.82 -45.48 37.74
CA THR D 140 49.35 -46.82 38.11
C THR D 140 49.64 -47.10 39.60
N LYS D 141 50.83 -46.72 40.06
CA LYS D 141 51.18 -46.87 41.47
C LYS D 141 50.23 -46.07 42.35
N LYS D 142 49.91 -44.85 41.93
CA LYS D 142 49.04 -43.97 42.70
C LYS D 142 47.60 -44.48 42.79
N LEU D 143 47.09 -45.03 41.68
CA LEU D 143 45.74 -45.59 41.64
C LEU D 143 45.61 -46.81 42.55
N VAL D 144 46.60 -47.71 42.52
CA VAL D 144 46.62 -48.87 43.42
C VAL D 144 46.68 -48.42 44.88
N ARG D 145 47.53 -47.41 45.16
CA ARG D 145 47.70 -46.91 46.53
C ARG D 145 46.37 -46.39 47.10
N GLN D 146 45.67 -45.58 46.30
CA GLN D 146 44.43 -44.98 46.74
C GLN D 146 43.31 -46.04 46.87
N ALA D 147 43.40 -47.10 46.08
CA ALA D 147 42.46 -48.22 46.16
C ALA D 147 42.61 -49.02 47.46
N GLU D 148 43.86 -49.26 47.88
CA GLU D 148 44.14 -49.87 49.19
C GLU D 148 43.61 -48.97 50.30
N LYS D 149 43.88 -47.68 50.16
CA LYS D 149 43.48 -46.66 51.13
C LYS D 149 41.95 -46.56 51.25
N MET D 150 41.26 -46.60 50.10
CA MET D 150 39.83 -46.28 50.04
C MET D 150 38.90 -47.50 50.12
N GLY D 151 39.43 -48.61 50.63
CA GLY D 151 38.64 -49.81 50.90
C GLY D 151 38.21 -50.70 49.75
N TYR D 152 38.91 -50.60 48.61
CA TYR D 152 38.65 -51.47 47.46
C TYR D 152 39.31 -52.82 47.69
N LYS D 153 38.59 -53.90 47.37
CA LYS D 153 38.98 -55.26 47.79
C LYS D 153 39.82 -56.04 46.77
N ALA D 154 39.93 -55.52 45.55
CA ALA D 154 40.74 -56.16 44.50
C ALA D 154 41.11 -55.21 43.37
N ILE D 155 42.17 -55.58 42.63
CA ILE D 155 42.59 -54.85 41.46
C ILE D 155 42.39 -55.73 40.22
N PHE D 156 41.66 -55.22 39.25
CA PHE D 156 41.49 -55.90 37.96
C PHE D 156 42.40 -55.23 36.96
N VAL D 157 43.37 -55.97 36.45
CA VAL D 157 44.30 -55.43 35.45
C VAL D 157 43.83 -55.83 34.05
N THR D 158 43.46 -54.86 33.24
CA THR D 158 43.04 -55.16 31.87
C THR D 158 44.28 -55.33 30.99
N VAL D 159 44.41 -56.51 30.41
CA VAL D 159 45.58 -56.87 29.62
C VAL D 159 45.33 -56.97 28.10
N ASP D 160 44.12 -56.65 27.66
CA ASP D 160 43.77 -56.83 26.24
C ASP D 160 43.69 -55.53 25.44
N THR D 161 44.33 -54.47 25.92
CA THR D 161 44.21 -53.16 25.27
C THR D 161 45.55 -52.44 25.14
N PRO D 162 46.51 -53.04 24.41
CA PRO D 162 47.76 -52.33 24.12
C PRO D 162 47.46 -51.09 23.27
N TYR D 163 46.50 -51.23 22.36
CA TYR D 163 45.96 -50.13 21.57
C TYR D 163 44.44 -50.25 21.65
N LEU D 164 43.74 -49.15 21.39
CA LEU D 164 42.29 -49.17 21.38
C LEU D 164 41.82 -49.87 20.11
N GLY D 165 40.75 -50.66 20.22
CA GLY D 165 40.11 -51.28 19.06
C GLY D 165 39.55 -50.23 18.10
N ASN D 166 39.39 -50.61 16.83
CA ASN D 166 38.80 -49.71 15.84
C ASN D 166 37.29 -49.87 15.76
N ARG D 167 36.57 -48.95 16.41
CA ARG D 167 35.13 -48.99 16.49
C ARG D 167 34.58 -48.02 15.45
N LEU D 168 34.12 -48.58 14.34
CA LEU D 168 33.82 -47.80 13.12
C LEU D 168 32.85 -46.63 13.32
N ASP D 169 31.87 -46.80 14.21
CA ASP D 169 30.89 -45.75 14.52
C ASP D 169 31.47 -44.54 15.24
N ASP D 170 32.53 -44.76 16.03
CA ASP D 170 33.20 -43.68 16.77
C ASP D 170 33.98 -42.74 15.84
N VAL D 171 34.38 -43.24 14.67
CA VAL D 171 35.12 -42.45 13.69
C VAL D 171 34.18 -41.65 12.78
N ARG D 172 33.10 -42.30 12.33
CA ARG D 172 32.10 -41.70 11.42
C ARG D 172 31.54 -40.37 11.93
N ASN D 173 31.16 -40.36 13.19
CA ASN D 173 30.83 -39.13 13.92
C ASN D 173 31.90 -38.93 14.99
N ARG D 174 32.73 -37.89 14.84
CA ARG D 174 33.83 -37.68 15.81
C ARG D 174 33.32 -37.53 17.25
N PHE D 175 34.14 -37.97 18.20
CA PHE D 175 33.70 -38.14 19.56
C PHE D 175 34.61 -37.40 20.54
N LYS D 176 34.00 -36.79 21.56
CA LYS D 176 34.73 -36.14 22.67
C LYS D 176 33.77 -35.61 23.75
N LEU D 177 34.10 -35.86 25.02
CA LEU D 177 33.32 -35.32 26.12
C LEU D 177 33.70 -33.87 26.39
N GLY D 204 40.58 -38.05 18.08
CA GLY D 204 39.56 -38.98 18.57
C GLY D 204 39.91 -39.64 19.89
N LEU D 205 39.28 -40.78 20.15
CA LEU D 205 39.47 -41.52 21.40
C LEU D 205 40.77 -42.36 21.41
N ALA D 206 41.21 -42.77 20.22
CA ALA D 206 42.39 -43.64 20.05
C ALA D 206 43.73 -43.00 20.43
N ALA D 207 43.84 -41.67 20.27
CA ALA D 207 45.06 -40.93 20.60
C ALA D 207 45.32 -40.91 22.11
N TYR D 208 44.26 -40.68 22.89
CA TYR D 208 44.33 -40.66 24.36
C TYR D 208 44.81 -41.99 24.94
N VAL D 209 44.48 -43.08 24.25
CA VAL D 209 44.91 -44.43 24.64
C VAL D 209 46.40 -44.60 24.34
N ALA D 210 46.81 -44.16 23.14
CA ALA D 210 48.19 -44.30 22.67
C ALA D 210 49.19 -43.48 23.50
N LYS D 211 48.71 -42.40 24.13
CA LYS D 211 49.57 -41.59 25.01
C LYS D 211 49.66 -42.15 26.42
N ALA D 212 48.55 -42.67 26.94
CA ALA D 212 48.49 -43.17 28.33
C ALA D 212 48.87 -44.64 28.49
N ILE D 213 48.18 -45.54 27.77
CA ILE D 213 48.43 -46.99 27.94
C ILE D 213 49.70 -47.45 27.23
N ASP D 214 50.53 -48.16 28.00
CA ASP D 214 51.83 -48.67 27.55
C ASP D 214 51.64 -49.95 26.72
N PRO D 215 51.88 -49.86 25.40
CA PRO D 215 51.72 -51.03 24.54
C PRO D 215 52.89 -52.03 24.62
N SER D 216 53.88 -51.73 25.46
CA SER D 216 55.10 -52.57 25.54
C SER D 216 55.08 -53.61 26.67
N ILE D 217 54.00 -53.61 27.47
CA ILE D 217 53.96 -54.39 28.71
C ILE D 217 53.96 -55.89 28.51
N SER D 218 54.84 -56.55 29.26
CA SER D 218 54.95 -58.01 29.24
C SER D 218 54.59 -58.59 30.59
N TRP D 219 54.87 -59.87 30.78
CA TRP D 219 54.64 -60.52 32.05
C TRP D 219 55.58 -60.01 33.16
N GLU D 220 56.70 -59.39 32.76
CA GLU D 220 57.62 -58.77 33.72
C GLU D 220 56.94 -57.62 34.45
N ASP D 221 56.18 -56.81 33.69
CA ASP D 221 55.40 -55.71 34.25
C ASP D 221 54.24 -56.20 35.13
N ILE D 222 53.88 -57.47 34.98
CA ILE D 222 52.87 -58.08 35.86
C ILE D 222 53.49 -58.37 37.24
N LYS D 223 54.72 -58.91 37.23
CA LYS D 223 55.47 -59.20 38.45
C LYS D 223 55.68 -57.93 39.29
N TRP D 224 55.90 -56.81 38.61
CA TRP D 224 55.98 -55.50 39.25
C TRP D 224 54.67 -55.21 39.98
N LEU D 225 53.55 -55.38 39.28
CA LEU D 225 52.23 -55.14 39.85
C LEU D 225 51.95 -56.06 41.03
N ARG D 226 52.34 -57.33 40.88
CA ARG D 226 52.16 -58.32 41.95
C ARG D 226 52.89 -57.88 43.21
N ARG D 227 54.16 -57.46 43.01
CA ARG D 227 55.03 -56.97 44.08
C ARG D 227 54.49 -55.71 44.75
N LEU D 228 53.72 -54.92 44.00
CA LEU D 228 53.28 -53.60 44.42
C LEU D 228 52.07 -53.59 45.36
N THR D 229 51.39 -54.73 45.51
CA THR D 229 50.20 -54.79 46.38
C THR D 229 49.88 -56.21 46.83
N SER D 230 49.27 -56.32 48.02
CA SER D 230 48.84 -57.64 48.48
C SER D 230 47.35 -57.85 48.21
N LEU D 231 46.73 -56.86 47.57
CA LEU D 231 45.34 -57.00 47.16
C LEU D 231 45.25 -58.10 46.11
N PRO D 232 44.19 -58.95 46.21
CA PRO D 232 43.89 -59.88 45.11
C PRO D 232 43.91 -59.20 43.74
N ILE D 233 44.69 -59.74 42.82
CA ILE D 233 44.77 -59.22 41.45
C ILE D 233 44.11 -60.19 40.49
N VAL D 234 43.33 -59.67 39.55
CA VAL D 234 42.67 -60.50 38.52
C VAL D 234 43.04 -60.00 37.11
N ALA D 235 43.47 -60.91 36.25
CA ALA D 235 43.78 -60.56 34.86
C ALA D 235 42.50 -60.50 34.06
N LYS D 236 42.17 -59.30 33.59
CA LYS D 236 40.96 -59.07 32.80
C LYS D 236 41.32 -59.08 31.33
N GLY D 237 40.65 -59.93 30.56
CA GLY D 237 40.85 -59.99 29.11
C GLY D 237 41.56 -61.23 28.57
N ILE D 238 41.76 -62.24 29.42
CA ILE D 238 42.39 -63.48 28.97
C ILE D 238 41.40 -64.30 28.12
N LEU D 239 41.89 -64.85 27.00
CA LEU D 239 41.05 -65.70 26.16
C LEU D 239 41.70 -67.04 25.83
N ARG D 240 42.93 -67.25 26.30
CA ARG D 240 43.70 -68.46 25.96
C ARG D 240 44.07 -69.30 27.19
N GLY D 241 44.02 -70.62 27.02
CA GLY D 241 44.46 -71.54 28.07
C GLY D 241 45.86 -71.28 28.58
N ASP D 242 46.82 -71.10 27.66
CA ASP D 242 48.19 -70.89 28.09
C ASP D 242 48.40 -69.57 28.86
N ASP D 243 47.90 -68.46 28.32
CA ASP D 243 47.92 -67.17 29.02
C ASP D 243 47.31 -67.24 30.43
N ALA D 244 46.23 -68.00 30.57
CA ALA D 244 45.62 -68.22 31.87
C ALA D 244 46.57 -68.94 32.85
N ARG D 245 47.20 -70.03 32.41
CA ARG D 245 48.22 -70.75 33.19
C ARG D 245 49.37 -69.83 33.60
N GLU D 246 49.72 -68.94 32.67
CA GLU D 246 50.78 -67.98 32.87
C GLU D 246 50.40 -66.97 33.94
N ALA D 247 49.12 -66.57 33.96
CA ALA D 247 48.63 -65.69 35.02
C ALA D 247 48.77 -66.36 36.38
N VAL D 248 48.37 -67.62 36.48
CA VAL D 248 48.50 -68.41 37.72
C VAL D 248 49.97 -68.51 38.18
N LYS D 249 50.87 -68.80 37.24
CA LYS D 249 52.30 -68.93 37.53
C LYS D 249 52.88 -67.63 38.07
N HIS D 250 52.34 -66.50 37.62
CA HIS D 250 52.79 -65.20 38.09
C HIS D 250 52.09 -64.73 39.38
N GLY D 251 51.41 -65.65 40.06
CA GLY D 251 50.79 -65.40 41.36
C GLY D 251 49.55 -64.53 41.36
N LEU D 252 48.79 -64.54 40.25
CA LEU D 252 47.55 -63.76 40.15
C LEU D 252 46.40 -64.50 40.82
N ASN D 253 45.36 -63.78 41.24
CA ASN D 253 44.31 -64.38 42.07
C ASN D 253 43.03 -64.79 41.36
N GLY D 254 42.95 -64.46 40.07
CA GLY D 254 41.80 -64.82 39.26
C GLY D 254 41.95 -64.45 37.80
N ILE D 255 41.06 -65.00 36.98
CA ILE D 255 40.98 -64.66 35.56
C ILE D 255 39.58 -64.15 35.22
N LEU D 256 39.51 -62.95 34.64
CA LEU D 256 38.25 -62.50 34.05
C LEU D 256 38.30 -62.77 32.54
N VAL D 257 37.64 -63.86 32.14
CA VAL D 257 37.47 -64.20 30.73
C VAL D 257 36.61 -63.13 30.07
N SER D 258 37.24 -62.36 29.20
CA SER D 258 36.60 -61.19 28.59
C SER D 258 37.21 -60.91 27.23
N ASN D 259 36.35 -60.55 26.27
CA ASN D 259 36.81 -60.00 25.00
C ASN D 259 36.55 -58.50 24.95
N HIS D 260 36.57 -57.87 26.12
CA HIS D 260 36.41 -56.43 26.27
C HIS D 260 35.11 -55.91 25.64
N GLY D 261 34.04 -56.69 25.77
CA GLY D 261 32.74 -56.33 25.22
C GLY D 261 32.73 -56.34 23.70
N ALA D 262 33.59 -57.17 23.12
CA ALA D 262 33.77 -57.26 21.67
C ALA D 262 34.31 -55.96 21.06
N ARG D 263 35.00 -55.17 21.89
CA ARG D 263 35.40 -53.82 21.50
C ARG D 263 36.85 -53.69 21.03
N GLN D 264 37.62 -54.78 21.11
CA GLN D 264 39.05 -54.77 20.79
C GLN D 264 39.36 -55.46 19.47
N LEU D 265 39.73 -56.73 19.54
CA LEU D 265 40.00 -57.53 18.36
C LEU D 265 38.72 -58.23 17.92
N ASP D 266 38.14 -57.78 16.83
CA ASP D 266 36.95 -58.47 16.32
C ASP D 266 37.33 -59.81 15.71
N GLY D 267 36.48 -60.81 15.93
CA GLY D 267 36.69 -62.13 15.34
C GLY D 267 37.19 -63.14 16.37
N VAL D 268 37.26 -62.72 17.62
CA VAL D 268 37.58 -63.65 18.70
C VAL D 268 36.31 -64.41 19.09
N PRO D 269 36.46 -65.54 19.78
CA PRO D 269 35.26 -66.27 20.17
C PRO D 269 34.44 -65.52 21.22
N ALA D 270 33.19 -65.93 21.36
CA ALA D 270 32.34 -65.46 22.45
C ALA D 270 32.93 -65.96 23.76
N THR D 271 32.86 -65.13 24.81
CA THR D 271 33.54 -65.46 26.07
C THR D 271 33.00 -66.75 26.65
N ILE D 272 31.69 -66.97 26.52
CA ILE D 272 31.06 -68.19 27.02
C ILE D 272 31.67 -69.42 26.35
N ASP D 273 32.08 -69.27 25.09
CA ASP D 273 32.74 -70.33 24.34
C ASP D 273 34.16 -70.65 24.80
N VAL D 274 34.96 -69.65 25.16
CA VAL D 274 36.32 -69.93 25.62
C VAL D 274 36.38 -70.30 27.10
N LEU D 275 35.36 -69.94 27.87
CA LEU D 275 35.34 -70.21 29.33
C LEU D 275 35.70 -71.65 29.70
N PRO D 276 35.07 -72.65 29.06
CA PRO D 276 35.49 -74.02 29.40
C PRO D 276 37.02 -74.22 29.36
N GLU D 277 37.68 -73.85 28.27
CA GLU D 277 39.13 -74.05 28.14
C GLU D 277 39.94 -73.38 29.25
N ILE D 278 39.53 -72.17 29.64
CA ILE D 278 40.21 -71.44 30.70
C ILE D 278 39.94 -72.06 32.07
N VAL D 279 38.68 -72.44 32.32
CA VAL D 279 38.33 -73.14 33.55
C VAL D 279 39.19 -74.39 33.69
N GLU D 280 39.37 -75.11 32.60
CA GLU D 280 40.18 -76.33 32.60
C GLU D 280 41.68 -76.07 32.77
N ALA D 281 42.20 -75.08 32.05
CA ALA D 281 43.63 -74.74 32.10
C ALA D 281 44.08 -74.28 33.48
N VAL D 282 43.17 -73.70 34.25
CA VAL D 282 43.46 -73.14 35.56
C VAL D 282 43.40 -74.20 36.67
N GLU D 283 42.83 -75.36 36.31
CA GLU D 283 42.74 -76.53 37.21
C GLU D 283 42.33 -76.19 38.65
N GLY D 284 41.38 -75.27 38.81
CA GLY D 284 40.83 -74.91 40.10
C GLY D 284 41.75 -74.14 41.03
N LYS D 285 42.88 -73.65 40.51
CA LYS D 285 43.84 -72.92 41.36
C LYS D 285 43.42 -71.47 41.66
N VAL D 286 42.66 -70.87 40.75
CA VAL D 286 42.14 -69.52 40.96
C VAL D 286 40.69 -69.42 40.51
N GLU D 287 39.98 -68.43 41.03
CA GLU D 287 38.61 -68.13 40.60
C GLU D 287 38.57 -67.64 39.17
N VAL D 288 37.63 -68.14 38.38
CA VAL D 288 37.42 -67.65 37.01
C VAL D 288 36.07 -66.95 36.88
N PHE D 289 36.08 -65.79 36.21
CA PHE D 289 34.88 -65.00 35.99
C PHE D 289 34.66 -64.79 34.51
N LEU D 290 33.48 -64.27 34.15
CA LEU D 290 33.12 -64.07 32.75
C LEU D 290 32.34 -62.78 32.60
N ASP D 291 32.59 -62.06 31.52
CA ASP D 291 31.72 -60.99 31.11
C ASP D 291 31.51 -61.04 29.59
N GLY D 292 30.64 -60.17 29.08
CA GLY D 292 30.40 -60.08 27.65
C GLY D 292 29.21 -60.94 27.25
N GLY D 293 28.08 -60.29 26.98
CA GLY D 293 26.91 -60.98 26.46
C GLY D 293 25.87 -61.35 27.49
N VAL D 294 26.19 -61.19 28.77
CA VAL D 294 25.24 -61.52 29.84
C VAL D 294 24.06 -60.54 29.80
N ARG D 295 22.86 -61.08 29.54
CA ARG D 295 21.63 -60.29 29.45
C ARG D 295 20.46 -60.99 30.13
N LYS D 296 20.57 -62.29 30.35
CA LYS D 296 19.46 -63.03 30.92
C LYS D 296 19.89 -63.90 32.08
N GLY D 297 18.95 -64.22 32.96
CA GLY D 297 19.23 -65.09 34.11
C GLY D 297 19.88 -66.39 33.69
N THR D 298 19.40 -66.96 32.59
CA THR D 298 19.93 -68.24 32.12
C THR D 298 21.38 -68.12 31.64
N ASP D 299 21.80 -66.92 31.24
CA ASP D 299 23.20 -66.71 30.83
C ASP D 299 24.10 -66.94 32.01
N VAL D 300 23.67 -66.41 33.16
CA VAL D 300 24.43 -66.54 34.39
C VAL D 300 24.54 -68.01 34.78
N LEU D 301 23.43 -68.73 34.71
CA LEU D 301 23.41 -70.14 35.05
C LEU D 301 24.36 -70.95 34.16
N LYS D 302 24.38 -70.64 32.87
CA LYS D 302 25.25 -71.35 31.93
C LYS D 302 26.73 -71.05 32.22
N ALA D 303 27.04 -69.78 32.48
CA ALA D 303 28.41 -69.37 32.81
C ALA D 303 28.88 -70.15 34.04
N LEU D 304 28.02 -70.18 35.06
CA LEU D 304 28.36 -70.85 36.31
C LEU D 304 28.46 -72.37 36.17
N ALA D 305 27.57 -72.98 35.40
CA ALA D 305 27.65 -74.41 35.09
C ALA D 305 29.02 -74.71 34.49
N LEU D 306 29.45 -73.85 33.58
CA LEU D 306 30.69 -74.06 32.87
C LEU D 306 31.93 -73.78 33.73
N GLY D 307 31.73 -73.30 34.96
CA GLY D 307 32.82 -73.21 35.94
C GLY D 307 33.13 -71.82 36.45
N ALA D 308 32.47 -70.82 35.88
CA ALA D 308 32.63 -69.46 36.35
C ALA D 308 32.11 -69.35 37.79
N LYS D 309 32.77 -68.50 38.56
CA LYS D 309 32.38 -68.22 39.93
C LYS D 309 31.30 -67.13 39.96
N ALA D 310 31.44 -66.15 39.08
CA ALA D 310 30.52 -65.03 38.98
C ALA D 310 30.68 -64.39 37.62
N VAL D 311 29.66 -63.64 37.19
CA VAL D 311 29.74 -62.90 35.92
C VAL D 311 29.64 -61.38 36.14
N PHE D 312 30.07 -60.62 35.14
CA PHE D 312 29.99 -59.17 35.16
C PHE D 312 29.18 -58.68 33.96
N VAL D 313 28.35 -57.67 34.18
CA VAL D 313 27.61 -57.03 33.09
C VAL D 313 28.15 -55.65 32.84
N GLY D 314 28.28 -55.30 31.55
CA GLY D 314 28.75 -53.98 31.16
C GLY D 314 27.59 -53.11 30.73
N ARG D 315 27.23 -53.23 29.45
CA ARG D 315 26.21 -52.38 28.84
C ARG D 315 24.87 -52.28 29.57
N PRO D 316 24.32 -53.40 30.09
CA PRO D 316 23.01 -53.27 30.76
C PRO D 316 22.98 -52.25 31.89
N ILE D 317 24.12 -52.00 32.52
CA ILE D 317 24.17 -51.06 33.63
C ILE D 317 24.01 -49.66 33.06
N VAL D 318 24.72 -49.39 31.96
CA VAL D 318 24.65 -48.10 31.29
C VAL D 318 23.23 -47.83 30.79
N TRP D 319 22.56 -48.88 30.33
CA TRP D 319 21.19 -48.75 29.81
C TRP D 319 20.20 -48.42 30.94
N GLY D 320 20.38 -49.08 32.08
CA GLY D 320 19.62 -48.74 33.28
C GLY D 320 19.94 -47.32 33.73
N LEU D 321 21.21 -46.96 33.67
CA LEU D 321 21.65 -45.63 34.03
C LEU D 321 20.93 -44.58 33.17
N ALA D 322 20.88 -44.83 31.87
CA ALA D 322 20.29 -43.88 30.92
C ALA D 322 18.78 -43.76 31.09
N PHE D 323 18.16 -44.81 31.60
CA PHE D 323 16.71 -44.85 31.80
C PHE D 323 16.28 -44.08 33.04
N GLN D 324 16.80 -44.49 34.21
CA GLN D 324 16.39 -43.87 35.49
C GLN D 324 17.52 -43.73 36.51
N GLY D 325 18.75 -43.51 36.04
CA GLY D 325 19.91 -43.37 36.94
C GLY D 325 20.04 -44.55 37.89
N GLU D 326 20.14 -44.25 39.20
CA GLU D 326 20.31 -45.26 40.25
C GLU D 326 19.19 -46.32 40.26
N LYS D 327 17.95 -45.85 40.17
CA LYS D 327 16.80 -46.73 40.18
C LYS D 327 16.83 -47.67 38.96
N GLY D 328 17.37 -47.14 37.86
CA GLY D 328 17.47 -47.88 36.60
C GLY D 328 18.50 -48.99 36.68
N VAL D 329 19.62 -48.70 37.33
CA VAL D 329 20.65 -49.71 37.54
C VAL D 329 20.16 -50.77 38.53
N GLN D 330 19.46 -50.35 39.58
CA GLN D 330 18.92 -51.25 40.57
C GLN D 330 17.86 -52.16 39.94
N ASP D 331 17.04 -51.58 39.08
CA ASP D 331 16.03 -52.34 38.35
C ASP D 331 16.65 -53.43 37.46
N VAL D 332 17.65 -53.06 36.66
CA VAL D 332 18.38 -54.01 35.82
C VAL D 332 18.97 -55.18 36.65
N LEU D 333 19.64 -54.83 37.75
CA LEU D 333 20.27 -55.82 38.63
C LEU D 333 19.25 -56.74 39.30
N GLU D 334 18.10 -56.19 39.67
CA GLU D 334 17.04 -56.98 40.29
C GLU D 334 16.33 -57.89 39.28
N ILE D 335 16.25 -57.44 38.03
CA ILE D 335 15.72 -58.26 36.95
C ILE D 335 16.60 -59.50 36.73
N LEU D 336 17.91 -59.28 36.61
CA LEU D 336 18.86 -60.38 36.46
C LEU D 336 18.84 -61.28 37.68
N LYS D 337 18.64 -60.68 38.85
CA LYS D 337 18.57 -61.46 40.09
C LYS D 337 17.38 -62.42 40.09
N GLU D 338 16.19 -61.90 39.82
CA GLU D 338 14.99 -62.72 39.82
C GLU D 338 14.99 -63.74 38.68
N GLU D 339 15.48 -63.31 37.50
CA GLU D 339 15.66 -64.21 36.35
C GLU D 339 16.63 -65.33 36.67
N PHE D 340 17.73 -64.99 37.36
CA PHE D 340 18.70 -65.97 37.80
C PHE D 340 18.09 -66.92 38.81
N ARG D 341 17.39 -66.37 39.80
CA ARG D 341 16.75 -67.15 40.84
C ARG D 341 15.77 -68.19 40.26
N LEU D 342 14.93 -67.76 39.32
CA LEU D 342 13.95 -68.65 38.69
C LEU D 342 14.62 -69.75 37.87
N ALA D 343 15.61 -69.38 37.08
CA ALA D 343 16.33 -70.33 36.25
C ALA D 343 17.02 -71.38 37.10
N MET D 344 17.59 -70.95 38.23
CA MET D 344 18.27 -71.82 39.17
C MET D 344 17.27 -72.78 39.81
N ALA D 345 16.10 -72.25 40.17
CA ALA D 345 15.03 -73.05 40.75
C ALA D 345 14.51 -74.10 39.75
N LEU D 346 14.30 -73.70 38.49
CA LEU D 346 13.77 -74.60 37.47
C LEU D 346 14.80 -75.64 37.03
N SER D 347 16.07 -75.40 37.33
CA SER D 347 17.13 -76.36 37.05
C SER D 347 17.32 -77.35 38.19
N GLY D 348 16.70 -77.08 39.33
CA GLY D 348 16.83 -77.94 40.50
C GLY D 348 18.08 -77.61 41.30
N CYS D 349 18.37 -76.31 41.40
CA CYS D 349 19.51 -75.79 42.14
C CYS D 349 19.06 -74.87 43.25
N GLN D 350 19.12 -75.36 44.49
CA GLN D 350 18.73 -74.57 45.66
C GLN D 350 19.73 -73.45 46.00
N ASN D 351 21.00 -73.68 45.69
CA ASN D 351 22.07 -72.71 45.90
C ASN D 351 23.13 -72.88 44.83
N VAL D 352 24.09 -71.95 44.74
CA VAL D 352 25.09 -71.96 43.67
C VAL D 352 26.10 -73.11 43.78
N LYS D 353 26.19 -73.74 44.95
CA LYS D 353 27.13 -74.85 45.14
C LYS D 353 26.68 -76.14 44.46
N VAL D 354 25.40 -76.20 44.08
CA VAL D 354 24.74 -77.38 43.51
C VAL D 354 24.85 -77.35 41.99
N ILE D 355 25.08 -76.16 41.45
CA ILE D 355 25.32 -75.99 40.01
C ILE D 355 26.48 -76.90 39.59
N ASP D 356 26.32 -77.61 38.47
CA ASP D 356 27.41 -78.44 37.92
C ASP D 356 27.46 -78.51 36.38
N LYS D 357 28.52 -79.11 35.85
CA LYS D 357 28.79 -79.12 34.42
C LYS D 357 27.73 -79.85 33.60
N THR D 358 27.04 -80.80 34.24
CA THR D 358 26.05 -81.61 33.52
C THR D 358 24.76 -80.86 33.22
N LEU D 359 24.62 -79.65 33.75
CA LEU D 359 23.47 -78.80 33.42
C LEU D 359 23.52 -78.22 32.01
N VAL D 360 24.69 -78.24 31.37
CA VAL D 360 24.82 -77.69 30.01
C VAL D 360 25.48 -78.62 29.01
N ARG D 361 25.16 -78.40 27.72
CA ARG D 361 25.81 -79.05 26.59
C ARG D 361 25.64 -78.16 25.36
N LYS D 362 26.67 -78.07 24.50
CA LYS D 362 26.57 -77.46 23.16
C LYS D 362 26.22 -78.67 22.22
N ASN D 363 25.14 -78.66 21.42
CA ASN D 363 24.88 -77.51 20.36
C ASN D 363 25.87 -76.32 19.87
CL C7C E . -25.84 55.48 -17.02
C1 C7C E . -27.11 54.73 -18.04
C2 C7C E . -26.75 54.01 -19.17
C3 C7C E . -27.74 53.42 -19.96
C6 C7C E . -28.45 54.86 -17.70
C5 C7C E . -29.43 54.28 -18.48
C4 C7C E . -29.08 53.56 -19.62
S8 C7C E . -30.28 52.84 -20.58
C9 C7C E . -31.25 54.10 -21.31
C13 C7C E . -32.47 53.85 -22.11
C14 C7C E . -32.95 52.47 -22.37
O15 C7C E . -32.17 51.52 -22.19
O16 C7C E . -34.13 52.30 -22.76
S10 C7C E . -30.95 55.79 -21.19
N11 C7C E . -32.30 56.22 -22.12
N12 C7C E . -33.00 55.05 -22.54
N1 FMN F . -34.13 56.04 -26.78
C2 FMN F . -33.55 57.23 -26.44
O2 FMN F . -34.13 58.28 -26.74
N3 FMN F . -32.35 57.26 -25.76
C4 FMN F . -31.71 56.08 -25.43
O4 FMN F . -30.62 56.10 -24.86
C4A FMN F . -32.28 54.86 -25.79
N5 FMN F . -31.66 53.69 -25.47
C5A FMN F . -32.23 52.48 -25.82
C6 FMN F . -31.60 51.28 -25.49
C7 FMN F . -32.16 50.05 -25.85
C7M FMN F . -31.32 48.81 -25.81
C8 FMN F . -33.37 50.04 -26.53
C8M FMN F . -33.94 48.73 -27.04
C9 FMN F . -34.02 51.23 -26.85
C9A FMN F . -33.45 52.46 -26.49
N10 FMN F . -34.07 53.64 -26.81
C10 FMN F . -33.50 54.85 -26.47
C1' FMN F . -35.32 53.63 -27.65
C2' FMN F . -34.94 53.63 -29.12
O2' FMN F . -34.45 54.90 -29.47
C3' FMN F . -36.12 53.33 -30.01
O3' FMN F . -37.19 54.14 -29.59
C4' FMN F . -36.59 51.89 -29.93
O4' FMN F . -35.49 51.02 -29.82
C5' FMN F . -37.38 51.54 -31.19
O5' FMN F . -37.98 50.29 -31.00
P FMN F . -37.34 48.95 -31.63
O1P FMN F . -38.45 47.92 -31.69
O2P FMN F . -36.20 48.48 -30.75
O3P FMN F . -36.81 49.19 -33.00
CL C7C G . -4.36 26.68 -28.93
C1 C7C G . -5.39 25.65 -27.89
C2 C7C G . -5.87 26.14 -26.68
C3 C7C G . -6.67 25.33 -25.88
C6 C7C G . -5.68 24.34 -28.28
C5 C7C G . -6.47 23.54 -27.47
C4 C7C G . -6.97 24.04 -26.27
S8 C7C G . -7.94 23.05 -25.28
C9 C7C G . -6.94 21.83 -24.53
C13 C7C G . -7.44 20.75 -23.65
C14 C7C G . -8.90 20.64 -23.34
O15 C7C G . -9.64 21.61 -23.61
O16 C7C G . -9.33 19.60 -22.81
S10 C7C G . -5.23 21.70 -24.69
N11 C7C G . -5.11 20.33 -23.70
N12 C7C G . -6.40 19.96 -23.22
N1 FMN H . -5.97 18.77 -19.28
C2 FMN H . -4.66 19.03 -19.60
O2 FMN H . -3.79 18.20 -19.35
N3 FMN H . -4.31 20.23 -20.19
C4 FMN H . -5.31 21.17 -20.45
O4 FMN H . -5.04 22.19 -21.11
C4A FMN H . -6.63 20.91 -20.14
N5 FMN H . -7.60 21.86 -20.40
C5A FMN H . -8.91 21.59 -20.07
C6 FMN H . -9.91 22.53 -20.34
C7 FMN H . -11.24 22.24 -20.01
C7M FMN H . -12.26 23.35 -20.05
C8 FMN H . -11.58 21.02 -19.41
C8M FMN H . -12.99 20.75 -18.96
C9 FMN H . -10.58 20.08 -19.14
C9A FMN H . -9.26 20.37 -19.47
N10 FMN H . -8.28 19.43 -19.20
C10 FMN H . -6.96 19.69 -19.54
C1' FMN H . -8.61 18.23 -18.37
C2' FMN H . -8.53 18.55 -16.88
O2' FMN H . -7.17 18.73 -16.56
C3' FMN H . -9.12 17.42 -16.04
O3' FMN H . -8.55 16.18 -16.42
C4' FMN H . -10.65 17.35 -16.12
O4' FMN H . -11.21 18.63 -16.19
C5' FMN H . -11.24 16.63 -14.91
O5' FMN H . -12.60 16.38 -15.15
P FMN H . -13.73 17.31 -14.46
O1P FMN H . -15.07 16.58 -14.51
O2P FMN H . -13.81 18.60 -15.24
O3P FMN H . -13.31 17.62 -13.05
CL C7C I . 9.85 -21.72 30.90
C1 C7C I . 9.56 -22.03 29.16
C2 C7C I . 10.64 -22.12 28.27
C3 C7C I . 10.40 -22.36 26.92
C6 C7C I . 8.26 -22.15 28.68
C5 C7C I . 8.03 -22.38 27.34
C4 C7C I . 9.11 -22.48 26.45
S8 C7C I . 8.82 -22.77 24.80
C9 C7C I . 8.10 -21.36 24.09
C13 C7C I . 7.65 -21.26 22.68
C14 C7C I . 7.82 -22.40 21.75
O15 C7C I . 8.55 -23.37 22.10
O16 C7C I . 7.23 -22.39 20.64
S10 C7C I . 7.77 -19.89 24.91
N11 C7C I . 7.10 -19.13 23.56
N12 C7C I . 7.11 -20.02 22.44
N1 FMN J . 7.88 -17.53 19.04
C2 FMN J . 7.83 -16.56 20.03
O2 FMN J . 7.12 -15.54 19.88
N3 FMN J . 8.56 -16.75 21.19
C4 FMN J . 9.34 -17.88 21.38
O4 FMN J . 9.84 -18.12 22.48
C4A FMN J . 9.39 -18.85 20.36
N5 FMN J . 10.15 -19.99 20.54
C5A FMN J . 10.20 -20.95 19.55
C6 FMN J . 10.97 -22.10 19.72
C7 FMN J . 11.02 -23.07 18.70
C7M FMN J . 12.03 -24.18 18.84
C8 FMN J . 10.28 -22.88 17.52
C8M FMN J . 10.46 -23.77 16.33
C9 FMN J . 9.51 -21.75 17.36
C9A FMN J . 9.46 -20.76 18.36
N10 FMN J . 8.69 -19.63 18.19
C10 FMN J . 8.64 -18.67 19.20
C1' FMN J . 8.00 -19.39 16.86
C2' FMN J . 8.97 -18.68 15.92
O2' FMN J . 9.08 -17.35 16.37
C3' FMN J . 8.52 -18.60 14.48
O3' FMN J . 7.25 -17.99 14.44
C4' FMN J . 8.46 -19.95 13.78
O4' FMN J . 9.57 -20.75 14.12
C5' FMN J . 8.50 -19.76 12.27
O5' FMN J . 8.37 -21.04 11.71
P FMN J . 9.62 -21.85 11.10
O1P FMN J . 9.06 -22.76 10.01
O2P FMN J . 10.31 -22.60 12.22
O3P FMN J . 10.56 -20.87 10.43
CL C7C K . 40.59 -40.59 27.45
C1 C7C K . 39.59 -42.02 27.08
C2 C7C K . 38.36 -42.20 27.70
C3 C7C K . 37.59 -43.32 27.42
C6 C7C K . 40.05 -42.98 26.17
C5 C7C K . 39.27 -44.10 25.88
C4 C7C K . 38.04 -44.27 26.51
S8 C7C K . 37.10 -45.63 26.17
C9 C7C K . 37.88 -47.06 26.80
C13 C7C K . 37.39 -48.45 26.65
C14 C7C K . 36.12 -48.71 25.91
O15 C7C K . 35.32 -47.76 25.70
O16 C7C K . 35.87 -49.87 25.53
S10 C7C K . 39.35 -47.06 27.70
N11 C7C K . 39.37 -48.75 27.90
N12 C7C K . 38.23 -49.32 27.27
N1 FMN L . 36.96 -52.44 30.06
C2 FMN L . 38.08 -51.96 30.71
O2 FMN L . 38.90 -52.77 31.15
N3 FMN L . 38.26 -50.60 30.87
C4 FMN L . 37.32 -49.71 30.37
O4 FMN L . 37.51 -48.49 30.51
C4A FMN L . 36.18 -50.20 29.70
N5 FMN L . 35.24 -49.34 29.19
C5A FMN L . 34.12 -49.83 28.54
C6 FMN L . 33.16 -48.95 28.03
C7 FMN L . 32.01 -49.43 27.36
C7M FMN L . 30.89 -48.49 27.04
C8 FMN L . 31.84 -50.81 27.22
C8M FMN L . 30.58 -51.37 26.60
C9 FMN L . 32.80 -51.69 27.72
C9A FMN L . 33.94 -51.21 28.39
N10 FMN L . 34.89 -52.09 28.90
C10 FMN L . 36.02 -51.58 29.55
C1' FMN L . 34.69 -53.58 28.78
C2' FMN L . 33.85 -54.07 29.96
O2' FMN L . 34.66 -54.08 31.10
C3' FMN L . 33.29 -55.48 29.78
O3' FMN L . 34.34 -56.33 29.38
C4' FMN L . 32.14 -55.60 28.79
O4' FMN L . 31.31 -54.46 28.76
C5' FMN L . 31.26 -56.78 29.14
O5' FMN L . 30.44 -56.98 28.02
P FMN L . 28.89 -56.57 28.05
O1P FMN L . 28.16 -57.29 26.93
O2P FMN L . 28.82 -55.09 27.83
O3P FMN L . 28.28 -56.96 29.39
#